data_3FYQ
# 
_entry.id   3FYQ 
# 
_audit_conform.dict_name       mmcif_pdbx.dic 
_audit_conform.dict_version    5.399 
_audit_conform.dict_location   http://mmcif.pdb.org/dictionaries/ascii/mmcif_pdbx.dic 
# 
loop_
_database_2.database_id 
_database_2.database_code 
_database_2.pdbx_database_accession 
_database_2.pdbx_DOI 
PDB   3FYQ         pdb_00003fyq 10.2210/pdb3fyq/pdb 
RCSB  RCSB051204   ?            ?                   
WWPDB D_1000051204 ?            ?                   
# 
loop_
_pdbx_audit_revision_history.ordinal 
_pdbx_audit_revision_history.data_content_type 
_pdbx_audit_revision_history.major_revision 
_pdbx_audit_revision_history.minor_revision 
_pdbx_audit_revision_history.revision_date 
1 'Structure model' 1 0 2009-02-03 
2 'Structure model' 1 1 2011-07-13 
3 'Structure model' 1 2 2018-01-24 
4 'Structure model' 1 3 2024-11-20 
# 
_pdbx_audit_revision_details.ordinal             1 
_pdbx_audit_revision_details.revision_ordinal    1 
_pdbx_audit_revision_details.data_content_type   'Structure model' 
_pdbx_audit_revision_details.provider            repository 
_pdbx_audit_revision_details.type                'Initial release' 
_pdbx_audit_revision_details.description         ? 
_pdbx_audit_revision_details.details             ? 
# 
loop_
_pdbx_audit_revision_group.ordinal 
_pdbx_audit_revision_group.revision_ordinal 
_pdbx_audit_revision_group.data_content_type 
_pdbx_audit_revision_group.group 
1 2 'Structure model' 'Version format compliance' 
2 3 'Structure model' 'Structure summary'         
3 4 'Structure model' 'Data collection'           
4 4 'Structure model' 'Database references'       
5 4 'Structure model' 'Derived calculations'      
6 4 'Structure model' 'Structure summary'         
# 
loop_
_pdbx_audit_revision_category.ordinal 
_pdbx_audit_revision_category.revision_ordinal 
_pdbx_audit_revision_category.data_content_type 
_pdbx_audit_revision_category.category 
1 3 'Structure model' audit_author              
2 4 'Structure model' chem_comp_atom            
3 4 'Structure model' chem_comp_bond            
4 4 'Structure model' database_2                
5 4 'Structure model' pdbx_entry_details        
6 4 'Structure model' pdbx_modification_feature 
7 4 'Structure model' struct_conn               
8 4 'Structure model' struct_ref_seq_dif        
# 
loop_
_pdbx_audit_revision_item.ordinal 
_pdbx_audit_revision_item.revision_ordinal 
_pdbx_audit_revision_item.data_content_type 
_pdbx_audit_revision_item.item 
1 3 'Structure model' '_audit_author.name'                  
2 4 'Structure model' '_database_2.pdbx_DOI'                
3 4 'Structure model' '_database_2.pdbx_database_accession' 
4 4 'Structure model' '_struct_conn.pdbx_leaving_atom_flag' 
5 4 'Structure model' '_struct_ref_seq_dif.details'         
# 
_pdbx_database_status.status_code                     REL 
_pdbx_database_status.entry_id                        3FYQ 
_pdbx_database_status.recvd_initial_deposition_date   2009-01-22 
_pdbx_database_status.deposit_site                    RCSB 
_pdbx_database_status.process_site                    RCSB 
_pdbx_database_status.status_code_sf                  REL 
_pdbx_database_status.status_code_mr                  ? 
_pdbx_database_status.SG_entry                        ? 
_pdbx_database_status.pdb_format_compatible           Y 
_pdbx_database_status.status_code_cs                  ? 
_pdbx_database_status.methods_development_category    ? 
_pdbx_database_status.status_code_nmr_data            ? 
# 
loop_
_audit_author.name 
_audit_author.pdbx_ordinal 
'Cheung, T.Y.S.'  1 
'Fairchild, M.J.' 2 
'Zarivach, R.'    3 
'Tanentzapf, G.'  4 
'Van Petegem, F.' 5 
# 
_citation.id                        primary 
_citation.title                     'Crystal structure of the talin integrin binding domain 2.' 
_citation.journal_abbrev            J.Mol.Biol. 
_citation.journal_volume            387 
_citation.page_first                787 
_citation.page_last                 793 
_citation.year                      2009 
_citation.journal_id_ASTM           JMOBAK 
_citation.country                   UK 
_citation.journal_id_ISSN           0022-2836 
_citation.journal_id_CSD            0070 
_citation.book_publisher            ? 
_citation.pdbx_database_id_PubMed   19340939 
_citation.pdbx_database_id_DOI      ? 
# 
loop_
_citation_author.citation_id 
_citation_author.name 
_citation_author.ordinal 
_citation_author.identifier_ORCID 
primary 'Cheung, T.Y.'    1 ? 
primary 'Fairchild, M.J.' 2 ? 
primary 'Zarivach, R.'    3 ? 
primary 'Tanentzapf, G.'  4 ? 
primary 'Van Petegem, F.' 5 ? 
# 
loop_
_entity.id 
_entity.type 
_entity.src_method 
_entity.pdbx_description 
_entity.formula_weight 
_entity.pdbx_number_of_molecules 
_entity.pdbx_ec 
_entity.pdbx_mutation 
_entity.pdbx_fragment 
_entity.details 
1 polymer man 'CG6831-PA (Talin)' 21325.990 1  ? ? 'IBS2 domain, UNP residues 1981-2168' ? 
2 water   nat water               18.015    76 ? ? ?                                     ? 
# 
_entity_poly.entity_id                      1 
_entity_poly.type                           'polypeptide(L)' 
_entity_poly.nstd_linkage                   no 
_entity_poly.nstd_monomer                   yes 
_entity_poly.pdbx_seq_one_letter_code       
;(MSE)SRGTQACINAAHTVSGIIGDLDTTI(MSE)FATAGTLHSDGDGSFADHREHILQTAKALVEDTKVLVTGAAGTQD
QLANAAQNAVSTITQLAEAVKRGACSLGSTQPDSQV(MSE)VINAVKDVASALGDLINCTKLASGKSINDPS(MSE)QDL
KESARV(MSE)VLNVSSLLKTVKAVEDEHTRGTRA(MSE)EATVEAISQEIRALEHHHHHHHH
;
_entity_poly.pdbx_seq_one_letter_code_can   
;MSRGTQACINAAHTVSGIIGDLDTTIMFATAGTLHSDGDGSFADHREHILQTAKALVEDTKVLVTGAAGTQDQLANAAQN
AVSTITQLAEAVKRGACSLGSTQPDSQVMVINAVKDVASALGDLINCTKLASGKSINDPSMQDLKESARVMVLNVSSLLK
TVKAVEDEHTRGTRAMEATVEAISQEIRALEHHHHHHHH
;
_entity_poly.pdbx_strand_id                 A 
_entity_poly.pdbx_target_identifier         ? 
# 
_pdbx_entity_nonpoly.entity_id   2 
_pdbx_entity_nonpoly.name        water 
_pdbx_entity_nonpoly.comp_id     HOH 
# 
loop_
_entity_poly_seq.entity_id 
_entity_poly_seq.num 
_entity_poly_seq.mon_id 
_entity_poly_seq.hetero 
1 1   MSE n 
1 2   SER n 
1 3   ARG n 
1 4   GLY n 
1 5   THR n 
1 6   GLN n 
1 7   ALA n 
1 8   CYS n 
1 9   ILE n 
1 10  ASN n 
1 11  ALA n 
1 12  ALA n 
1 13  HIS n 
1 14  THR n 
1 15  VAL n 
1 16  SER n 
1 17  GLY n 
1 18  ILE n 
1 19  ILE n 
1 20  GLY n 
1 21  ASP n 
1 22  LEU n 
1 23  ASP n 
1 24  THR n 
1 25  THR n 
1 26  ILE n 
1 27  MSE n 
1 28  PHE n 
1 29  ALA n 
1 30  THR n 
1 31  ALA n 
1 32  GLY n 
1 33  THR n 
1 34  LEU n 
1 35  HIS n 
1 36  SER n 
1 37  ASP n 
1 38  GLY n 
1 39  ASP n 
1 40  GLY n 
1 41  SER n 
1 42  PHE n 
1 43  ALA n 
1 44  ASP n 
1 45  HIS n 
1 46  ARG n 
1 47  GLU n 
1 48  HIS n 
1 49  ILE n 
1 50  LEU n 
1 51  GLN n 
1 52  THR n 
1 53  ALA n 
1 54  LYS n 
1 55  ALA n 
1 56  LEU n 
1 57  VAL n 
1 58  GLU n 
1 59  ASP n 
1 60  THR n 
1 61  LYS n 
1 62  VAL n 
1 63  LEU n 
1 64  VAL n 
1 65  THR n 
1 66  GLY n 
1 67  ALA n 
1 68  ALA n 
1 69  GLY n 
1 70  THR n 
1 71  GLN n 
1 72  ASP n 
1 73  GLN n 
1 74  LEU n 
1 75  ALA n 
1 76  ASN n 
1 77  ALA n 
1 78  ALA n 
1 79  GLN n 
1 80  ASN n 
1 81  ALA n 
1 82  VAL n 
1 83  SER n 
1 84  THR n 
1 85  ILE n 
1 86  THR n 
1 87  GLN n 
1 88  LEU n 
1 89  ALA n 
1 90  GLU n 
1 91  ALA n 
1 92  VAL n 
1 93  LYS n 
1 94  ARG n 
1 95  GLY n 
1 96  ALA n 
1 97  CYS n 
1 98  SER n 
1 99  LEU n 
1 100 GLY n 
1 101 SER n 
1 102 THR n 
1 103 GLN n 
1 104 PRO n 
1 105 ASP n 
1 106 SER n 
1 107 GLN n 
1 108 VAL n 
1 109 MSE n 
1 110 VAL n 
1 111 ILE n 
1 112 ASN n 
1 113 ALA n 
1 114 VAL n 
1 115 LYS n 
1 116 ASP n 
1 117 VAL n 
1 118 ALA n 
1 119 SER n 
1 120 ALA n 
1 121 LEU n 
1 122 GLY n 
1 123 ASP n 
1 124 LEU n 
1 125 ILE n 
1 126 ASN n 
1 127 CYS n 
1 128 THR n 
1 129 LYS n 
1 130 LEU n 
1 131 ALA n 
1 132 SER n 
1 133 GLY n 
1 134 LYS n 
1 135 SER n 
1 136 ILE n 
1 137 ASN n 
1 138 ASP n 
1 139 PRO n 
1 140 SER n 
1 141 MSE n 
1 142 GLN n 
1 143 ASP n 
1 144 LEU n 
1 145 LYS n 
1 146 GLU n 
1 147 SER n 
1 148 ALA n 
1 149 ARG n 
1 150 VAL n 
1 151 MSE n 
1 152 VAL n 
1 153 LEU n 
1 154 ASN n 
1 155 VAL n 
1 156 SER n 
1 157 SER n 
1 158 LEU n 
1 159 LEU n 
1 160 LYS n 
1 161 THR n 
1 162 VAL n 
1 163 LYS n 
1 164 ALA n 
1 165 VAL n 
1 166 GLU n 
1 167 ASP n 
1 168 GLU n 
1 169 HIS n 
1 170 THR n 
1 171 ARG n 
1 172 GLY n 
1 173 THR n 
1 174 ARG n 
1 175 ALA n 
1 176 MSE n 
1 177 GLU n 
1 178 ALA n 
1 179 THR n 
1 180 VAL n 
1 181 GLU n 
1 182 ALA n 
1 183 ILE n 
1 184 SER n 
1 185 GLN n 
1 186 GLU n 
1 187 ILE n 
1 188 ARG n 
1 189 ALA n 
1 190 LEU n 
1 191 GLU n 
1 192 HIS n 
1 193 HIS n 
1 194 HIS n 
1 195 HIS n 
1 196 HIS n 
1 197 HIS n 
1 198 HIS n 
1 199 HIS n 
# 
_entity_src_gen.entity_id                          1 
_entity_src_gen.pdbx_src_id                        1 
_entity_src_gen.pdbx_alt_source_flag               sample 
_entity_src_gen.pdbx_seq_type                      ? 
_entity_src_gen.pdbx_beg_seq_num                   ? 
_entity_src_gen.pdbx_end_seq_num                   ? 
_entity_src_gen.gene_src_common_name               'Fruit fly' 
_entity_src_gen.gene_src_genus                     ? 
_entity_src_gen.pdbx_gene_src_gene                 'rhea, CG6831, Dmel_CG6831' 
_entity_src_gen.gene_src_species                   ? 
_entity_src_gen.gene_src_strain                    ? 
_entity_src_gen.gene_src_tissue                    ? 
_entity_src_gen.gene_src_tissue_fraction           ? 
_entity_src_gen.gene_src_details                   ? 
_entity_src_gen.pdbx_gene_src_fragment             ? 
_entity_src_gen.pdbx_gene_src_scientific_name      'Drosophila melanogaster' 
_entity_src_gen.pdbx_gene_src_ncbi_taxonomy_id     7227 
_entity_src_gen.pdbx_gene_src_variant              ? 
_entity_src_gen.pdbx_gene_src_cell_line            ? 
_entity_src_gen.pdbx_gene_src_atcc                 ? 
_entity_src_gen.pdbx_gene_src_organ                ? 
_entity_src_gen.pdbx_gene_src_organelle            ? 
_entity_src_gen.pdbx_gene_src_cell                 ? 
_entity_src_gen.pdbx_gene_src_cellular_location    ? 
_entity_src_gen.host_org_common_name               ? 
_entity_src_gen.pdbx_host_org_scientific_name      'Escherichia coli' 
_entity_src_gen.pdbx_host_org_ncbi_taxonomy_id     562 
_entity_src_gen.host_org_genus                     ? 
_entity_src_gen.pdbx_host_org_gene                 ? 
_entity_src_gen.pdbx_host_org_organ                ? 
_entity_src_gen.host_org_species                   ? 
_entity_src_gen.pdbx_host_org_tissue               ? 
_entity_src_gen.pdbx_host_org_tissue_fraction      ? 
_entity_src_gen.pdbx_host_org_strain               'Rosetta(DE3)pLacI' 
_entity_src_gen.pdbx_host_org_variant              ? 
_entity_src_gen.pdbx_host_org_cell_line            ? 
_entity_src_gen.pdbx_host_org_atcc                 ? 
_entity_src_gen.pdbx_host_org_culture_collection   ? 
_entity_src_gen.pdbx_host_org_cell                 ? 
_entity_src_gen.pdbx_host_org_organelle            ? 
_entity_src_gen.pdbx_host_org_cellular_location    ? 
_entity_src_gen.pdbx_host_org_vector_type          ? 
_entity_src_gen.pdbx_host_org_vector               ? 
_entity_src_gen.host_org_details                   ? 
_entity_src_gen.expression_system_id               ? 
_entity_src_gen.plasmid_name                       pET41b 
_entity_src_gen.plasmid_details                    ? 
_entity_src_gen.pdbx_description                   ? 
# 
loop_
_chem_comp.id 
_chem_comp.type 
_chem_comp.mon_nstd_flag 
_chem_comp.name 
_chem_comp.pdbx_synonyms 
_chem_comp.formula 
_chem_comp.formula_weight 
ALA 'L-peptide linking' y ALANINE          ? 'C3 H7 N O2'     89.093  
ARG 'L-peptide linking' y ARGININE         ? 'C6 H15 N4 O2 1' 175.209 
ASN 'L-peptide linking' y ASPARAGINE       ? 'C4 H8 N2 O3'    132.118 
ASP 'L-peptide linking' y 'ASPARTIC ACID'  ? 'C4 H7 N O4'     133.103 
CYS 'L-peptide linking' y CYSTEINE         ? 'C3 H7 N O2 S'   121.158 
GLN 'L-peptide linking' y GLUTAMINE        ? 'C5 H10 N2 O3'   146.144 
GLU 'L-peptide linking' y 'GLUTAMIC ACID'  ? 'C5 H9 N O4'     147.129 
GLY 'peptide linking'   y GLYCINE          ? 'C2 H5 N O2'     75.067  
HIS 'L-peptide linking' y HISTIDINE        ? 'C6 H10 N3 O2 1' 156.162 
HOH non-polymer         . WATER            ? 'H2 O'           18.015  
ILE 'L-peptide linking' y ISOLEUCINE       ? 'C6 H13 N O2'    131.173 
LEU 'L-peptide linking' y LEUCINE          ? 'C6 H13 N O2'    131.173 
LYS 'L-peptide linking' y LYSINE           ? 'C6 H15 N2 O2 1' 147.195 
MSE 'L-peptide linking' n SELENOMETHIONINE ? 'C5 H11 N O2 Se' 196.106 
PHE 'L-peptide linking' y PHENYLALANINE    ? 'C9 H11 N O2'    165.189 
PRO 'L-peptide linking' y PROLINE          ? 'C5 H9 N O2'     115.130 
SER 'L-peptide linking' y SERINE           ? 'C3 H7 N O3'     105.093 
THR 'L-peptide linking' y THREONINE        ? 'C4 H9 N O3'     119.119 
VAL 'L-peptide linking' y VALINE           ? 'C5 H11 N O2'    117.146 
# 
loop_
_pdbx_poly_seq_scheme.asym_id 
_pdbx_poly_seq_scheme.entity_id 
_pdbx_poly_seq_scheme.seq_id 
_pdbx_poly_seq_scheme.mon_id 
_pdbx_poly_seq_scheme.ndb_seq_num 
_pdbx_poly_seq_scheme.pdb_seq_num 
_pdbx_poly_seq_scheme.auth_seq_num 
_pdbx_poly_seq_scheme.pdb_mon_id 
_pdbx_poly_seq_scheme.auth_mon_id 
_pdbx_poly_seq_scheme.pdb_strand_id 
_pdbx_poly_seq_scheme.pdb_ins_code 
_pdbx_poly_seq_scheme.hetero 
A 1 1   MSE 1   1980 ?    ?   ?   A . n 
A 1 2   SER 2   1981 ?    ?   ?   A . n 
A 1 3   ARG 3   1982 ?    ?   ?   A . n 
A 1 4   GLY 4   1983 1983 GLY GLY A . n 
A 1 5   THR 5   1984 1984 THR THR A . n 
A 1 6   GLN 6   1985 1985 GLN GLN A . n 
A 1 7   ALA 7   1986 1986 ALA ALA A . n 
A 1 8   CYS 8   1987 1987 CYS CYS A . n 
A 1 9   ILE 9   1988 1988 ILE ILE A . n 
A 1 10  ASN 10  1989 1989 ASN ASN A . n 
A 1 11  ALA 11  1990 1990 ALA ALA A . n 
A 1 12  ALA 12  1991 1991 ALA ALA A . n 
A 1 13  HIS 13  1992 1992 HIS HIS A . n 
A 1 14  THR 14  1993 1993 THR THR A . n 
A 1 15  VAL 15  1994 1994 VAL VAL A . n 
A 1 16  SER 16  1995 1995 SER SER A . n 
A 1 17  GLY 17  1996 1996 GLY GLY A . n 
A 1 18  ILE 18  1997 1997 ILE ILE A . n 
A 1 19  ILE 19  1998 1998 ILE ILE A . n 
A 1 20  GLY 20  1999 1999 GLY GLY A . n 
A 1 21  ASP 21  2000 2000 ASP ASP A . n 
A 1 22  LEU 22  2001 2001 LEU LEU A . n 
A 1 23  ASP 23  2002 2002 ASP ASP A . n 
A 1 24  THR 24  2003 2003 THR THR A . n 
A 1 25  THR 25  2004 2004 THR THR A . n 
A 1 26  ILE 26  2005 2005 ILE ILE A . n 
A 1 27  MSE 27  2006 2006 MSE MSE A . n 
A 1 28  PHE 28  2007 2007 PHE PHE A . n 
A 1 29  ALA 29  2008 2008 ALA ALA A . n 
A 1 30  THR 30  2009 2009 THR THR A . n 
A 1 31  ALA 31  2010 2010 ALA ALA A . n 
A 1 32  GLY 32  2011 2011 GLY GLY A . n 
A 1 33  THR 33  2012 2012 THR THR A . n 
A 1 34  LEU 34  2013 2013 LEU LEU A . n 
A 1 35  HIS 35  2014 2014 HIS HIS A . n 
A 1 36  SER 36  2015 2015 SER SER A . n 
A 1 37  ASP 37  2016 2016 ASP ASP A . n 
A 1 38  GLY 38  2017 ?    ?   ?   A . n 
A 1 39  ASP 39  2018 ?    ?   ?   A . n 
A 1 40  GLY 40  2019 ?    ?   ?   A . n 
A 1 41  SER 41  2020 2020 SER SER A . n 
A 1 42  PHE 42  2021 2021 PHE PHE A . n 
A 1 43  ALA 43  2022 2022 ALA ALA A . n 
A 1 44  ASP 44  2023 2023 ASP ASP A . n 
A 1 45  HIS 45  2024 2024 HIS HIS A . n 
A 1 46  ARG 46  2025 2025 ARG ARG A . n 
A 1 47  GLU 47  2026 2026 GLU GLU A . n 
A 1 48  HIS 48  2027 2027 HIS HIS A . n 
A 1 49  ILE 49  2028 2028 ILE ILE A . n 
A 1 50  LEU 50  2029 2029 LEU LEU A . n 
A 1 51  GLN 51  2030 2030 GLN GLN A . n 
A 1 52  THR 52  2031 2031 THR THR A . n 
A 1 53  ALA 53  2032 2032 ALA ALA A . n 
A 1 54  LYS 54  2033 2033 LYS LYS A . n 
A 1 55  ALA 55  2034 2034 ALA ALA A . n 
A 1 56  LEU 56  2035 2035 LEU LEU A . n 
A 1 57  VAL 57  2036 2036 VAL VAL A . n 
A 1 58  GLU 58  2037 2037 GLU GLU A . n 
A 1 59  ASP 59  2038 2038 ASP ASP A . n 
A 1 60  THR 60  2039 2039 THR THR A . n 
A 1 61  LYS 61  2040 2040 LYS LYS A . n 
A 1 62  VAL 62  2041 2041 VAL VAL A . n 
A 1 63  LEU 63  2042 2042 LEU LEU A . n 
A 1 64  VAL 64  2043 2043 VAL VAL A . n 
A 1 65  THR 65  2044 2044 THR THR A . n 
A 1 66  GLY 66  2045 2045 GLY GLY A . n 
A 1 67  ALA 67  2046 2046 ALA ALA A . n 
A 1 68  ALA 68  2047 2047 ALA ALA A . n 
A 1 69  GLY 69  2048 2048 GLY GLY A . n 
A 1 70  THR 70  2049 2049 THR THR A . n 
A 1 71  GLN 71  2050 2050 GLN GLN A . n 
A 1 72  ASP 72  2051 2051 ASP ASP A . n 
A 1 73  GLN 73  2052 2052 GLN GLN A . n 
A 1 74  LEU 74  2053 2053 LEU LEU A . n 
A 1 75  ALA 75  2054 2054 ALA ALA A . n 
A 1 76  ASN 76  2055 2055 ASN ASN A . n 
A 1 77  ALA 77  2056 2056 ALA ALA A . n 
A 1 78  ALA 78  2057 2057 ALA ALA A . n 
A 1 79  GLN 79  2058 2058 GLN GLN A . n 
A 1 80  ASN 80  2059 2059 ASN ASN A . n 
A 1 81  ALA 81  2060 2060 ALA ALA A . n 
A 1 82  VAL 82  2061 2061 VAL VAL A . n 
A 1 83  SER 83  2062 2062 SER SER A . n 
A 1 84  THR 84  2063 2063 THR THR A . n 
A 1 85  ILE 85  2064 2064 ILE ILE A . n 
A 1 86  THR 86  2065 2065 THR THR A . n 
A 1 87  GLN 87  2066 2066 GLN GLN A . n 
A 1 88  LEU 88  2067 2067 LEU LEU A . n 
A 1 89  ALA 89  2068 2068 ALA ALA A . n 
A 1 90  GLU 90  2069 2069 GLU GLU A . n 
A 1 91  ALA 91  2070 2070 ALA ALA A . n 
A 1 92  VAL 92  2071 2071 VAL VAL A . n 
A 1 93  LYS 93  2072 2072 LYS LYS A . n 
A 1 94  ARG 94  2073 2073 ARG ARG A . n 
A 1 95  GLY 95  2074 2074 GLY GLY A . n 
A 1 96  ALA 96  2075 2075 ALA ALA A . n 
A 1 97  CYS 97  2076 2076 CYS CYS A . n 
A 1 98  SER 98  2077 2077 SER SER A . n 
A 1 99  LEU 99  2078 2078 LEU LEU A . n 
A 1 100 GLY 100 2079 2079 GLY GLY A . n 
A 1 101 SER 101 2080 2080 SER SER A . n 
A 1 102 THR 102 2081 2081 THR THR A . n 
A 1 103 GLN 103 2082 2082 GLN GLN A . n 
A 1 104 PRO 104 2083 2083 PRO PRO A . n 
A 1 105 ASP 105 2084 2084 ASP ASP A . n 
A 1 106 SER 106 2085 2085 SER SER A . n 
A 1 107 GLN 107 2086 2086 GLN GLN A . n 
A 1 108 VAL 108 2087 2087 VAL VAL A . n 
A 1 109 MSE 109 2088 2088 MSE MSE A . n 
A 1 110 VAL 110 2089 2089 VAL VAL A . n 
A 1 111 ILE 111 2090 2090 ILE ILE A . n 
A 1 112 ASN 112 2091 2091 ASN ASN A . n 
A 1 113 ALA 113 2092 2092 ALA ALA A . n 
A 1 114 VAL 114 2093 2093 VAL VAL A . n 
A 1 115 LYS 115 2094 2094 LYS LYS A . n 
A 1 116 ASP 116 2095 2095 ASP ASP A . n 
A 1 117 VAL 117 2096 2096 VAL VAL A . n 
A 1 118 ALA 118 2097 2097 ALA ALA A . n 
A 1 119 SER 119 2098 2098 SER SER A . n 
A 1 120 ALA 120 2099 2099 ALA ALA A . n 
A 1 121 LEU 121 2100 2100 LEU LEU A . n 
A 1 122 GLY 122 2101 2101 GLY GLY A . n 
A 1 123 ASP 123 2102 2102 ASP ASP A . n 
A 1 124 LEU 124 2103 2103 LEU LEU A . n 
A 1 125 ILE 125 2104 2104 ILE ILE A . n 
A 1 126 ASN 126 2105 2105 ASN ASN A . n 
A 1 127 CYS 127 2106 2106 CYS CYS A . n 
A 1 128 THR 128 2107 2107 THR THR A . n 
A 1 129 LYS 129 2108 2108 LYS LYS A . n 
A 1 130 LEU 130 2109 2109 LEU LEU A . n 
A 1 131 ALA 131 2110 2110 ALA ALA A . n 
A 1 132 SER 132 2111 2111 SER SER A . n 
A 1 133 GLY 133 2112 ?    ?   ?   A . n 
A 1 134 LYS 134 2113 ?    ?   ?   A . n 
A 1 135 SER 135 2114 ?    ?   ?   A . n 
A 1 136 ILE 136 2115 ?    ?   ?   A . n 
A 1 137 ASN 137 2116 ?    ?   ?   A . n 
A 1 138 ASP 138 2117 ?    ?   ?   A . n 
A 1 139 PRO 139 2118 ?    ?   ?   A . n 
A 1 140 SER 140 2119 2119 SER SER A . n 
A 1 141 MSE 141 2120 2120 MSE MSE A . n 
A 1 142 GLN 142 2121 2121 GLN GLN A . n 
A 1 143 ASP 143 2122 2122 ASP ASP A . n 
A 1 144 LEU 144 2123 2123 LEU LEU A . n 
A 1 145 LYS 145 2124 2124 LYS LYS A . n 
A 1 146 GLU 146 2125 2125 GLU GLU A . n 
A 1 147 SER 147 2126 2126 SER SER A . n 
A 1 148 ALA 148 2127 2127 ALA ALA A . n 
A 1 149 ARG 149 2128 2128 ARG ARG A . n 
A 1 150 VAL 150 2129 2129 VAL VAL A . n 
A 1 151 MSE 151 2130 2130 MSE MSE A . n 
A 1 152 VAL 152 2131 2131 VAL VAL A . n 
A 1 153 LEU 153 2132 2132 LEU LEU A . n 
A 1 154 ASN 154 2133 2133 ASN ASN A . n 
A 1 155 VAL 155 2134 2134 VAL VAL A . n 
A 1 156 SER 156 2135 2135 SER SER A . n 
A 1 157 SER 157 2136 2136 SER SER A . n 
A 1 158 LEU 158 2137 2137 LEU LEU A . n 
A 1 159 LEU 159 2138 2138 LEU LEU A . n 
A 1 160 LYS 160 2139 2139 LYS LYS A . n 
A 1 161 THR 161 2140 2140 THR THR A . n 
A 1 162 VAL 162 2141 2141 VAL VAL A . n 
A 1 163 LYS 163 2142 2142 LYS LYS A . n 
A 1 164 ALA 164 2143 2143 ALA ALA A . n 
A 1 165 VAL 165 2144 2144 VAL VAL A . n 
A 1 166 GLU 166 2145 2145 GLU GLU A . n 
A 1 167 ASP 167 2146 2146 ASP ASP A . n 
A 1 168 GLU 168 2147 2147 GLU GLU A . n 
A 1 169 HIS 169 2148 2148 HIS HIS A . n 
A 1 170 THR 170 2149 2149 THR THR A . n 
A 1 171 ARG 171 2150 2150 ARG ARG A . n 
A 1 172 GLY 172 2151 2151 GLY GLY A . n 
A 1 173 THR 173 2152 2152 THR THR A . n 
A 1 174 ARG 174 2153 2153 ARG ARG A . n 
A 1 175 ALA 175 2154 2154 ALA ALA A . n 
A 1 176 MSE 176 2155 2155 MSE MSE A . n 
A 1 177 GLU 177 2156 2156 GLU GLU A . n 
A 1 178 ALA 178 2157 2157 ALA ALA A . n 
A 1 179 THR 179 2158 2158 THR THR A . n 
A 1 180 VAL 180 2159 2159 VAL VAL A . n 
A 1 181 GLU 181 2160 2160 GLU GLU A . n 
A 1 182 ALA 182 2161 2161 ALA ALA A . n 
A 1 183 ILE 183 2162 2162 ILE ILE A . n 
A 1 184 SER 184 2163 2163 SER SER A . n 
A 1 185 GLN 185 2164 2164 GLN GLN A . n 
A 1 186 GLU 186 2165 2165 GLU GLU A . n 
A 1 187 ILE 187 2166 2166 ILE ILE A . n 
A 1 188 ARG 188 2167 2167 ARG ARG A . n 
A 1 189 ALA 189 2168 2168 ALA ALA A . n 
A 1 190 LEU 190 2169 2169 LEU LEU A . n 
A 1 191 GLU 191 2170 2170 GLU GLU A . n 
A 1 192 HIS 192 2171 2171 HIS HIS A . n 
A 1 193 HIS 193 2172 ?    ?   ?   A . n 
A 1 194 HIS 194 2173 ?    ?   ?   A . n 
A 1 195 HIS 195 2174 ?    ?   ?   A . n 
A 1 196 HIS 196 2175 ?    ?   ?   A . n 
A 1 197 HIS 197 2176 ?    ?   ?   A . n 
A 1 198 HIS 198 2177 ?    ?   ?   A . n 
A 1 199 HIS 199 2178 ?    ?   ?   A . n 
# 
loop_
_pdbx_nonpoly_scheme.asym_id 
_pdbx_nonpoly_scheme.entity_id 
_pdbx_nonpoly_scheme.mon_id 
_pdbx_nonpoly_scheme.ndb_seq_num 
_pdbx_nonpoly_scheme.pdb_seq_num 
_pdbx_nonpoly_scheme.auth_seq_num 
_pdbx_nonpoly_scheme.pdb_mon_id 
_pdbx_nonpoly_scheme.auth_mon_id 
_pdbx_nonpoly_scheme.pdb_strand_id 
_pdbx_nonpoly_scheme.pdb_ins_code 
B 2 HOH 1  1  1  HOH HOH A . 
B 2 HOH 2  2  2  HOH HOH A . 
B 2 HOH 3  3  3  HOH HOH A . 
B 2 HOH 4  4  4  HOH HOH A . 
B 2 HOH 5  5  5  HOH HOH A . 
B 2 HOH 6  6  6  HOH HOH A . 
B 2 HOH 7  7  7  HOH HOH A . 
B 2 HOH 8  8  8  HOH HOH A . 
B 2 HOH 9  9  9  HOH HOH A . 
B 2 HOH 10 10 10 HOH HOH A . 
B 2 HOH 11 11 11 HOH HOH A . 
B 2 HOH 12 12 12 HOH HOH A . 
B 2 HOH 13 13 13 HOH HOH A . 
B 2 HOH 14 14 14 HOH HOH A . 
B 2 HOH 15 15 15 HOH HOH A . 
B 2 HOH 16 16 16 HOH HOH A . 
B 2 HOH 17 17 17 HOH HOH A . 
B 2 HOH 18 18 18 HOH HOH A . 
B 2 HOH 19 19 19 HOH HOH A . 
B 2 HOH 20 20 20 HOH HOH A . 
B 2 HOH 21 21 21 HOH HOH A . 
B 2 HOH 22 22 22 HOH HOH A . 
B 2 HOH 23 23 23 HOH HOH A . 
B 2 HOH 24 24 24 HOH HOH A . 
B 2 HOH 25 25 25 HOH HOH A . 
B 2 HOH 26 26 26 HOH HOH A . 
B 2 HOH 27 27 27 HOH HOH A . 
B 2 HOH 28 28 28 HOH HOH A . 
B 2 HOH 29 29 29 HOH HOH A . 
B 2 HOH 30 30 30 HOH HOH A . 
B 2 HOH 31 31 31 HOH HOH A . 
B 2 HOH 32 32 32 HOH HOH A . 
B 2 HOH 33 33 33 HOH HOH A . 
B 2 HOH 34 34 34 HOH HOH A . 
B 2 HOH 35 35 35 HOH HOH A . 
B 2 HOH 36 36 36 HOH HOH A . 
B 2 HOH 37 37 37 HOH HOH A . 
B 2 HOH 38 38 38 HOH HOH A . 
B 2 HOH 39 39 39 HOH HOH A . 
B 2 HOH 40 40 40 HOH HOH A . 
B 2 HOH 41 41 41 HOH HOH A . 
B 2 HOH 42 42 42 HOH HOH A . 
B 2 HOH 43 43 43 HOH HOH A . 
B 2 HOH 44 44 44 HOH HOH A . 
B 2 HOH 45 45 45 HOH HOH A . 
B 2 HOH 46 46 46 HOH HOH A . 
B 2 HOH 47 47 47 HOH HOH A . 
B 2 HOH 48 48 48 HOH HOH A . 
B 2 HOH 49 49 49 HOH HOH A . 
B 2 HOH 50 50 50 HOH HOH A . 
B 2 HOH 51 51 51 HOH HOH A . 
B 2 HOH 52 52 52 HOH HOH A . 
B 2 HOH 53 53 53 HOH HOH A . 
B 2 HOH 54 54 54 HOH HOH A . 
B 2 HOH 55 55 55 HOH HOH A . 
B 2 HOH 56 56 56 HOH HOH A . 
B 2 HOH 57 57 57 HOH HOH A . 
B 2 HOH 58 58 58 HOH HOH A . 
B 2 HOH 59 59 59 HOH HOH A . 
B 2 HOH 60 60 60 HOH HOH A . 
B 2 HOH 61 61 61 HOH HOH A . 
B 2 HOH 62 62 62 HOH HOH A . 
B 2 HOH 63 63 63 HOH HOH A . 
B 2 HOH 64 64 64 HOH HOH A . 
B 2 HOH 65 65 65 HOH HOH A . 
B 2 HOH 66 66 66 HOH HOH A . 
B 2 HOH 67 67 67 HOH HOH A . 
B 2 HOH 68 68 68 HOH HOH A . 
B 2 HOH 69 69 69 HOH HOH A . 
B 2 HOH 70 70 70 HOH HOH A . 
B 2 HOH 71 71 71 HOH HOH A . 
B 2 HOH 72 72 72 HOH HOH A . 
B 2 HOH 73 73 73 HOH HOH A . 
B 2 HOH 74 74 74 HOH HOH A . 
B 2 HOH 75 75 75 HOH HOH A . 
B 2 HOH 76 76 76 HOH HOH A . 
# 
loop_
_pdbx_unobs_or_zero_occ_atoms.id 
_pdbx_unobs_or_zero_occ_atoms.PDB_model_num 
_pdbx_unobs_or_zero_occ_atoms.polymer_flag 
_pdbx_unobs_or_zero_occ_atoms.occupancy_flag 
_pdbx_unobs_or_zero_occ_atoms.auth_asym_id 
_pdbx_unobs_or_zero_occ_atoms.auth_comp_id 
_pdbx_unobs_or_zero_occ_atoms.auth_seq_id 
_pdbx_unobs_or_zero_occ_atoms.PDB_ins_code 
_pdbx_unobs_or_zero_occ_atoms.auth_atom_id 
_pdbx_unobs_or_zero_occ_atoms.label_alt_id 
_pdbx_unobs_or_zero_occ_atoms.label_asym_id 
_pdbx_unobs_or_zero_occ_atoms.label_comp_id 
_pdbx_unobs_or_zero_occ_atoms.label_seq_id 
_pdbx_unobs_or_zero_occ_atoms.label_atom_id 
1  1 Y 1 A GLN 1985 ? CG  ? A GLN 6   CG  
2  1 Y 1 A GLN 1985 ? CD  ? A GLN 6   CD  
3  1 Y 1 A GLN 1985 ? OE1 ? A GLN 6   OE1 
4  1 Y 1 A GLN 1985 ? NE2 ? A GLN 6   NE2 
5  1 Y 1 A ASP 2016 ? CG  ? A ASP 37  CG  
6  1 Y 1 A ASP 2016 ? OD1 ? A ASP 37  OD1 
7  1 Y 1 A ASP 2016 ? OD2 ? A ASP 37  OD2 
8  1 Y 1 A GLN 2121 ? CG  ? A GLN 142 CG  
9  1 Y 1 A GLN 2121 ? CD  ? A GLN 142 CD  
10 1 Y 1 A GLN 2121 ? OE1 ? A GLN 142 OE1 
11 1 Y 1 A GLN 2121 ? NE2 ? A GLN 142 NE2 
12 1 Y 1 A LYS 2124 ? CG  ? A LYS 145 CG  
13 1 Y 1 A LYS 2124 ? CD  ? A LYS 145 CD  
14 1 Y 1 A LYS 2124 ? CE  ? A LYS 145 CE  
15 1 Y 1 A LYS 2124 ? NZ  ? A LYS 145 NZ  
16 1 Y 1 A GLU 2156 ? CG  ? A GLU 177 CG  
17 1 Y 1 A GLU 2156 ? CD  ? A GLU 177 CD  
18 1 Y 1 A GLU 2156 ? OE1 ? A GLU 177 OE1 
19 1 Y 1 A GLU 2156 ? OE2 ? A GLU 177 OE2 
20 1 Y 1 A GLU 2160 ? CG  ? A GLU 181 CG  
21 1 Y 1 A GLU 2160 ? CD  ? A GLU 181 CD  
22 1 Y 1 A GLU 2160 ? OE1 ? A GLU 181 OE1 
23 1 Y 1 A GLU 2160 ? OE2 ? A GLU 181 OE2 
24 1 Y 1 A GLN 2164 ? CG  ? A GLN 185 CG  
25 1 Y 1 A GLN 2164 ? CD  ? A GLN 185 CD  
26 1 Y 1 A GLN 2164 ? OE1 ? A GLN 185 OE1 
27 1 Y 1 A GLN 2164 ? NE2 ? A GLN 185 NE2 
28 1 Y 1 A GLU 2165 ? CG  ? A GLU 186 CG  
29 1 Y 1 A GLU 2165 ? CD  ? A GLU 186 CD  
30 1 Y 1 A GLU 2165 ? OE1 ? A GLU 186 OE1 
31 1 Y 1 A GLU 2165 ? OE2 ? A GLU 186 OE2 
32 1 Y 1 A ARG 2167 ? CG  ? A ARG 188 CG  
33 1 Y 1 A ARG 2167 ? CD  ? A ARG 188 CD  
34 1 Y 1 A ARG 2167 ? NE  ? A ARG 188 NE  
35 1 Y 1 A ARG 2167 ? CZ  ? A ARG 188 CZ  
36 1 Y 1 A ARG 2167 ? NH1 ? A ARG 188 NH1 
37 1 Y 1 A ARG 2167 ? NH2 ? A ARG 188 NH2 
38 1 Y 1 A GLU 2170 ? CG  ? A GLU 191 CG  
39 1 Y 1 A GLU 2170 ? CD  ? A GLU 191 CD  
40 1 Y 1 A GLU 2170 ? OE1 ? A GLU 191 OE1 
41 1 Y 1 A GLU 2170 ? OE2 ? A GLU 191 OE2 
42 1 Y 1 A HIS 2171 ? CG  ? A HIS 192 CG  
43 1 Y 1 A HIS 2171 ? ND1 ? A HIS 192 ND1 
44 1 Y 1 A HIS 2171 ? CD2 ? A HIS 192 CD2 
45 1 Y 1 A HIS 2171 ? CE1 ? A HIS 192 CE1 
46 1 Y 1 A HIS 2171 ? NE2 ? A HIS 192 NE2 
# 
loop_
_software.name 
_software.classification 
_software.version 
_software.citation_id 
_software.pdbx_ordinal 
HKL-2000 'data collection' .        ? 1 
SHELXD   phasing           .        ? 2 
REFMAC   refinement        5.5.0070 ? 3 
HKL-2000 'data reduction'  .        ? 4 
HKL-2000 'data scaling'    .        ? 5 
# 
_cell.entry_id           3FYQ 
_cell.length_a           90.919 
_cell.length_b           40.079 
_cell.length_c           57.547 
_cell.angle_alpha        90.00 
_cell.angle_beta         112.87 
_cell.angle_gamma        90.00 
_cell.Z_PDB              4 
_cell.pdbx_unique_axis   ? 
_cell.length_a_esd       ? 
_cell.length_b_esd       ? 
_cell.length_c_esd       ? 
_cell.angle_alpha_esd    ? 
_cell.angle_beta_esd     ? 
_cell.angle_gamma_esd    ? 
# 
_symmetry.entry_id                         3FYQ 
_symmetry.space_group_name_H-M             'C 1 2 1' 
_symmetry.pdbx_full_space_group_name_H-M   ? 
_symmetry.cell_setting                     ? 
_symmetry.Int_Tables_number                5 
_symmetry.space_group_name_Hall            ? 
# 
_exptl.entry_id          3FYQ 
_exptl.method            'X-RAY DIFFRACTION' 
_exptl.crystals_number   1 
# 
_exptl_crystal.id                    1 
_exptl_crystal.density_meas          ? 
_exptl_crystal.density_Matthews      2.27 
_exptl_crystal.density_percent_sol   45.81 
_exptl_crystal.description           ? 
_exptl_crystal.F_000                 ? 
_exptl_crystal.preparation           ? 
# 
_exptl_crystal_grow.crystal_id      1 
_exptl_crystal_grow.method          'VAPOR DIFFUSION, HANGING DROP' 
_exptl_crystal_grow.temp            294 
_exptl_crystal_grow.temp_details    ? 
_exptl_crystal_grow.pH              9.95 
_exptl_crystal_grow.pdbx_details    '0.1M Bicine pH 9.95, 1-2M magnesium sulfate, VAPOR DIFFUSION, HANGING DROP, temperature 294K' 
_exptl_crystal_grow.pdbx_pH_range   ? 
# 
_diffrn.id                     1 
_diffrn.ambient_temp           120 
_diffrn.ambient_temp_details   ? 
_diffrn.crystal_id             1 
# 
_diffrn_detector.diffrn_id              1 
_diffrn_detector.detector               CCD 
_diffrn_detector.type                   'MARMOSAIC 225 mm CCD' 
_diffrn_detector.pdbx_collection_date   2008-12-03 
_diffrn_detector.details                ? 
# 
_diffrn_radiation.diffrn_id                        1 
_diffrn_radiation.wavelength_id                    1 
_diffrn_radiation.pdbx_monochromatic_or_laue_m_l   M 
_diffrn_radiation.monochromator                    ? 
_diffrn_radiation.pdbx_diffrn_protocol             MAD 
_diffrn_radiation.pdbx_scattering_type             x-ray 
# 
loop_
_diffrn_radiation_wavelength.id 
_diffrn_radiation_wavelength.wavelength 
_diffrn_radiation_wavelength.wt 
1 0.9808 1.0 
2 0.9811 1.0 
3 0.9694 1.0 
# 
_diffrn_source.diffrn_id                   1 
_diffrn_source.source                      SYNCHROTRON 
_diffrn_source.type                        'CLSI BEAMLINE 08ID-1' 
_diffrn_source.pdbx_synchrotron_site       CLSI 
_diffrn_source.pdbx_synchrotron_beamline   08ID-1 
_diffrn_source.pdbx_wavelength             ? 
_diffrn_source.pdbx_wavelength_list        '0.9808, 0.9811, 0.9694' 
# 
_reflns.entry_id                     3FYQ 
_reflns.observed_criterion_sigma_I   2.0 
_reflns.observed_criterion_sigma_F   2.0 
_reflns.d_resolution_low             50 
_reflns.d_resolution_high            1.95 
_reflns.number_obs                   13427 
_reflns.number_all                   ? 
_reflns.percent_possible_obs         92.2 
_reflns.pdbx_Rmerge_I_obs            ? 
_reflns.pdbx_Rsym_value              ? 
_reflns.pdbx_netI_over_sigmaI        ? 
_reflns.B_iso_Wilson_estimate        ? 
_reflns.pdbx_redundancy              ? 
_reflns.R_free_details               ? 
_reflns.limit_h_max                  ? 
_reflns.limit_h_min                  ? 
_reflns.limit_k_max                  ? 
_reflns.limit_k_min                  ? 
_reflns.limit_l_max                  ? 
_reflns.limit_l_min                  ? 
_reflns.observed_criterion_F_max     ? 
_reflns.observed_criterion_F_min     ? 
_reflns.pdbx_chi_squared             ? 
_reflns.pdbx_scaling_rejects         ? 
_reflns.pdbx_diffrn_id               1 
_reflns.pdbx_ordinal                 1 
# 
_reflns_shell.d_res_high             1.95 
_reflns_shell.d_res_low              2.02 
_reflns_shell.percent_possible_all   54.0 
_reflns_shell.Rmerge_I_obs           ? 
_reflns_shell.pdbx_Rsym_value        ? 
_reflns_shell.meanI_over_sigI_obs    ? 
_reflns_shell.pdbx_redundancy        ? 
_reflns_shell.percent_possible_obs   ? 
_reflns_shell.number_unique_all      ? 
_reflns_shell.number_measured_all    ? 
_reflns_shell.number_measured_obs    ? 
_reflns_shell.number_unique_obs      ? 
_reflns_shell.pdbx_chi_squared       ? 
_reflns_shell.pdbx_diffrn_id         ? 
_reflns_shell.pdbx_ordinal           1 
# 
_refine.entry_id                                 3FYQ 
_refine.ls_number_reflns_obs                     12749 
_refine.ls_number_reflns_all                     13505 
_refine.pdbx_ls_sigma_I                          ? 
_refine.pdbx_ls_sigma_F                          0 
_refine.pdbx_data_cutoff_high_absF               ? 
_refine.pdbx_data_cutoff_low_absF                ? 
_refine.pdbx_data_cutoff_high_rms_absF           ? 
_refine.ls_d_res_low                             36.15 
_refine.ls_d_res_high                            1.95 
_refine.ls_percent_reflns_obs                    94.82 
_refine.ls_R_factor_obs                          0.20875 
_refine.ls_R_factor_all                          ? 
_refine.ls_R_factor_R_work                       0.20625 
_refine.ls_R_factor_R_free                       0.25548 
_refine.ls_R_factor_R_free_error                 ? 
_refine.ls_R_factor_R_free_error_details         ? 
_refine.ls_percent_reflns_R_free                 5.0 
_refine.ls_number_reflns_R_free                  678 
_refine.ls_number_parameters                     ? 
_refine.ls_number_restraints                     ? 
_refine.occupancy_min                            ? 
_refine.occupancy_max                            ? 
_refine.correlation_coeff_Fo_to_Fc               0.947 
_refine.correlation_coeff_Fo_to_Fc_free          0.908 
_refine.B_iso_mean                               29.455 
_refine.aniso_B[1][1]                            0.39 
_refine.aniso_B[2][2]                            1.37 
_refine.aniso_B[3][3]                            -2.11 
_refine.aniso_B[1][2]                            0.00 
_refine.aniso_B[1][3]                            -0.46 
_refine.aniso_B[2][3]                            0.00 
_refine.solvent_model_details                    'BABINET MODEL WITH MASK' 
_refine.solvent_model_param_ksol                 ? 
_refine.solvent_model_param_bsol                 ? 
_refine.pdbx_solvent_vdw_probe_radii             1.20 
_refine.pdbx_solvent_ion_probe_radii             0.80 
_refine.pdbx_solvent_shrinkage_radii             0.80 
_refine.pdbx_ls_cross_valid_method               THROUGHOUT 
_refine.details                                  'HYDROGENS HAVE BEEN ADDED IN THE RIDING POSITIONS' 
_refine.pdbx_starting_model                      ? 
_refine.pdbx_method_to_determine_struct          MAD 
_refine.pdbx_isotropic_thermal_model             ? 
_refine.pdbx_stereochemistry_target_values       'MAXIMUM LIKELIHOOD' 
_refine.pdbx_stereochem_target_val_spec_case     ? 
_refine.pdbx_R_Free_selection_details            RANDOM 
_refine.pdbx_overall_ESU_R                       0.179 
_refine.pdbx_overall_ESU_R_Free                  0.168 
_refine.overall_SU_ML                            0.115 
_refine.overall_SU_B                             3.971 
_refine.ls_redundancy_reflns_obs                 ? 
_refine.B_iso_min                                ? 
_refine.B_iso_max                                ? 
_refine.overall_SU_R_Cruickshank_DPI             ? 
_refine.overall_SU_R_free                        ? 
_refine.ls_wR_factor_R_free                      ? 
_refine.ls_wR_factor_R_work                      ? 
_refine.overall_FOM_free_R_set                   ? 
_refine.overall_FOM_work_R_set                   ? 
_refine.pdbx_overall_phase_error                 ? 
_refine.pdbx_refine_id                           'X-RAY DIFFRACTION' 
_refine.pdbx_diffrn_id                           1 
_refine.pdbx_TLS_residual_ADP_flag               ? 
_refine.pdbx_overall_SU_R_free_Cruickshank_DPI   ? 
_refine.pdbx_overall_SU_R_Blow_DPI               ? 
_refine.pdbx_overall_SU_R_free_Blow_DPI          ? 
# 
_refine_hist.pdbx_refine_id                   'X-RAY DIFFRACTION' 
_refine_hist.cycle_id                         LAST 
_refine_hist.pdbx_number_atoms_protein        1279 
_refine_hist.pdbx_number_atoms_nucleic_acid   0 
_refine_hist.pdbx_number_atoms_ligand         0 
_refine_hist.number_atoms_solvent             76 
_refine_hist.number_atoms_total               1355 
_refine_hist.d_res_high                       1.95 
_refine_hist.d_res_low                        36.15 
# 
loop_
_refine_ls_restr.type 
_refine_ls_restr.dev_ideal 
_refine_ls_restr.dev_ideal_target 
_refine_ls_restr.weight 
_refine_ls_restr.number 
_refine_ls_restr.pdbx_refine_id 
_refine_ls_restr.pdbx_restraint_function 
r_bond_refined_d       0.022  0.021  ? 1287 'X-RAY DIFFRACTION' ? 
r_angle_refined_deg    1.740  1.951  ? 1753 'X-RAY DIFFRACTION' ? 
r_dihedral_angle_1_deg 5.350  5.000  ? 182  'X-RAY DIFFRACTION' ? 
r_dihedral_angle_2_deg 41.112 25.952 ? 42   'X-RAY DIFFRACTION' ? 
r_dihedral_angle_3_deg 16.099 15.000 ? 213  'X-RAY DIFFRACTION' ? 
r_dihedral_angle_4_deg 20.155 15.000 ? 5    'X-RAY DIFFRACTION' ? 
r_chiral_restr         0.115  0.200  ? 234  'X-RAY DIFFRACTION' ? 
r_gen_planes_refined   0.007  0.020  ? 917  'X-RAY DIFFRACTION' ? 
r_mcbond_it            1.128  1.500  ? 898  'X-RAY DIFFRACTION' ? 
r_mcangle_it           2.078  2.000  ? 1432 'X-RAY DIFFRACTION' ? 
r_scbond_it            4.168  3.000  ? 389  'X-RAY DIFFRACTION' ? 
r_scangle_it           6.877  4.500  ? 320  'X-RAY DIFFRACTION' ? 
# 
_refine_ls_shell.pdbx_total_number_of_bins_used   20 
_refine_ls_shell.d_res_high                       1.950 
_refine_ls_shell.d_res_low                        2.001 
_refine_ls_shell.number_reflns_R_work             653 
_refine_ls_shell.R_factor_R_work                  0.267 
_refine_ls_shell.percent_reflns_obs               63.47 
_refine_ls_shell.R_factor_R_free                  0.258 
_refine_ls_shell.R_factor_R_free_error            ? 
_refine_ls_shell.percent_reflns_R_free            ? 
_refine_ls_shell.number_reflns_R_free             28 
_refine_ls_shell.number_reflns_all                ? 
_refine_ls_shell.R_factor_all                     ? 
_refine_ls_shell.number_reflns_obs                ? 
_refine_ls_shell.redundancy_reflns_obs            ? 
_refine_ls_shell.pdbx_refine_id                   'X-RAY DIFFRACTION' 
# 
_struct.entry_id                  3FYQ 
_struct.title                     'Structure of Drosophila melanogaster talin IBS2 domain (residues 1981-2168)' 
_struct.pdbx_model_details        ? 
_struct.pdbx_CASP_flag            ? 
_struct.pdbx_model_type_details   ? 
# 
_struct_keywords.entry_id        3FYQ 
_struct_keywords.pdbx_keywords   'CELL ADHESION' 
_struct_keywords.text            '5-helix bundle, CELL ADHESION' 
# 
loop_
_struct_asym.id 
_struct_asym.pdbx_blank_PDB_chainid_flag 
_struct_asym.pdbx_modified 
_struct_asym.entity_id 
_struct_asym.details 
A N N 1 ? 
B N N 2 ? 
# 
_struct_ref.id                         1 
_struct_ref.db_name                    UNP 
_struct_ref.db_code                    Q9VSL8_DROME 
_struct_ref.pdbx_db_accession          Q9VSL8 
_struct_ref.entity_id                  1 
_struct_ref.pdbx_seq_one_letter_code   
;SRGTQACINAAHTVSGIIGDLDTTIMFATAGTLHSDGDGSFADHREHILQTAKALVEDTKVLVTGAAGTQDQLANAAQNA
VSTITQLAEAVKRGACSLGSTQPDSQVMVINAVKDVASALGDLINCTKLASGKSINDPSMQDLKESARVMVLNVSSLLKT
VKAVEDEHTRGTRAMEATVEAISQEIRA
;
_struct_ref.pdbx_align_begin           1981 
_struct_ref.pdbx_db_isoform            ? 
# 
_struct_ref_seq.align_id                      1 
_struct_ref_seq.ref_id                        1 
_struct_ref_seq.pdbx_PDB_id_code              3FYQ 
_struct_ref_seq.pdbx_strand_id                A 
_struct_ref_seq.seq_align_beg                 2 
_struct_ref_seq.pdbx_seq_align_beg_ins_code   ? 
_struct_ref_seq.seq_align_end                 189 
_struct_ref_seq.pdbx_seq_align_end_ins_code   ? 
_struct_ref_seq.pdbx_db_accession             Q9VSL8 
_struct_ref_seq.db_align_beg                  1981 
_struct_ref_seq.pdbx_db_align_beg_ins_code    ? 
_struct_ref_seq.db_align_end                  2168 
_struct_ref_seq.pdbx_db_align_end_ins_code    ? 
_struct_ref_seq.pdbx_auth_seq_align_beg       1981 
_struct_ref_seq.pdbx_auth_seq_align_end       2168 
# 
loop_
_struct_ref_seq_dif.align_id 
_struct_ref_seq_dif.pdbx_pdb_id_code 
_struct_ref_seq_dif.mon_id 
_struct_ref_seq_dif.pdbx_pdb_strand_id 
_struct_ref_seq_dif.seq_num 
_struct_ref_seq_dif.pdbx_pdb_ins_code 
_struct_ref_seq_dif.pdbx_seq_db_name 
_struct_ref_seq_dif.pdbx_seq_db_accession_code 
_struct_ref_seq_dif.db_mon_id 
_struct_ref_seq_dif.pdbx_seq_db_seq_num 
_struct_ref_seq_dif.details 
_struct_ref_seq_dif.pdbx_auth_seq_num 
_struct_ref_seq_dif.pdbx_ordinal 
1 3FYQ MSE A 1   ? UNP Q9VSL8 ? ? 'initiating methionine' 1980 1  
1 3FYQ LEU A 190 ? UNP Q9VSL8 ? ? 'expression tag'        2169 2  
1 3FYQ GLU A 191 ? UNP Q9VSL8 ? ? 'expression tag'        2170 3  
1 3FYQ HIS A 192 ? UNP Q9VSL8 ? ? 'expression tag'        2171 4  
1 3FYQ HIS A 193 ? UNP Q9VSL8 ? ? 'expression tag'        2172 5  
1 3FYQ HIS A 194 ? UNP Q9VSL8 ? ? 'expression tag'        2173 6  
1 3FYQ HIS A 195 ? UNP Q9VSL8 ? ? 'expression tag'        2174 7  
1 3FYQ HIS A 196 ? UNP Q9VSL8 ? ? 'expression tag'        2175 8  
1 3FYQ HIS A 197 ? UNP Q9VSL8 ? ? 'expression tag'        2176 9  
1 3FYQ HIS A 198 ? UNP Q9VSL8 ? ? 'expression tag'        2177 10 
1 3FYQ HIS A 199 ? UNP Q9VSL8 ? ? 'expression tag'        2178 11 
# 
_pdbx_struct_assembly.id                   1 
_pdbx_struct_assembly.details              author_and_software_defined_assembly 
_pdbx_struct_assembly.method_details       PISA 
_pdbx_struct_assembly.oligomeric_details   monomeric 
_pdbx_struct_assembly.oligomeric_count     1 
# 
_pdbx_struct_assembly_gen.assembly_id       1 
_pdbx_struct_assembly_gen.oper_expression   1 
_pdbx_struct_assembly_gen.asym_id_list      A,B 
# 
_pdbx_struct_oper_list.id                   1 
_pdbx_struct_oper_list.type                 'identity operation' 
_pdbx_struct_oper_list.name                 1_555 
_pdbx_struct_oper_list.symmetry_operation   x,y,z 
_pdbx_struct_oper_list.matrix[1][1]         1.0000000000 
_pdbx_struct_oper_list.matrix[1][2]         0.0000000000 
_pdbx_struct_oper_list.matrix[1][3]         0.0000000000 
_pdbx_struct_oper_list.vector[1]            0.0000000000 
_pdbx_struct_oper_list.matrix[2][1]         0.0000000000 
_pdbx_struct_oper_list.matrix[2][2]         1.0000000000 
_pdbx_struct_oper_list.matrix[2][3]         0.0000000000 
_pdbx_struct_oper_list.vector[2]            0.0000000000 
_pdbx_struct_oper_list.matrix[3][1]         0.0000000000 
_pdbx_struct_oper_list.matrix[3][2]         0.0000000000 
_pdbx_struct_oper_list.matrix[3][3]         1.0000000000 
_pdbx_struct_oper_list.vector[3]            0.0000000000 
# 
_struct_biol.id        1 
_struct_biol.details   ? 
# 
loop_
_struct_conf.conf_type_id 
_struct_conf.id 
_struct_conf.pdbx_PDB_helix_id 
_struct_conf.beg_label_comp_id 
_struct_conf.beg_label_asym_id 
_struct_conf.beg_label_seq_id 
_struct_conf.pdbx_beg_PDB_ins_code 
_struct_conf.end_label_comp_id 
_struct_conf.end_label_asym_id 
_struct_conf.end_label_seq_id 
_struct_conf.pdbx_end_PDB_ins_code 
_struct_conf.beg_auth_comp_id 
_struct_conf.beg_auth_asym_id 
_struct_conf.beg_auth_seq_id 
_struct_conf.end_auth_comp_id 
_struct_conf.end_auth_asym_id 
_struct_conf.end_auth_seq_id 
_struct_conf.pdbx_PDB_helix_class 
_struct_conf.details 
_struct_conf.pdbx_PDB_helix_length 
HELX_P HELX_P1 1 GLY A 4   ? ALA A 31  ? GLY A 1983 ALA A 2010 1 ? 28 
HELX_P HELX_P2 2 SER A 41  ? ALA A 67  ? SER A 2020 ALA A 2046 1 ? 27 
HELX_P HELX_P3 3 THR A 70  ? GLY A 100 ? THR A 2049 GLY A 2079 1 ? 31 
HELX_P HELX_P4 4 GLN A 103 ? SER A 132 ? GLN A 2082 SER A 2111 1 ? 30 
HELX_P HELX_P5 5 SER A 140 ? HIS A 192 ? SER A 2119 HIS A 2171 1 ? 53 
# 
_struct_conf_type.id          HELX_P 
_struct_conf_type.criteria    ? 
_struct_conf_type.reference   ? 
# 
loop_
_struct_conn.id 
_struct_conn.conn_type_id 
_struct_conn.pdbx_leaving_atom_flag 
_struct_conn.pdbx_PDB_id 
_struct_conn.ptnr1_label_asym_id 
_struct_conn.ptnr1_label_comp_id 
_struct_conn.ptnr1_label_seq_id 
_struct_conn.ptnr1_label_atom_id 
_struct_conn.pdbx_ptnr1_label_alt_id 
_struct_conn.pdbx_ptnr1_PDB_ins_code 
_struct_conn.pdbx_ptnr1_standard_comp_id 
_struct_conn.ptnr1_symmetry 
_struct_conn.ptnr2_label_asym_id 
_struct_conn.ptnr2_label_comp_id 
_struct_conn.ptnr2_label_seq_id 
_struct_conn.ptnr2_label_atom_id 
_struct_conn.pdbx_ptnr2_label_alt_id 
_struct_conn.pdbx_ptnr2_PDB_ins_code 
_struct_conn.ptnr1_auth_asym_id 
_struct_conn.ptnr1_auth_comp_id 
_struct_conn.ptnr1_auth_seq_id 
_struct_conn.ptnr2_auth_asym_id 
_struct_conn.ptnr2_auth_comp_id 
_struct_conn.ptnr2_auth_seq_id 
_struct_conn.ptnr2_symmetry 
_struct_conn.pdbx_ptnr3_label_atom_id 
_struct_conn.pdbx_ptnr3_label_seq_id 
_struct_conn.pdbx_ptnr3_label_comp_id 
_struct_conn.pdbx_ptnr3_label_asym_id 
_struct_conn.pdbx_ptnr3_label_alt_id 
_struct_conn.pdbx_ptnr3_PDB_ins_code 
_struct_conn.details 
_struct_conn.pdbx_dist_value 
_struct_conn.pdbx_value_order 
_struct_conn.pdbx_role 
covale1  covale both ? A ILE 26  C ? ? ? 1_555 A MSE 27  N ? ? A ILE 2005 A MSE 2006 1_555 ? ? ? ? ? ? ? 1.342 ? ? 
covale2  covale both ? A MSE 27  C ? ? ? 1_555 A PHE 28  N ? ? A MSE 2006 A PHE 2007 1_555 ? ? ? ? ? ? ? 1.346 ? ? 
covale3  covale both ? A VAL 108 C ? ? ? 1_555 A MSE 109 N ? ? A VAL 2087 A MSE 2088 1_555 ? ? ? ? ? ? ? 1.330 ? ? 
covale4  covale both ? A MSE 109 C ? ? ? 1_555 A VAL 110 N ? ? A MSE 2088 A VAL 2089 1_555 ? ? ? ? ? ? ? 1.324 ? ? 
covale5  covale both ? A SER 140 C ? ? ? 1_555 A MSE 141 N ? ? A SER 2119 A MSE 2120 1_555 ? ? ? ? ? ? ? 1.333 ? ? 
covale6  covale both ? A MSE 141 C ? ? ? 1_555 A GLN 142 N ? ? A MSE 2120 A GLN 2121 1_555 ? ? ? ? ? ? ? 1.335 ? ? 
covale7  covale both ? A VAL 150 C ? ? ? 1_555 A MSE 151 N ? ? A VAL 2129 A MSE 2130 1_555 ? ? ? ? ? ? ? 1.319 ? ? 
covale8  covale both ? A MSE 151 C ? ? ? 1_555 A VAL 152 N ? ? A MSE 2130 A VAL 2131 1_555 ? ? ? ? ? ? ? 1.329 ? ? 
covale9  covale both ? A ALA 175 C ? ? ? 1_555 A MSE 176 N ? ? A ALA 2154 A MSE 2155 1_555 ? ? ? ? ? ? ? 1.331 ? ? 
covale10 covale both ? A MSE 176 C ? ? ? 1_555 A GLU 177 N ? ? A MSE 2155 A GLU 2156 1_555 ? ? ? ? ? ? ? 1.332 ? ? 
# 
_struct_conn_type.id          covale 
_struct_conn_type.criteria    ? 
_struct_conn_type.reference   ? 
# 
loop_
_pdbx_modification_feature.ordinal 
_pdbx_modification_feature.label_comp_id 
_pdbx_modification_feature.label_asym_id 
_pdbx_modification_feature.label_seq_id 
_pdbx_modification_feature.label_alt_id 
_pdbx_modification_feature.modified_residue_label_comp_id 
_pdbx_modification_feature.modified_residue_label_asym_id 
_pdbx_modification_feature.modified_residue_label_seq_id 
_pdbx_modification_feature.modified_residue_label_alt_id 
_pdbx_modification_feature.auth_comp_id 
_pdbx_modification_feature.auth_asym_id 
_pdbx_modification_feature.auth_seq_id 
_pdbx_modification_feature.PDB_ins_code 
_pdbx_modification_feature.symmetry 
_pdbx_modification_feature.modified_residue_auth_comp_id 
_pdbx_modification_feature.modified_residue_auth_asym_id 
_pdbx_modification_feature.modified_residue_auth_seq_id 
_pdbx_modification_feature.modified_residue_PDB_ins_code 
_pdbx_modification_feature.modified_residue_symmetry 
_pdbx_modification_feature.comp_id_linking_atom 
_pdbx_modification_feature.modified_residue_id_linking_atom 
_pdbx_modification_feature.modified_residue_id 
_pdbx_modification_feature.ref_pcm_id 
_pdbx_modification_feature.ref_comp_id 
_pdbx_modification_feature.type 
_pdbx_modification_feature.category 
1 MSE A 27  ? . . . . MSE A 2006 ? 1_555 . . . . . . . MET 1 MSE Selenomethionine 'Named protein modification' 
2 MSE A 109 ? . . . . MSE A 2088 ? 1_555 . . . . . . . MET 1 MSE Selenomethionine 'Named protein modification' 
3 MSE A 141 ? . . . . MSE A 2120 ? 1_555 . . . . . . . MET 1 MSE Selenomethionine 'Named protein modification' 
4 MSE A 151 ? . . . . MSE A 2130 ? 1_555 . . . . . . . MET 1 MSE Selenomethionine 'Named protein modification' 
5 MSE A 176 ? . . . . MSE A 2155 ? 1_555 . . . . . . . MET 1 MSE Selenomethionine 'Named protein modification' 
# 
_pdbx_entry_details.entry_id                   3FYQ 
_pdbx_entry_details.compound_details           ? 
_pdbx_entry_details.source_details             ? 
_pdbx_entry_details.nonpolymer_details         ? 
_pdbx_entry_details.sequence_details           ? 
_pdbx_entry_details.has_ligand_of_interest     ? 
_pdbx_entry_details.has_protein_modification   Y 
# 
_pdbx_validate_close_contact.id               1 
_pdbx_validate_close_contact.PDB_model_num    1 
_pdbx_validate_close_contact.auth_atom_id_1   O 
_pdbx_validate_close_contact.auth_asym_id_1   A 
_pdbx_validate_close_contact.auth_comp_id_1   HOH 
_pdbx_validate_close_contact.auth_seq_id_1    10 
_pdbx_validate_close_contact.PDB_ins_code_1   ? 
_pdbx_validate_close_contact.label_alt_id_1   ? 
_pdbx_validate_close_contact.auth_atom_id_2   O 
_pdbx_validate_close_contact.auth_asym_id_2   A 
_pdbx_validate_close_contact.auth_comp_id_2   HOH 
_pdbx_validate_close_contact.auth_seq_id_2    55 
_pdbx_validate_close_contact.PDB_ins_code_2   ? 
_pdbx_validate_close_contact.label_alt_id_2   ? 
_pdbx_validate_close_contact.dist             2.14 
# 
loop_
_pdbx_struct_mod_residue.id 
_pdbx_struct_mod_residue.label_asym_id 
_pdbx_struct_mod_residue.label_comp_id 
_pdbx_struct_mod_residue.label_seq_id 
_pdbx_struct_mod_residue.auth_asym_id 
_pdbx_struct_mod_residue.auth_comp_id 
_pdbx_struct_mod_residue.auth_seq_id 
_pdbx_struct_mod_residue.PDB_ins_code 
_pdbx_struct_mod_residue.parent_comp_id 
_pdbx_struct_mod_residue.details 
1 A MSE 27  A MSE 2006 ? MET SELENOMETHIONINE 
2 A MSE 109 A MSE 2088 ? MET SELENOMETHIONINE 
3 A MSE 141 A MSE 2120 ? MET SELENOMETHIONINE 
4 A MSE 151 A MSE 2130 ? MET SELENOMETHIONINE 
5 A MSE 176 A MSE 2155 ? MET SELENOMETHIONINE 
# 
_pdbx_struct_special_symmetry.id              1 
_pdbx_struct_special_symmetry.PDB_model_num   1 
_pdbx_struct_special_symmetry.auth_asym_id    A 
_pdbx_struct_special_symmetry.auth_comp_id    HOH 
_pdbx_struct_special_symmetry.auth_seq_id     53 
_pdbx_struct_special_symmetry.PDB_ins_code    ? 
_pdbx_struct_special_symmetry.label_asym_id   B 
_pdbx_struct_special_symmetry.label_comp_id   HOH 
_pdbx_struct_special_symmetry.label_seq_id    . 
# 
loop_
_pdbx_unobs_or_zero_occ_residues.id 
_pdbx_unobs_or_zero_occ_residues.PDB_model_num 
_pdbx_unobs_or_zero_occ_residues.polymer_flag 
_pdbx_unobs_or_zero_occ_residues.occupancy_flag 
_pdbx_unobs_or_zero_occ_residues.auth_asym_id 
_pdbx_unobs_or_zero_occ_residues.auth_comp_id 
_pdbx_unobs_or_zero_occ_residues.auth_seq_id 
_pdbx_unobs_or_zero_occ_residues.PDB_ins_code 
_pdbx_unobs_or_zero_occ_residues.label_asym_id 
_pdbx_unobs_or_zero_occ_residues.label_comp_id 
_pdbx_unobs_or_zero_occ_residues.label_seq_id 
1  1 Y 1 A MSE 1980 ? A MSE 1   
2  1 Y 1 A SER 1981 ? A SER 2   
3  1 Y 1 A ARG 1982 ? A ARG 3   
4  1 Y 1 A GLY 2017 ? A GLY 38  
5  1 Y 1 A ASP 2018 ? A ASP 39  
6  1 Y 1 A GLY 2019 ? A GLY 40  
7  1 Y 1 A GLY 2112 ? A GLY 133 
8  1 Y 1 A LYS 2113 ? A LYS 134 
9  1 Y 1 A SER 2114 ? A SER 135 
10 1 Y 1 A ILE 2115 ? A ILE 136 
11 1 Y 1 A ASN 2116 ? A ASN 137 
12 1 Y 1 A ASP 2117 ? A ASP 138 
13 1 Y 1 A PRO 2118 ? A PRO 139 
14 1 Y 1 A HIS 2172 ? A HIS 193 
15 1 Y 1 A HIS 2173 ? A HIS 194 
16 1 Y 1 A HIS 2174 ? A HIS 195 
17 1 Y 1 A HIS 2175 ? A HIS 196 
18 1 Y 1 A HIS 2176 ? A HIS 197 
19 1 Y 1 A HIS 2177 ? A HIS 198 
20 1 Y 1 A HIS 2178 ? A HIS 199 
# 
loop_
_chem_comp_atom.comp_id 
_chem_comp_atom.atom_id 
_chem_comp_atom.type_symbol 
_chem_comp_atom.pdbx_aromatic_flag 
_chem_comp_atom.pdbx_stereo_config 
_chem_comp_atom.pdbx_ordinal 
ALA N    N  N N 1   
ALA CA   C  N S 2   
ALA C    C  N N 3   
ALA O    O  N N 4   
ALA CB   C  N N 5   
ALA OXT  O  N N 6   
ALA H    H  N N 7   
ALA H2   H  N N 8   
ALA HA   H  N N 9   
ALA HB1  H  N N 10  
ALA HB2  H  N N 11  
ALA HB3  H  N N 12  
ALA HXT  H  N N 13  
ARG N    N  N N 14  
ARG CA   C  N S 15  
ARG C    C  N N 16  
ARG O    O  N N 17  
ARG CB   C  N N 18  
ARG CG   C  N N 19  
ARG CD   C  N N 20  
ARG NE   N  N N 21  
ARG CZ   C  N N 22  
ARG NH1  N  N N 23  
ARG NH2  N  N N 24  
ARG OXT  O  N N 25  
ARG H    H  N N 26  
ARG H2   H  N N 27  
ARG HA   H  N N 28  
ARG HB2  H  N N 29  
ARG HB3  H  N N 30  
ARG HG2  H  N N 31  
ARG HG3  H  N N 32  
ARG HD2  H  N N 33  
ARG HD3  H  N N 34  
ARG HE   H  N N 35  
ARG HH11 H  N N 36  
ARG HH12 H  N N 37  
ARG HH21 H  N N 38  
ARG HH22 H  N N 39  
ARG HXT  H  N N 40  
ASN N    N  N N 41  
ASN CA   C  N S 42  
ASN C    C  N N 43  
ASN O    O  N N 44  
ASN CB   C  N N 45  
ASN CG   C  N N 46  
ASN OD1  O  N N 47  
ASN ND2  N  N N 48  
ASN OXT  O  N N 49  
ASN H    H  N N 50  
ASN H2   H  N N 51  
ASN HA   H  N N 52  
ASN HB2  H  N N 53  
ASN HB3  H  N N 54  
ASN HD21 H  N N 55  
ASN HD22 H  N N 56  
ASN HXT  H  N N 57  
ASP N    N  N N 58  
ASP CA   C  N S 59  
ASP C    C  N N 60  
ASP O    O  N N 61  
ASP CB   C  N N 62  
ASP CG   C  N N 63  
ASP OD1  O  N N 64  
ASP OD2  O  N N 65  
ASP OXT  O  N N 66  
ASP H    H  N N 67  
ASP H2   H  N N 68  
ASP HA   H  N N 69  
ASP HB2  H  N N 70  
ASP HB3  H  N N 71  
ASP HD2  H  N N 72  
ASP HXT  H  N N 73  
CYS N    N  N N 74  
CYS CA   C  N R 75  
CYS C    C  N N 76  
CYS O    O  N N 77  
CYS CB   C  N N 78  
CYS SG   S  N N 79  
CYS OXT  O  N N 80  
CYS H    H  N N 81  
CYS H2   H  N N 82  
CYS HA   H  N N 83  
CYS HB2  H  N N 84  
CYS HB3  H  N N 85  
CYS HG   H  N N 86  
CYS HXT  H  N N 87  
GLN N    N  N N 88  
GLN CA   C  N S 89  
GLN C    C  N N 90  
GLN O    O  N N 91  
GLN CB   C  N N 92  
GLN CG   C  N N 93  
GLN CD   C  N N 94  
GLN OE1  O  N N 95  
GLN NE2  N  N N 96  
GLN OXT  O  N N 97  
GLN H    H  N N 98  
GLN H2   H  N N 99  
GLN HA   H  N N 100 
GLN HB2  H  N N 101 
GLN HB3  H  N N 102 
GLN HG2  H  N N 103 
GLN HG3  H  N N 104 
GLN HE21 H  N N 105 
GLN HE22 H  N N 106 
GLN HXT  H  N N 107 
GLU N    N  N N 108 
GLU CA   C  N S 109 
GLU C    C  N N 110 
GLU O    O  N N 111 
GLU CB   C  N N 112 
GLU CG   C  N N 113 
GLU CD   C  N N 114 
GLU OE1  O  N N 115 
GLU OE2  O  N N 116 
GLU OXT  O  N N 117 
GLU H    H  N N 118 
GLU H2   H  N N 119 
GLU HA   H  N N 120 
GLU HB2  H  N N 121 
GLU HB3  H  N N 122 
GLU HG2  H  N N 123 
GLU HG3  H  N N 124 
GLU HE2  H  N N 125 
GLU HXT  H  N N 126 
GLY N    N  N N 127 
GLY CA   C  N N 128 
GLY C    C  N N 129 
GLY O    O  N N 130 
GLY OXT  O  N N 131 
GLY H    H  N N 132 
GLY H2   H  N N 133 
GLY HA2  H  N N 134 
GLY HA3  H  N N 135 
GLY HXT  H  N N 136 
HIS N    N  N N 137 
HIS CA   C  N S 138 
HIS C    C  N N 139 
HIS O    O  N N 140 
HIS CB   C  N N 141 
HIS CG   C  Y N 142 
HIS ND1  N  Y N 143 
HIS CD2  C  Y N 144 
HIS CE1  C  Y N 145 
HIS NE2  N  Y N 146 
HIS OXT  O  N N 147 
HIS H    H  N N 148 
HIS H2   H  N N 149 
HIS HA   H  N N 150 
HIS HB2  H  N N 151 
HIS HB3  H  N N 152 
HIS HD1  H  N N 153 
HIS HD2  H  N N 154 
HIS HE1  H  N N 155 
HIS HE2  H  N N 156 
HIS HXT  H  N N 157 
HOH O    O  N N 158 
HOH H1   H  N N 159 
HOH H2   H  N N 160 
ILE N    N  N N 161 
ILE CA   C  N S 162 
ILE C    C  N N 163 
ILE O    O  N N 164 
ILE CB   C  N S 165 
ILE CG1  C  N N 166 
ILE CG2  C  N N 167 
ILE CD1  C  N N 168 
ILE OXT  O  N N 169 
ILE H    H  N N 170 
ILE H2   H  N N 171 
ILE HA   H  N N 172 
ILE HB   H  N N 173 
ILE HG12 H  N N 174 
ILE HG13 H  N N 175 
ILE HG21 H  N N 176 
ILE HG22 H  N N 177 
ILE HG23 H  N N 178 
ILE HD11 H  N N 179 
ILE HD12 H  N N 180 
ILE HD13 H  N N 181 
ILE HXT  H  N N 182 
LEU N    N  N N 183 
LEU CA   C  N S 184 
LEU C    C  N N 185 
LEU O    O  N N 186 
LEU CB   C  N N 187 
LEU CG   C  N N 188 
LEU CD1  C  N N 189 
LEU CD2  C  N N 190 
LEU OXT  O  N N 191 
LEU H    H  N N 192 
LEU H2   H  N N 193 
LEU HA   H  N N 194 
LEU HB2  H  N N 195 
LEU HB3  H  N N 196 
LEU HG   H  N N 197 
LEU HD11 H  N N 198 
LEU HD12 H  N N 199 
LEU HD13 H  N N 200 
LEU HD21 H  N N 201 
LEU HD22 H  N N 202 
LEU HD23 H  N N 203 
LEU HXT  H  N N 204 
LYS N    N  N N 205 
LYS CA   C  N S 206 
LYS C    C  N N 207 
LYS O    O  N N 208 
LYS CB   C  N N 209 
LYS CG   C  N N 210 
LYS CD   C  N N 211 
LYS CE   C  N N 212 
LYS NZ   N  N N 213 
LYS OXT  O  N N 214 
LYS H    H  N N 215 
LYS H2   H  N N 216 
LYS HA   H  N N 217 
LYS HB2  H  N N 218 
LYS HB3  H  N N 219 
LYS HG2  H  N N 220 
LYS HG3  H  N N 221 
LYS HD2  H  N N 222 
LYS HD3  H  N N 223 
LYS HE2  H  N N 224 
LYS HE3  H  N N 225 
LYS HZ1  H  N N 226 
LYS HZ2  H  N N 227 
LYS HZ3  H  N N 228 
LYS HXT  H  N N 229 
MSE N    N  N N 230 
MSE CA   C  N S 231 
MSE C    C  N N 232 
MSE O    O  N N 233 
MSE OXT  O  N N 234 
MSE CB   C  N N 235 
MSE CG   C  N N 236 
MSE SE   SE N N 237 
MSE CE   C  N N 238 
MSE H    H  N N 239 
MSE H2   H  N N 240 
MSE HA   H  N N 241 
MSE HXT  H  N N 242 
MSE HB2  H  N N 243 
MSE HB3  H  N N 244 
MSE HG2  H  N N 245 
MSE HG3  H  N N 246 
MSE HE1  H  N N 247 
MSE HE2  H  N N 248 
MSE HE3  H  N N 249 
PHE N    N  N N 250 
PHE CA   C  N S 251 
PHE C    C  N N 252 
PHE O    O  N N 253 
PHE CB   C  N N 254 
PHE CG   C  Y N 255 
PHE CD1  C  Y N 256 
PHE CD2  C  Y N 257 
PHE CE1  C  Y N 258 
PHE CE2  C  Y N 259 
PHE CZ   C  Y N 260 
PHE OXT  O  N N 261 
PHE H    H  N N 262 
PHE H2   H  N N 263 
PHE HA   H  N N 264 
PHE HB2  H  N N 265 
PHE HB3  H  N N 266 
PHE HD1  H  N N 267 
PHE HD2  H  N N 268 
PHE HE1  H  N N 269 
PHE HE2  H  N N 270 
PHE HZ   H  N N 271 
PHE HXT  H  N N 272 
PRO N    N  N N 273 
PRO CA   C  N S 274 
PRO C    C  N N 275 
PRO O    O  N N 276 
PRO CB   C  N N 277 
PRO CG   C  N N 278 
PRO CD   C  N N 279 
PRO OXT  O  N N 280 
PRO H    H  N N 281 
PRO HA   H  N N 282 
PRO HB2  H  N N 283 
PRO HB3  H  N N 284 
PRO HG2  H  N N 285 
PRO HG3  H  N N 286 
PRO HD2  H  N N 287 
PRO HD3  H  N N 288 
PRO HXT  H  N N 289 
SER N    N  N N 290 
SER CA   C  N S 291 
SER C    C  N N 292 
SER O    O  N N 293 
SER CB   C  N N 294 
SER OG   O  N N 295 
SER OXT  O  N N 296 
SER H    H  N N 297 
SER H2   H  N N 298 
SER HA   H  N N 299 
SER HB2  H  N N 300 
SER HB3  H  N N 301 
SER HG   H  N N 302 
SER HXT  H  N N 303 
THR N    N  N N 304 
THR CA   C  N S 305 
THR C    C  N N 306 
THR O    O  N N 307 
THR CB   C  N R 308 
THR OG1  O  N N 309 
THR CG2  C  N N 310 
THR OXT  O  N N 311 
THR H    H  N N 312 
THR H2   H  N N 313 
THR HA   H  N N 314 
THR HB   H  N N 315 
THR HG1  H  N N 316 
THR HG21 H  N N 317 
THR HG22 H  N N 318 
THR HG23 H  N N 319 
THR HXT  H  N N 320 
VAL N    N  N N 321 
VAL CA   C  N S 322 
VAL C    C  N N 323 
VAL O    O  N N 324 
VAL CB   C  N N 325 
VAL CG1  C  N N 326 
VAL CG2  C  N N 327 
VAL OXT  O  N N 328 
VAL H    H  N N 329 
VAL H2   H  N N 330 
VAL HA   H  N N 331 
VAL HB   H  N N 332 
VAL HG11 H  N N 333 
VAL HG12 H  N N 334 
VAL HG13 H  N N 335 
VAL HG21 H  N N 336 
VAL HG22 H  N N 337 
VAL HG23 H  N N 338 
VAL HXT  H  N N 339 
# 
loop_
_chem_comp_bond.comp_id 
_chem_comp_bond.atom_id_1 
_chem_comp_bond.atom_id_2 
_chem_comp_bond.value_order 
_chem_comp_bond.pdbx_aromatic_flag 
_chem_comp_bond.pdbx_stereo_config 
_chem_comp_bond.pdbx_ordinal 
ALA N   CA   sing N N 1   
ALA N   H    sing N N 2   
ALA N   H2   sing N N 3   
ALA CA  C    sing N N 4   
ALA CA  CB   sing N N 5   
ALA CA  HA   sing N N 6   
ALA C   O    doub N N 7   
ALA C   OXT  sing N N 8   
ALA CB  HB1  sing N N 9   
ALA CB  HB2  sing N N 10  
ALA CB  HB3  sing N N 11  
ALA OXT HXT  sing N N 12  
ARG N   CA   sing N N 13  
ARG N   H    sing N N 14  
ARG N   H2   sing N N 15  
ARG CA  C    sing N N 16  
ARG CA  CB   sing N N 17  
ARG CA  HA   sing N N 18  
ARG C   O    doub N N 19  
ARG C   OXT  sing N N 20  
ARG CB  CG   sing N N 21  
ARG CB  HB2  sing N N 22  
ARG CB  HB3  sing N N 23  
ARG CG  CD   sing N N 24  
ARG CG  HG2  sing N N 25  
ARG CG  HG3  sing N N 26  
ARG CD  NE   sing N N 27  
ARG CD  HD2  sing N N 28  
ARG CD  HD3  sing N N 29  
ARG NE  CZ   sing N N 30  
ARG NE  HE   sing N N 31  
ARG CZ  NH1  sing N N 32  
ARG CZ  NH2  doub N N 33  
ARG NH1 HH11 sing N N 34  
ARG NH1 HH12 sing N N 35  
ARG NH2 HH21 sing N N 36  
ARG NH2 HH22 sing N N 37  
ARG OXT HXT  sing N N 38  
ASN N   CA   sing N N 39  
ASN N   H    sing N N 40  
ASN N   H2   sing N N 41  
ASN CA  C    sing N N 42  
ASN CA  CB   sing N N 43  
ASN CA  HA   sing N N 44  
ASN C   O    doub N N 45  
ASN C   OXT  sing N N 46  
ASN CB  CG   sing N N 47  
ASN CB  HB2  sing N N 48  
ASN CB  HB3  sing N N 49  
ASN CG  OD1  doub N N 50  
ASN CG  ND2  sing N N 51  
ASN ND2 HD21 sing N N 52  
ASN ND2 HD22 sing N N 53  
ASN OXT HXT  sing N N 54  
ASP N   CA   sing N N 55  
ASP N   H    sing N N 56  
ASP N   H2   sing N N 57  
ASP CA  C    sing N N 58  
ASP CA  CB   sing N N 59  
ASP CA  HA   sing N N 60  
ASP C   O    doub N N 61  
ASP C   OXT  sing N N 62  
ASP CB  CG   sing N N 63  
ASP CB  HB2  sing N N 64  
ASP CB  HB3  sing N N 65  
ASP CG  OD1  doub N N 66  
ASP CG  OD2  sing N N 67  
ASP OD2 HD2  sing N N 68  
ASP OXT HXT  sing N N 69  
CYS N   CA   sing N N 70  
CYS N   H    sing N N 71  
CYS N   H2   sing N N 72  
CYS CA  C    sing N N 73  
CYS CA  CB   sing N N 74  
CYS CA  HA   sing N N 75  
CYS C   O    doub N N 76  
CYS C   OXT  sing N N 77  
CYS CB  SG   sing N N 78  
CYS CB  HB2  sing N N 79  
CYS CB  HB3  sing N N 80  
CYS SG  HG   sing N N 81  
CYS OXT HXT  sing N N 82  
GLN N   CA   sing N N 83  
GLN N   H    sing N N 84  
GLN N   H2   sing N N 85  
GLN CA  C    sing N N 86  
GLN CA  CB   sing N N 87  
GLN CA  HA   sing N N 88  
GLN C   O    doub N N 89  
GLN C   OXT  sing N N 90  
GLN CB  CG   sing N N 91  
GLN CB  HB2  sing N N 92  
GLN CB  HB3  sing N N 93  
GLN CG  CD   sing N N 94  
GLN CG  HG2  sing N N 95  
GLN CG  HG3  sing N N 96  
GLN CD  OE1  doub N N 97  
GLN CD  NE2  sing N N 98  
GLN NE2 HE21 sing N N 99  
GLN NE2 HE22 sing N N 100 
GLN OXT HXT  sing N N 101 
GLU N   CA   sing N N 102 
GLU N   H    sing N N 103 
GLU N   H2   sing N N 104 
GLU CA  C    sing N N 105 
GLU CA  CB   sing N N 106 
GLU CA  HA   sing N N 107 
GLU C   O    doub N N 108 
GLU C   OXT  sing N N 109 
GLU CB  CG   sing N N 110 
GLU CB  HB2  sing N N 111 
GLU CB  HB3  sing N N 112 
GLU CG  CD   sing N N 113 
GLU CG  HG2  sing N N 114 
GLU CG  HG3  sing N N 115 
GLU CD  OE1  doub N N 116 
GLU CD  OE2  sing N N 117 
GLU OE2 HE2  sing N N 118 
GLU OXT HXT  sing N N 119 
GLY N   CA   sing N N 120 
GLY N   H    sing N N 121 
GLY N   H2   sing N N 122 
GLY CA  C    sing N N 123 
GLY CA  HA2  sing N N 124 
GLY CA  HA3  sing N N 125 
GLY C   O    doub N N 126 
GLY C   OXT  sing N N 127 
GLY OXT HXT  sing N N 128 
HIS N   CA   sing N N 129 
HIS N   H    sing N N 130 
HIS N   H2   sing N N 131 
HIS CA  C    sing N N 132 
HIS CA  CB   sing N N 133 
HIS CA  HA   sing N N 134 
HIS C   O    doub N N 135 
HIS C   OXT  sing N N 136 
HIS CB  CG   sing N N 137 
HIS CB  HB2  sing N N 138 
HIS CB  HB3  sing N N 139 
HIS CG  ND1  sing Y N 140 
HIS CG  CD2  doub Y N 141 
HIS ND1 CE1  doub Y N 142 
HIS ND1 HD1  sing N N 143 
HIS CD2 NE2  sing Y N 144 
HIS CD2 HD2  sing N N 145 
HIS CE1 NE2  sing Y N 146 
HIS CE1 HE1  sing N N 147 
HIS NE2 HE2  sing N N 148 
HIS OXT HXT  sing N N 149 
HOH O   H1   sing N N 150 
HOH O   H2   sing N N 151 
ILE N   CA   sing N N 152 
ILE N   H    sing N N 153 
ILE N   H2   sing N N 154 
ILE CA  C    sing N N 155 
ILE CA  CB   sing N N 156 
ILE CA  HA   sing N N 157 
ILE C   O    doub N N 158 
ILE C   OXT  sing N N 159 
ILE CB  CG1  sing N N 160 
ILE CB  CG2  sing N N 161 
ILE CB  HB   sing N N 162 
ILE CG1 CD1  sing N N 163 
ILE CG1 HG12 sing N N 164 
ILE CG1 HG13 sing N N 165 
ILE CG2 HG21 sing N N 166 
ILE CG2 HG22 sing N N 167 
ILE CG2 HG23 sing N N 168 
ILE CD1 HD11 sing N N 169 
ILE CD1 HD12 sing N N 170 
ILE CD1 HD13 sing N N 171 
ILE OXT HXT  sing N N 172 
LEU N   CA   sing N N 173 
LEU N   H    sing N N 174 
LEU N   H2   sing N N 175 
LEU CA  C    sing N N 176 
LEU CA  CB   sing N N 177 
LEU CA  HA   sing N N 178 
LEU C   O    doub N N 179 
LEU C   OXT  sing N N 180 
LEU CB  CG   sing N N 181 
LEU CB  HB2  sing N N 182 
LEU CB  HB3  sing N N 183 
LEU CG  CD1  sing N N 184 
LEU CG  CD2  sing N N 185 
LEU CG  HG   sing N N 186 
LEU CD1 HD11 sing N N 187 
LEU CD1 HD12 sing N N 188 
LEU CD1 HD13 sing N N 189 
LEU CD2 HD21 sing N N 190 
LEU CD2 HD22 sing N N 191 
LEU CD2 HD23 sing N N 192 
LEU OXT HXT  sing N N 193 
LYS N   CA   sing N N 194 
LYS N   H    sing N N 195 
LYS N   H2   sing N N 196 
LYS CA  C    sing N N 197 
LYS CA  CB   sing N N 198 
LYS CA  HA   sing N N 199 
LYS C   O    doub N N 200 
LYS C   OXT  sing N N 201 
LYS CB  CG   sing N N 202 
LYS CB  HB2  sing N N 203 
LYS CB  HB3  sing N N 204 
LYS CG  CD   sing N N 205 
LYS CG  HG2  sing N N 206 
LYS CG  HG3  sing N N 207 
LYS CD  CE   sing N N 208 
LYS CD  HD2  sing N N 209 
LYS CD  HD3  sing N N 210 
LYS CE  NZ   sing N N 211 
LYS CE  HE2  sing N N 212 
LYS CE  HE3  sing N N 213 
LYS NZ  HZ1  sing N N 214 
LYS NZ  HZ2  sing N N 215 
LYS NZ  HZ3  sing N N 216 
LYS OXT HXT  sing N N 217 
MSE N   CA   sing N N 218 
MSE N   H    sing N N 219 
MSE N   H2   sing N N 220 
MSE CA  C    sing N N 221 
MSE CA  CB   sing N N 222 
MSE CA  HA   sing N N 223 
MSE C   O    doub N N 224 
MSE C   OXT  sing N N 225 
MSE OXT HXT  sing N N 226 
MSE CB  CG   sing N N 227 
MSE CB  HB2  sing N N 228 
MSE CB  HB3  sing N N 229 
MSE CG  SE   sing N N 230 
MSE CG  HG2  sing N N 231 
MSE CG  HG3  sing N N 232 
MSE SE  CE   sing N N 233 
MSE CE  HE1  sing N N 234 
MSE CE  HE2  sing N N 235 
MSE CE  HE3  sing N N 236 
PHE N   CA   sing N N 237 
PHE N   H    sing N N 238 
PHE N   H2   sing N N 239 
PHE CA  C    sing N N 240 
PHE CA  CB   sing N N 241 
PHE CA  HA   sing N N 242 
PHE C   O    doub N N 243 
PHE C   OXT  sing N N 244 
PHE CB  CG   sing N N 245 
PHE CB  HB2  sing N N 246 
PHE CB  HB3  sing N N 247 
PHE CG  CD1  doub Y N 248 
PHE CG  CD2  sing Y N 249 
PHE CD1 CE1  sing Y N 250 
PHE CD1 HD1  sing N N 251 
PHE CD2 CE2  doub Y N 252 
PHE CD2 HD2  sing N N 253 
PHE CE1 CZ   doub Y N 254 
PHE CE1 HE1  sing N N 255 
PHE CE2 CZ   sing Y N 256 
PHE CE2 HE2  sing N N 257 
PHE CZ  HZ   sing N N 258 
PHE OXT HXT  sing N N 259 
PRO N   CA   sing N N 260 
PRO N   CD   sing N N 261 
PRO N   H    sing N N 262 
PRO CA  C    sing N N 263 
PRO CA  CB   sing N N 264 
PRO CA  HA   sing N N 265 
PRO C   O    doub N N 266 
PRO C   OXT  sing N N 267 
PRO CB  CG   sing N N 268 
PRO CB  HB2  sing N N 269 
PRO CB  HB3  sing N N 270 
PRO CG  CD   sing N N 271 
PRO CG  HG2  sing N N 272 
PRO CG  HG3  sing N N 273 
PRO CD  HD2  sing N N 274 
PRO CD  HD3  sing N N 275 
PRO OXT HXT  sing N N 276 
SER N   CA   sing N N 277 
SER N   H    sing N N 278 
SER N   H2   sing N N 279 
SER CA  C    sing N N 280 
SER CA  CB   sing N N 281 
SER CA  HA   sing N N 282 
SER C   O    doub N N 283 
SER C   OXT  sing N N 284 
SER CB  OG   sing N N 285 
SER CB  HB2  sing N N 286 
SER CB  HB3  sing N N 287 
SER OG  HG   sing N N 288 
SER OXT HXT  sing N N 289 
THR N   CA   sing N N 290 
THR N   H    sing N N 291 
THR N   H2   sing N N 292 
THR CA  C    sing N N 293 
THR CA  CB   sing N N 294 
THR CA  HA   sing N N 295 
THR C   O    doub N N 296 
THR C   OXT  sing N N 297 
THR CB  OG1  sing N N 298 
THR CB  CG2  sing N N 299 
THR CB  HB   sing N N 300 
THR OG1 HG1  sing N N 301 
THR CG2 HG21 sing N N 302 
THR CG2 HG22 sing N N 303 
THR CG2 HG23 sing N N 304 
THR OXT HXT  sing N N 305 
VAL N   CA   sing N N 306 
VAL N   H    sing N N 307 
VAL N   H2   sing N N 308 
VAL CA  C    sing N N 309 
VAL CA  CB   sing N N 310 
VAL CA  HA   sing N N 311 
VAL C   O    doub N N 312 
VAL C   OXT  sing N N 313 
VAL CB  CG1  sing N N 314 
VAL CB  CG2  sing N N 315 
VAL CB  HB   sing N N 316 
VAL CG1 HG11 sing N N 317 
VAL CG1 HG12 sing N N 318 
VAL CG1 HG13 sing N N 319 
VAL CG2 HG21 sing N N 320 
VAL CG2 HG22 sing N N 321 
VAL CG2 HG23 sing N N 322 
VAL OXT HXT  sing N N 323 
# 
_atom_sites.entry_id                    3FYQ 
_atom_sites.fract_transf_matrix[1][1]   0.00819238 
_atom_sites.fract_transf_matrix[1][2]   -0.00576201 
_atom_sites.fract_transf_matrix[1][3]   -0.00649552 
_atom_sites.fract_transf_matrix[2][1]   0.01541096 
_atom_sites.fract_transf_matrix[2][2]   0.01950653 
_atom_sites.fract_transf_matrix[2][3]   0.00213309 
_atom_sites.fract_transf_matrix[3][1]   0.01170570 
_atom_sites.fract_transf_matrix[3][2]   -0.01039781 
_atom_sites.fract_transf_matrix[3][3]   0.01051484 
_atom_sites.fract_transf_vector[1]      0.356013 
_atom_sites.fract_transf_vector[2]      0.728386 
_atom_sites.fract_transf_vector[3]      0.227937 
# 
loop_
_atom_type.symbol 
C  
N  
O  
S  
SE 
# 
loop_
_atom_site.group_PDB 
_atom_site.id 
_atom_site.type_symbol 
_atom_site.label_atom_id 
_atom_site.label_alt_id 
_atom_site.label_comp_id 
_atom_site.label_asym_id 
_atom_site.label_entity_id 
_atom_site.label_seq_id 
_atom_site.pdbx_PDB_ins_code 
_atom_site.Cartn_x 
_atom_site.Cartn_y 
_atom_site.Cartn_z 
_atom_site.occupancy 
_atom_site.B_iso_or_equiv 
_atom_site.pdbx_formal_charge 
_atom_site.auth_seq_id 
_atom_site.auth_comp_id 
_atom_site.auth_asym_id 
_atom_site.auth_atom_id 
_atom_site.pdbx_PDB_model_num 
ATOM   1    N  N   . GLY A 1 4   ? 19.323  -3.309  17.659  1.00 36.41 ? 1983 GLY A N   1 
ATOM   2    C  CA  . GLY A 1 4   ? 18.450  -4.393  18.303  1.00 38.10 ? 1983 GLY A CA  1 
ATOM   3    C  C   . GLY A 1 4   ? 17.042  -3.814  18.630  1.00 39.39 ? 1983 GLY A C   1 
ATOM   4    O  O   . GLY A 1 4   ? 16.177  -3.622  17.758  1.00 38.33 ? 1983 GLY A O   1 
ATOM   5    N  N   . THR A 1 5   ? 16.820  -3.470  19.895  1.00 39.19 ? 1984 THR A N   1 
ATOM   6    C  CA  . THR A 1 5   ? 15.775  -2.516  20.236  1.00 39.79 ? 1984 THR A CA  1 
ATOM   7    C  C   . THR A 1 5   ? 16.154  -1.142  19.658  1.00 39.16 ? 1984 THR A C   1 
ATOM   8    O  O   . THR A 1 5   ? 15.286  -0.348  19.373  1.00 38.48 ? 1984 THR A O   1 
ATOM   9    C  CB  . THR A 1 5   ? 15.459  -2.479  21.777  1.00 40.54 ? 1984 THR A CB  1 
ATOM   10   O  OG1 . THR A 1 5   ? 16.676  -2.556  22.476  1.00 41.14 ? 1984 THR A OG1 1 
ATOM   11   C  CG2 . THR A 1 5   ? 14.667  -3.735  22.236  1.00 42.90 ? 1984 THR A CG2 1 
ATOM   12   N  N   . GLN A 1 6   ? 17.433  -0.871  19.386  1.00 39.17 ? 1985 GLN A N   1 
ATOM   13   C  CA  . GLN A 1 6   ? 17.763  0.378   18.670  1.00 38.68 ? 1985 GLN A CA  1 
ATOM   14   C  C   . GLN A 1 6   ? 17.236  0.431   17.202  1.00 38.13 ? 1985 GLN A C   1 
ATOM   15   O  O   . GLN A 1 6   ? 16.757  1.478   16.724  1.00 37.27 ? 1985 GLN A O   1 
ATOM   16   C  CB  . GLN A 1 6   ? 19.270  0.641   18.694  1.00 39.11 ? 1985 GLN A CB  1 
ATOM   17   N  N   . ALA A 1 7   ? 17.395  -0.680  16.475  1.00 36.67 ? 1986 ALA A N   1 
ATOM   18   C  CA  . ALA A 1 7   ? 16.901  -0.741  15.086  1.00 35.69 ? 1986 ALA A CA  1 
ATOM   19   C  C   . ALA A 1 7   ? 15.385  -0.578  15.041  1.00 34.46 ? 1986 ALA A C   1 
ATOM   20   O  O   . ALA A 1 7   ? 14.865  -0.005  14.097  1.00 33.98 ? 1986 ALA A O   1 
ATOM   21   C  CB  . ALA A 1 7   ? 17.335  -2.046  14.417  1.00 36.35 ? 1986 ALA A CB  1 
ATOM   22   N  N   . CYS A 1 8   ? 14.688  -1.080  16.060  1.00 33.57 ? 1987 CYS A N   1 
ATOM   23   C  CA  . CYS A 1 8   ? 13.236  -0.844  16.201  1.00 34.11 ? 1987 CYS A CA  1 
ATOM   24   C  C   . CYS A 1 8   ? 12.919  0.622   16.381  1.00 34.31 ? 1987 CYS A C   1 
ATOM   25   O  O   . CYS A 1 8   ? 11.949  1.132   15.805  1.00 32.86 ? 1987 CYS A O   1 
ATOM   26   C  CB  . CYS A 1 8   ? 12.608  -1.610  17.372  1.00 33.94 ? 1987 CYS A CB  1 
ATOM   27   S  SG  . CYS A 1 8   ? 12.389  -3.363  17.063  1.00 32.58 ? 1987 CYS A SG  1 
ATOM   28   N  N   . ILE A 1 9   ? 13.730  1.308   17.173  1.00 34.40 ? 1988 ILE A N   1 
ATOM   29   C  CA  . ILE A 1 9   ? 13.580  2.763   17.275  1.00 35.52 ? 1988 ILE A CA  1 
ATOM   30   C  C   . ILE A 1 9   ? 13.827  3.509   15.970  1.00 35.68 ? 1988 ILE A C   1 
ATOM   31   O  O   . ILE A 1 9   ? 13.022  4.359   15.591  1.00 36.12 ? 1988 ILE A O   1 
ATOM   32   C  CB  . ILE A 1 9   ? 14.445  3.358   18.403  1.00 36.22 ? 1988 ILE A CB  1 
ATOM   33   C  CG1 . ILE A 1 9   ? 13.892  2.875   19.750  1.00 36.05 ? 1988 ILE A CG1 1 
ATOM   34   C  CG2 . ILE A 1 9   ? 14.498  4.936   18.270  1.00 37.74 ? 1988 ILE A CG2 1 
ATOM   35   C  CD1 . ILE A 1 9   ? 14.813  3.206   21.003  1.00 40.19 ? 1988 ILE A CD1 1 
ATOM   36   N  N   . ASN A 1 10  ? 14.925  3.224   15.271  1.00 34.83 ? 1989 ASN A N   1 
ATOM   37   C  CA  . ASN A 1 10  ? 15.125  3.807   13.943  1.00 34.69 ? 1989 ASN A CA  1 
ATOM   38   C  C   . ASN A 1 10  ? 14.003  3.512   12.920  1.00 33.46 ? 1989 ASN A C   1 
ATOM   39   O  O   . ASN A 1 10  ? 13.621  4.382   12.120  1.00 31.50 ? 1989 ASN A O   1 
ATOM   40   C  CB  . ASN A 1 10  ? 16.465  3.368   13.377  1.00 36.05 ? 1989 ASN A CB  1 
ATOM   41   C  CG  . ASN A 1 10  ? 17.631  3.823   14.267  1.00 40.36 ? 1989 ASN A CG  1 
ATOM   42   O  OD1 . ASN A 1 10  ? 17.431  4.463   15.321  1.00 44.41 ? 1989 ASN A OD1 1 
ATOM   43   N  ND2 . ASN A 1 10  ? 18.826  3.483   13.866  1.00 41.83 ? 1989 ASN A ND2 1 
ATOM   44   N  N   . ALA A 1 11  ? 13.516  2.279   12.967  1.00 32.38 ? 1990 ALA A N   1 
ATOM   45   C  CA  . ALA A 1 11  ? 12.382  1.865   12.162  1.00 32.51 ? 1990 ALA A CA  1 
ATOM   46   C  C   . ALA A 1 11  ? 11.218  2.845   12.398  1.00 31.78 ? 1990 ALA A C   1 
ATOM   47   O  O   . ALA A 1 11  ? 10.676  3.376   11.425  1.00 32.71 ? 1990 ALA A O   1 
ATOM   48   C  CB  . ALA A 1 11  ? 11.965  0.418   12.490  1.00 32.59 ? 1990 ALA A CB  1 
ATOM   49   N  N   . ALA A 1 12  ? 10.860  3.105   13.662  1.00 31.60 ? 1991 ALA A N   1 
ATOM   50   C  CA  . ALA A 1 12  ? 9.762   4.038   13.991  1.00 31.88 ? 1991 ALA A CA  1 
ATOM   51   C  C   . ALA A 1 12  ? 9.862   5.404   13.279  1.00 31.30 ? 1991 ALA A C   1 
ATOM   52   O  O   . ALA A 1 12  ? 8.861   5.896   12.731  1.00 29.77 ? 1991 ALA A O   1 
ATOM   53   C  CB  . ALA A 1 12  ? 9.596   4.234   15.547  1.00 33.61 ? 1991 ALA A CB  1 
ATOM   54   N  N   . HIS A 1 13  ? 11.048  5.996   13.257  1.00 30.01 ? 1992 HIS A N   1 
ATOM   55   C  CA  . HIS A 1 13  ? 11.262  7.267   12.551  1.00 31.46 ? 1992 HIS A CA  1 
ATOM   56   C  C   . HIS A 1 13  ? 10.985  7.190   11.047  1.00 29.76 ? 1992 HIS A C   1 
ATOM   57   O  O   . HIS A 1 13  ? 10.318  8.053   10.472  1.00 29.85 ? 1992 HIS A O   1 
ATOM   58   C  CB  . HIS A 1 13  ? 12.728  7.752   12.696  1.00 32.47 ? 1992 HIS A CB  1 
ATOM   59   C  CG  . HIS A 1 13  ? 13.122  8.099   14.094  1.00 39.87 ? 1992 HIS A CG  1 
ATOM   60   N  ND1 . HIS A 1 13  ? 12.772  9.289   14.691  1.00 46.35 ? 1992 HIS A ND1 1 
ATOM   61   C  CD2 . HIS A 1 13  ? 13.851  7.416   15.016  1.00 46.95 ? 1992 HIS A CD2 1 
ATOM   62   C  CE1 . HIS A 1 13  ? 13.274  9.330   15.916  1.00 47.36 ? 1992 HIS A CE1 1 
ATOM   63   N  NE2 . HIS A 1 13  ? 13.917  8.197   16.146  1.00 48.39 ? 1992 HIS A NE2 1 
ATOM   64   N  N   . THR A 1 14  ? 11.566  6.189   10.405  1.00 27.71 ? 1993 THR A N   1 
ATOM   65   C  CA  . THR A 1 14  ? 11.398  5.994   8.975   1.00 26.99 ? 1993 THR A CA  1 
ATOM   66   C  C   . THR A 1 14  ? 9.902   5.827   8.664   1.00 25.89 ? 1993 THR A C   1 
ATOM   67   O  O   . THR A 1 14  ? 9.388   6.506   7.761   1.00 25.59 ? 1993 THR A O   1 
ATOM   68   C  CB  . THR A 1 14  ? 12.136  4.753   8.519   1.00 26.60 ? 1993 THR A CB  1 
ATOM   69   O  OG1 . THR A 1 14  ? 13.480  4.828   8.991   1.00 31.34 ? 1993 THR A OG1 1 
ATOM   70   C  CG2 . THR A 1 14  ? 12.189  4.678   6.974   1.00 27.03 ? 1993 THR A CG2 1 
ATOM   71   N  N   . VAL A 1 15  ? 9.228   4.928   9.402   1.00 24.64 ? 1994 VAL A N   1 
ATOM   72   C  CA  . VAL A 1 15  ? 7.781   4.657   9.166   1.00 23.86 ? 1994 VAL A CA  1 
ATOM   73   C  C   . VAL A 1 15  ? 6.946   5.967   9.305   1.00 24.09 ? 1994 VAL A C   1 
ATOM   74   O  O   . VAL A 1 15  ? 6.081   6.260   8.503   1.00 24.23 ? 1994 VAL A O   1 
ATOM   75   C  CB  . VAL A 1 15  ? 7.268   3.497   10.098  1.00 24.18 ? 1994 VAL A CB  1 
ATOM   76   C  CG1 . VAL A 1 15  ? 5.739   3.444   10.117  1.00 24.43 ? 1994 VAL A CG1 1 
ATOM   77   C  CG2 . VAL A 1 15  ? 7.838   2.194   9.681   1.00 21.98 ? 1994 VAL A CG2 1 
ATOM   78   N  N   . SER A 1 16  ? 7.232   6.752   10.327  1.00 24.31 ? 1995 SER A N   1 
ATOM   79   C  CA  . SER A 1 16  ? 6.603   8.068   10.544  1.00 25.90 ? 1995 SER A CA  1 
ATOM   80   C  C   . SER A 1 16  ? 6.762   9.020   9.371   1.00 25.26 ? 1995 SER A C   1 
ATOM   81   O  O   . SER A 1 16  ? 5.787   9.619   8.928   1.00 25.23 ? 1995 SER A O   1 
ATOM   82   C  CB  . SER A 1 16  ? 7.202   8.721   11.802  1.00 25.43 ? 1995 SER A CB  1 
ATOM   83   O  OG  . SER A 1 16  ? 6.251   8.658   12.839  1.00 35.11 ? 1995 SER A OG  1 
ATOM   84   N  N   . GLY A 1 17  ? 7.993   9.173   8.858   1.00 24.45 ? 1996 GLY A N   1 
ATOM   85   C  CA  . GLY A 1 17  ? 8.190   9.955   7.625   1.00 24.99 ? 1996 GLY A CA  1 
ATOM   86   C  C   . GLY A 1 17  ? 7.463   9.395   6.403   1.00 25.46 ? 1996 GLY A C   1 
ATOM   87   O  O   . GLY A 1 17  ? 6.947   10.148  5.553   1.00 23.42 ? 1996 GLY A O   1 
ATOM   88   N  N   . ILE A 1 18  ? 7.392   8.054   6.299   1.00 24.92 ? 1997 ILE A N   1 
ATOM   89   C  CA  . ILE A 1 18  ? 6.652   7.472   5.168   1.00 23.02 ? 1997 ILE A CA  1 
ATOM   90   C  C   . ILE A 1 18  ? 5.182   7.895   5.237   1.00 22.46 ? 1997 ILE A C   1 
ATOM   91   O  O   . ILE A 1 18  ? 4.581   8.353   4.229   1.00 23.71 ? 1997 ILE A O   1 
ATOM   92   C  CB  . ILE A 1 18  ? 6.814   5.861   5.073   1.00 23.03 ? 1997 ILE A CB  1 
ATOM   93   C  CG1 . ILE A 1 18  ? 8.269   5.498   4.622   1.00 23.16 ? 1997 ILE A CG1 1 
ATOM   94   C  CG2 . ILE A 1 18  ? 5.751   5.320   4.130   1.00 19.84 ? 1997 ILE A CG2 1 
ATOM   95   C  CD1 . ILE A 1 18  ? 8.639   4.017   4.800   1.00 21.48 ? 1997 ILE A CD1 1 
ATOM   96   N  N   . ILE A 1 19  ? 4.621   7.769   6.417   1.00 22.63 ? 1998 ILE A N   1 
ATOM   97   C  CA  . ILE A 1 19  ? 3.214   8.134   6.634   1.00 23.20 ? 1998 ILE A CA  1 
ATOM   98   C  C   . ILE A 1 19  ? 3.010   9.614   6.330   1.00 23.15 ? 1998 ILE A C   1 
ATOM   99   O  O   . ILE A 1 19  ? 2.022   9.974   5.682   1.00 22.88 ? 1998 ILE A O   1 
ATOM   100  C  CB  . ILE A 1 19  ? 2.783   7.787   8.045   1.00 22.77 ? 1998 ILE A CB  1 
ATOM   101  C  CG1 . ILE A 1 19  ? 2.662   6.250   8.117   1.00 24.48 ? 1998 ILE A CG1 1 
ATOM   102  C  CG2 . ILE A 1 19  ? 1.393   8.456   8.433   1.00 24.98 ? 1998 ILE A CG2 1 
ATOM   103  C  CD1 . ILE A 1 19  ? 2.694   5.635   9.514   1.00 25.28 ? 1998 ILE A CD1 1 
ATOM   104  N  N   . GLY A 1 20  ? 3.918   10.473  6.801   1.00 23.70 ? 1999 GLY A N   1 
ATOM   105  C  CA  . GLY A 1 20  ? 3.836   11.924  6.478   1.00 24.38 ? 1999 GLY A CA  1 
ATOM   106  C  C   . GLY A 1 20  ? 3.813   12.182  4.993   1.00 24.22 ? 1999 GLY A C   1 
ATOM   107  O  O   . GLY A 1 20  ? 2.975   12.966  4.525   1.00 24.05 ? 1999 GLY A O   1 
ATOM   108  N  N   . ASP A 1 21  ? 4.647   11.468  4.228   1.00 22.25 ? 2000 ASP A N   1 
ATOM   109  C  CA  . ASP A 1 21  ? 4.706   11.625  2.792   1.00 24.05 ? 2000 ASP A CA  1 
ATOM   110  C  C   . ASP A 1 21  ? 3.414   11.116  2.101   1.00 22.76 ? 2000 ASP A C   1 
ATOM   111  O  O   . ASP A 1 21  ? 2.959   11.724  1.131   1.00 21.34 ? 2000 ASP A O   1 
ATOM   112  C  CB  . ASP A 1 21  ? 5.940   10.902  2.187   1.00 24.39 ? 2000 ASP A CB  1 
ATOM   113  C  CG  . ASP A 1 21  ? 5.980   10.985  0.628   1.00 31.73 ? 2000 ASP A CG  1 
ATOM   114  O  OD1 . ASP A 1 21  ? 6.207   12.071  0.043   1.00 35.82 ? 2000 ASP A OD1 1 
ATOM   115  O  OD2 . ASP A 1 21  ? 5.732   9.948   -0.040  1.00 39.10 ? 2000 ASP A OD2 1 
ATOM   116  N  N   . LEU A 1 22  ? 2.857   10.009  2.605   1.00 20.15 ? 2001 LEU A N   1 
ATOM   117  C  CA  . LEU A 1 22  ? 1.583   9.524   2.096   1.00 20.08 ? 2001 LEU A CA  1 
ATOM   118  C  C   . LEU A 1 22  ? 0.479   10.562  2.367   1.00 19.99 ? 2001 LEU A C   1 
ATOM   119  O  O   . LEU A 1 22  ? -0.349  10.749  1.513   1.00 21.04 ? 2001 LEU A O   1 
ATOM   120  C  CB  . LEU A 1 22  ? 1.234   8.146   2.665   1.00 18.09 ? 2001 LEU A CB  1 
ATOM   121  C  CG  . LEU A 1 22  ? 2.252   7.035   2.247   1.00 16.35 ? 2001 LEU A CG  1 
ATOM   122  C  CD1 . LEU A 1 22  ? 2.006   5.756   3.131   1.00 21.41 ? 2001 LEU A CD1 1 
ATOM   123  C  CD2 . LEU A 1 22  ? 2.167   6.796   0.804   1.00 16.95 ? 2001 LEU A CD2 1 
ATOM   124  N  N   . ASP A 1 23  ? 0.425   11.136  3.562   1.00 23.02 ? 2002 ASP A N   1 
ATOM   125  C  CA  . ASP A 1 23  ? -0.555  12.181  3.855   1.00 23.94 ? 2002 ASP A CA  1 
ATOM   126  C  C   . ASP A 1 23  ? -0.494  13.347  2.878   1.00 23.47 ? 2002 ASP A C   1 
ATOM   127  O  O   . ASP A 1 23  ? -1.546  13.791  2.387   1.00 24.26 ? 2002 ASP A O   1 
ATOM   128  C  CB  . ASP A 1 23  ? -0.431  12.690  5.269   1.00 23.63 ? 2002 ASP A CB  1 
ATOM   129  C  CG  . ASP A 1 23  ? -1.037  11.770  6.242   1.00 29.53 ? 2002 ASP A CG  1 
ATOM   130  O  OD1 . ASP A 1 23  ? -2.053  11.120  5.889   1.00 33.82 ? 2002 ASP A OD1 1 
ATOM   131  O  OD2 . ASP A 1 23  ? -0.528  11.732  7.381   1.00 33.78 ? 2002 ASP A OD2 1 
ATOM   132  N  N   . THR A 1 24  ? 0.715   13.786  2.529   1.00 23.94 ? 2003 THR A N   1 
ATOM   133  C  CA  . THR A 1 24  ? 0.938   14.799  1.480   1.00 24.74 ? 2003 THR A CA  1 
ATOM   134  C  C   . THR A 1 24  ? 0.456   14.402  0.067   1.00 24.59 ? 2003 THR A C   1 
ATOM   135  O  O   . THR A 1 24  ? -0.188  15.187  -0.661  1.00 23.05 ? 2003 THR A O   1 
ATOM   136  C  CB  . THR A 1 24  ? 2.429   15.121  1.450   1.00 24.35 ? 2003 THR A CB  1 
ATOM   137  O  OG1 . THR A 1 24  ? 2.686   15.653  2.738   1.00 27.31 ? 2003 THR A OG1 1 
ATOM   138  C  CG2 . THR A 1 24  ? 2.760   16.178  0.424   1.00 27.06 ? 2003 THR A CG2 1 
ATOM   139  N  N   . THR A 1 25  ? 0.763   13.167  -0.308  1.00 21.73 ? 2004 THR A N   1 
ATOM   140  C  CA  . THR A 1 25  ? 0.287   12.647  -1.569  1.00 21.86 ? 2004 THR A CA  1 
ATOM   141  C  C   . THR A 1 25  ? -1.246  12.603  -1.624  1.00 20.26 ? 2004 THR A C   1 
ATOM   142  O  O   . THR A 1 25  ? -1.813  12.859  -2.664  1.00 23.39 ? 2004 THR A O   1 
ATOM   143  C  CB  . THR A 1 25  ? 0.899   11.262  -1.792  1.00 21.76 ? 2004 THR A CB  1 
ATOM   144  O  OG1 . THR A 1 25  ? 2.326   11.354  -1.552  1.00 22.88 ? 2004 THR A OG1 1 
ATOM   145  C  CG2 . THR A 1 25  ? 0.674   10.821  -3.206  1.00 23.39 ? 2004 THR A CG2 1 
ATOM   146  N  N   . ILE A 1 26  ? -1.893  12.177  -0.544  1.00 21.38 ? 2005 ILE A N   1 
ATOM   147  C  CA  . ILE A 1 26  ? -3.362  12.102  -0.499  1.00 23.42 ? 2005 ILE A CA  1 
ATOM   148  C  C   . ILE A 1 26  ? -3.908  13.516  -0.704  1.00 24.25 ? 2005 ILE A C   1 
ATOM   149  O  O   . ILE A 1 26  ? -4.862  13.687  -1.450  1.00 23.18 ? 2005 ILE A O   1 
ATOM   150  C  CB  . ILE A 1 26  ? -3.875  11.486  0.859   1.00 23.93 ? 2005 ILE A CB  1 
ATOM   151  C  CG1 . ILE A 1 26  ? -3.673  9.944   0.828   1.00 21.12 ? 2005 ILE A CG1 1 
ATOM   152  C  CG2 . ILE A 1 26  ? -5.353  11.808  1.135   1.00 26.54 ? 2005 ILE A CG2 1 
ATOM   153  C  CD1 . ILE A 1 26  ? -3.639  9.300   2.200   1.00 20.97 ? 2005 ILE A CD1 1 
HETATM 154  N  N   . MSE A 1 27  ? -3.306  14.505  -0.026  1.00 23.63 ? 2006 MSE A N   1 
HETATM 155  C  CA  . MSE A 1 27  ? -3.620  15.918  -0.330  1.00 25.62 ? 2006 MSE A CA  1 
HETATM 156  C  C   . MSE A 1 27  ? -3.588  16.279  -1.818  1.00 24.06 ? 2006 MSE A C   1 
HETATM 157  O  O   . MSE A 1 27  ? -4.618  16.780  -2.328  1.00 25.72 ? 2006 MSE A O   1 
HETATM 158  C  CB  . MSE A 1 27  ? -2.799  16.879  0.567   1.00 25.94 ? 2006 MSE A CB  1 
HETATM 159  C  CG  . MSE A 1 27  ? -3.374  18.291  0.552   1.00 31.10 ? 2006 MSE A CG  1 
HETATM 160  SE SE  . MSE A 1 27  ? -2.314  19.315  1.814   1.00 35.85 ? 2006 MSE A SE  1 
HETATM 161  C  CE  . MSE A 1 27  ? -0.616  19.224  0.896   1.00 24.79 ? 2006 MSE A CE  1 
ATOM   162  N  N   . PHE A 1 28  ? -2.492  15.998  -2.546  1.00 22.60 ? 2007 PHE A N   1 
ATOM   163  C  CA  . PHE A 1 28  ? -2.464  16.250  -3.969  1.00 23.73 ? 2007 PHE A CA  1 
ATOM   164  C  C   . PHE A 1 28  ? -3.556  15.500  -4.727  1.00 23.90 ? 2007 PHE A C   1 
ATOM   165  O  O   . PHE A 1 28  ? -4.208  16.056  -5.603  1.00 22.35 ? 2007 PHE A O   1 
ATOM   166  C  CB  . PHE A 1 28  ? -1.094  15.964  -4.613  1.00 23.16 ? 2007 PHE A CB  1 
ATOM   167  C  CG  . PHE A 1 28  ? 0.064   16.684  -3.951  1.00 29.27 ? 2007 PHE A CG  1 
ATOM   168  C  CD1 . PHE A 1 28  ? -0.154  17.817  -3.139  1.00 34.31 ? 2007 PHE A CD1 1 
ATOM   169  C  CD2 . PHE A 1 28  ? 1.354   16.254  -4.134  1.00 33.37 ? 2007 PHE A CD2 1 
ATOM   170  C  CE1 . PHE A 1 28  ? 0.922   18.488  -2.496  1.00 36.25 ? 2007 PHE A CE1 1 
ATOM   171  C  CE2 . PHE A 1 28  ? 2.454   16.941  -3.517  1.00 37.99 ? 2007 PHE A CE2 1 
ATOM   172  C  CZ  . PHE A 1 28  ? 2.225   18.054  -2.713  1.00 35.67 ? 2007 PHE A CZ  1 
ATOM   173  N  N   . ALA A 1 29  ? -3.775  14.224  -4.380  1.00 23.05 ? 2008 ALA A N   1 
ATOM   174  C  CA  . ALA A 1 29  ? -4.812  13.440  -5.050  1.00 22.98 ? 2008 ALA A CA  1 
ATOM   175  C  C   . ALA A 1 29  ? -6.206  14.051  -4.861  1.00 23.76 ? 2008 ALA A C   1 
ATOM   176  O  O   . ALA A 1 29  ? -6.955  14.160  -5.833  1.00 25.10 ? 2008 ALA A O   1 
ATOM   177  C  CB  . ALA A 1 29  ? -4.786  11.920  -4.548  1.00 21.54 ? 2008 ALA A CB  1 
ATOM   178  N  N   . THR A 1 30  ? -6.530  14.426  -3.628  1.00 25.30 ? 2009 THR A N   1 
ATOM   179  C  CA  . THR A 1 30  ? -7.829  15.010  -3.230  1.00 29.17 ? 2009 THR A CA  1 
ATOM   180  C  C   . THR A 1 30  ? -8.071  16.272  -4.029  1.00 31.47 ? 2009 THR A C   1 
ATOM   181  O  O   . THR A 1 30  ? -9.184  16.509  -4.495  1.00 34.51 ? 2009 THR A O   1 
ATOM   182  C  CB  . THR A 1 30  ? -7.893  15.308  -1.677  1.00 28.72 ? 2009 THR A CB  1 
ATOM   183  O  OG1 . THR A 1 30  ? -7.883  14.076  -0.957  1.00 30.24 ? 2009 THR A OG1 1 
ATOM   184  C  CG2 . THR A 1 30  ? -9.174  16.078  -1.257  1.00 32.28 ? 2009 THR A CG2 1 
ATOM   185  N  N   . ALA A 1 31  ? -7.026  17.059  -4.237  1.00 32.65 ? 2010 ALA A N   1 
ATOM   186  C  CA  . ALA A 1 31  ? -7.137  18.299  -4.991  1.00 34.75 ? 2010 ALA A CA  1 
ATOM   187  C  C   . ALA A 1 31  ? -7.160  18.138  -6.538  1.00 35.60 ? 2010 ALA A C   1 
ATOM   188  O  O   . ALA A 1 31  ? -7.134  19.147  -7.268  1.00 35.21 ? 2010 ALA A O   1 
ATOM   189  C  CB  . ALA A 1 31  ? -6.002  19.172  -4.595  1.00 34.21 ? 2010 ALA A CB  1 
ATOM   190  N  N   . GLY A 1 32  ? -7.166  16.893  -7.031  1.00 35.32 ? 2011 GLY A N   1 
ATOM   191  C  CA  . GLY A 1 32  ? -7.197  16.623  -8.466  1.00 34.82 ? 2011 GLY A CA  1 
ATOM   192  C  C   . GLY A 1 32  ? -5.898  16.988  -9.134  1.00 34.66 ? 2011 GLY A C   1 
ATOM   193  O  O   . GLY A 1 32  ? -5.848  17.210  -10.324 1.00 35.55 ? 2011 GLY A O   1 
ATOM   194  N  N   . THR A 1 33  ? -4.829  17.030  -8.375  1.00 34.81 ? 2012 THR A N   1 
ATOM   195  C  CA  . THR A 1 33  ? -3.546  17.432  -8.928  1.00 36.09 ? 2012 THR A CA  1 
ATOM   196  C  C   . THR A 1 33  ? -2.450  16.334  -8.962  1.00 35.43 ? 2012 THR A C   1 
ATOM   197  O  O   . THR A 1 33  ? -1.279  16.620  -9.219  1.00 36.21 ? 2012 THR A O   1 
ATOM   198  C  CB  . THR A 1 33  ? -3.017  18.655  -8.135  1.00 37.91 ? 2012 THR A CB  1 
ATOM   199  O  OG1 . THR A 1 33  ? -2.514  18.203  -6.884  1.00 41.89 ? 2012 THR A OG1 1 
ATOM   200  C  CG2 . THR A 1 33  ? -4.133  19.722  -7.875  1.00 38.42 ? 2012 THR A CG2 1 
ATOM   201  N  N   . LEU A 1 34  ? -2.791  15.071  -8.671  1.00 33.11 ? 2013 LEU A N   1 
ATOM   202  C  CA  . LEU A 1 34  ? -1.823  13.981  -8.809  1.00 30.78 ? 2013 LEU A CA  1 
ATOM   203  C  C   . LEU A 1 34  ? -1.946  13.368  -10.225 1.00 32.17 ? 2013 LEU A C   1 
ATOM   204  O  O   . LEU A 1 34  ? -2.756  12.448  -10.457 1.00 29.80 ? 2013 LEU A O   1 
ATOM   205  C  CB  . LEU A 1 34  ? -2.066  12.910  -7.695  1.00 29.40 ? 2013 LEU A CB  1 
ATOM   206  C  CG  . LEU A 1 34  ? -1.012  11.830  -7.490  1.00 26.72 ? 2013 LEU A CG  1 
ATOM   207  C  CD1 . LEU A 1 34  ? 0.287   12.471  -6.990  1.00 26.64 ? 2013 LEU A CD1 1 
ATOM   208  C  CD2 . LEU A 1 34  ? -1.441  10.666  -6.508  1.00 23.58 ? 2013 LEU A CD2 1 
ATOM   209  N  N   . HIS A 1 35  ? -1.136  13.857  -11.182 1.00 34.13 ? 2014 HIS A N   1 
ATOM   210  C  CA  . HIS A 1 35  ? -1.231  13.449  -12.593 1.00 36.11 ? 2014 HIS A CA  1 
ATOM   211  C  C   . HIS A 1 35  ? -0.289  12.290  -12.934 1.00 38.07 ? 2014 HIS A C   1 
ATOM   212  O  O   . HIS A 1 35  ? 0.707   12.082  -12.226 1.00 37.18 ? 2014 HIS A O   1 
ATOM   213  C  CB  . HIS A 1 35  ? -0.945  14.662  -13.498 1.00 36.55 ? 2014 HIS A CB  1 
ATOM   214  C  CG  . HIS A 1 35  ? -1.887  15.801  -13.280 1.00 39.19 ? 2014 HIS A CG  1 
ATOM   215  N  ND1 . HIS A 1 35  ? -1.481  17.028  -12.804 1.00 42.71 ? 2014 HIS A ND1 1 
ATOM   216  C  CD2 . HIS A 1 35  ? -3.230  15.894  -13.451 1.00 41.42 ? 2014 HIS A CD2 1 
ATOM   217  C  CE1 . HIS A 1 35  ? -2.530  17.829  -12.692 1.00 43.41 ? 2014 HIS A CE1 1 
ATOM   218  N  NE2 . HIS A 1 35  ? -3.606  17.162  -13.071 1.00 42.45 ? 2014 HIS A NE2 1 
ATOM   219  N  N   . SER A 1 36  ? -0.610  11.514  -13.993 1.00 39.33 ? 2015 SER A N   1 
ATOM   220  C  CA  . SER A 1 36  ? 0.355   10.513  -14.525 1.00 42.52 ? 2015 SER A CA  1 
ATOM   221  C  C   . SER A 1 36  ? 1.579   11.243  -15.130 1.00 43.73 ? 2015 SER A C   1 
ATOM   222  O  O   . SER A 1 36  ? 1.419   12.324  -15.719 1.00 44.93 ? 2015 SER A O   1 
ATOM   223  C  CB  . SER A 1 36  ? -0.276  9.602   -15.588 1.00 41.93 ? 2015 SER A CB  1 
ATOM   224  O  OG  . SER A 1 36  ? -1.680  9.635   -15.499 1.00 44.97 ? 2015 SER A OG  1 
ATOM   225  N  N   . ASP A 1 37  ? 2.771   10.664  -14.969 1.00 45.08 ? 2016 ASP A N   1 
ATOM   226  C  CA  . ASP A 1 37  ? 4.010   11.222  -15.511 1.00 45.67 ? 2016 ASP A CA  1 
ATOM   227  C  C   . ASP A 1 37  ? 4.727   10.218  -16.398 1.00 46.31 ? 2016 ASP A C   1 
ATOM   228  O  O   . ASP A 1 37  ? 5.524   9.414   -15.881 1.00 48.29 ? 2016 ASP A O   1 
ATOM   229  C  CB  . ASP A 1 37  ? 4.941   11.630  -14.374 1.00 46.21 ? 2016 ASP A CB  1 
ATOM   230  N  N   . SER A 1 41  ? 2.235   1.490   -16.617 1.00 41.56 ? 2020 SER A N   1 
ATOM   231  C  CA  . SER A 1 41  ? 0.791   1.220   -16.609 1.00 40.66 ? 2020 SER A CA  1 
ATOM   232  C  C   . SER A 1 41  ? 0.332   0.861   -15.191 1.00 39.57 ? 2020 SER A C   1 
ATOM   233  O  O   . SER A 1 41  ? 1.190   0.490   -14.374 1.00 40.20 ? 2020 SER A O   1 
ATOM   234  C  CB  . SER A 1 41  ? 0.539   0.033   -17.517 1.00 41.54 ? 2020 SER A CB  1 
ATOM   235  O  OG  . SER A 1 41  ? 1.270   -1.103  -17.065 1.00 42.84 ? 2020 SER A OG  1 
ATOM   236  N  N   . PHE A 1 42  ? -0.971  0.930   -14.861 1.00 37.77 ? 2021 PHE A N   1 
ATOM   237  C  CA  . PHE A 1 42  ? -1.414  0.375   -13.528 1.00 35.39 ? 2021 PHE A CA  1 
ATOM   238  C  C   . PHE A 1 42  ? -1.007  -1.086  -13.360 1.00 34.30 ? 2021 PHE A C   1 
ATOM   239  O  O   . PHE A 1 42  ? -0.566  -1.465  -12.278 1.00 31.44 ? 2021 PHE A O   1 
ATOM   240  C  CB  . PHE A 1 42  ? -2.910  0.560   -13.181 1.00 34.17 ? 2021 PHE A CB  1 
ATOM   241  C  CG  . PHE A 1 42  ? -3.203  0.329   -11.719 1.00 34.10 ? 2021 PHE A CG  1 
ATOM   242  C  CD1 . PHE A 1 42  ? -2.816  1.257   -10.764 1.00 29.76 ? 2021 PHE A CD1 1 
ATOM   243  C  CD2 . PHE A 1 42  ? -3.824  -0.849  -11.281 1.00 35.10 ? 2021 PHE A CD2 1 
ATOM   244  C  CE1 . PHE A 1 42  ? -3.038  1.041   -9.393  1.00 29.41 ? 2021 PHE A CE1 1 
ATOM   245  C  CE2 . PHE A 1 42  ? -4.069  -1.056  -9.926  1.00 32.06 ? 2021 PHE A CE2 1 
ATOM   246  C  CZ  . PHE A 1 42  ? -3.666  -0.121  -8.988  1.00 34.21 ? 2021 PHE A CZ  1 
ATOM   247  N  N   . ALA A 1 43  ? -1.139  -1.881  -14.438 1.00 34.58 ? 2022 ALA A N   1 
ATOM   248  C  CA  . ALA A 1 43  ? -0.709  -3.288  -14.454 1.00 36.37 ? 2022 ALA A CA  1 
ATOM   249  C  C   . ALA A 1 43  ? 0.738   -3.511  -13.994 1.00 36.89 ? 2022 ALA A C   1 
ATOM   250  O  O   . ALA A 1 43  ? 0.989   -4.371  -13.153 1.00 37.69 ? 2022 ALA A O   1 
ATOM   251  C  CB  . ALA A 1 43  ? -0.931  -3.921  -15.828 1.00 37.04 ? 2022 ALA A CB  1 
ATOM   252  N  N   . ASP A 1 44  ? 1.667   -2.700  -14.461 1.00 37.33 ? 2023 ASP A N   1 
ATOM   253  C  CA  . ASP A 1 44  ? 3.042   -2.848  -13.968 1.00 38.65 ? 2023 ASP A CA  1 
ATOM   254  C  C   . ASP A 1 44  ? 3.077   -2.720  -12.430 1.00 37.06 ? 2023 ASP A C   1 
ATOM   255  O  O   . ASP A 1 44  ? 3.660   -3.590  -11.694 1.00 36.89 ? 2023 ASP A O   1 
ATOM   256  C  CB  . ASP A 1 44  ? 3.956   -1.781  -14.599 1.00 40.03 ? 2023 ASP A CB  1 
ATOM   257  C  CG  . ASP A 1 44  ? 4.038   -1.875  -16.171 1.00 45.91 ? 2023 ASP A CG  1 
ATOM   258  O  OD1 . ASP A 1 44  ? 3.912   -3.026  -16.724 1.00 49.69 ? 2023 ASP A OD1 1 
ATOM   259  O  OD2 . ASP A 1 44  ? 4.230   -0.790  -16.838 1.00 47.58 ? 2023 ASP A OD2 1 
ATOM   260  N  N   . HIS A 1 45  ? 2.434   -1.658  -11.942 1.00 33.28 ? 2024 HIS A N   1 
ATOM   261  C  CA  . HIS A 1 45  ? 2.520   -1.312  -10.543 1.00 30.44 ? 2024 HIS A CA  1 
ATOM   262  C  C   . HIS A 1 45  ? 1.738   -2.221  -9.633  1.00 29.42 ? 2024 HIS A C   1 
ATOM   263  O  O   . HIS A 1 45  ? 2.184   -2.531  -8.536  1.00 30.30 ? 2024 HIS A O   1 
ATOM   264  C  CB  . HIS A 1 45  ? 2.179   0.173   -10.351 1.00 30.46 ? 2024 HIS A CB  1 
ATOM   265  C  CG  . HIS A 1 45  ? 3.052   1.067   -11.180 1.00 28.13 ? 2024 HIS A CG  1 
ATOM   266  N  ND1 . HIS A 1 45  ? 4.419   1.087   -11.049 1.00 28.45 ? 2024 HIS A ND1 1 
ATOM   267  C  CD2 . HIS A 1 45  ? 2.759   1.941   -12.177 1.00 30.54 ? 2024 HIS A CD2 1 
ATOM   268  C  CE1 . HIS A 1 45  ? 4.937   1.953   -11.908 1.00 31.91 ? 2024 HIS A CE1 1 
ATOM   269  N  NE2 . HIS A 1 45  ? 3.946   2.481   -12.606 1.00 30.98 ? 2024 HIS A NE2 1 
ATOM   270  N  N   . ARG A 1 46  ? 0.582   -2.676  -10.065 1.00 26.90 ? 2025 ARG A N   1 
ATOM   271  C  CA  . ARG A 1 46  ? -0.166  -3.617  -9.296  1.00 25.77 ? 2025 ARG A CA  1 
ATOM   272  C  C   . ARG A 1 46  ? 0.653   -4.880  -8.941  1.00 25.18 ? 2025 ARG A C   1 
ATOM   273  O  O   . ARG A 1 46  ? 0.613   -5.353  -7.823  1.00 22.90 ? 2025 ARG A O   1 
ATOM   274  C  CB  . ARG A 1 46  ? -1.381  -4.046  -10.087 1.00 26.04 ? 2025 ARG A CB  1 
ATOM   275  C  CG  . ARG A 1 46  ? -2.212  -5.076  -9.360  1.00 26.92 ? 2025 ARG A CG  1 
ATOM   276  C  CD  . ARG A 1 46  ? -2.083  -6.443  -10.039 1.00 36.93 ? 2025 ARG A CD  1 
ATOM   277  N  NE  . ARG A 1 46  ? -2.582  -6.299  -11.388 1.00 39.22 ? 2025 ARG A NE  1 
ATOM   278  C  CZ  . ARG A 1 46  ? -2.148  -6.995  -12.423 1.00 43.00 ? 2025 ARG A CZ  1 
ATOM   279  N  NH1 . ARG A 1 46  ? -1.214  -7.935  -12.267 1.00 42.67 ? 2025 ARG A NH1 1 
ATOM   280  N  NH2 . ARG A 1 46  ? -2.665  -6.742  -13.617 1.00 43.14 ? 2025 ARG A NH2 1 
ATOM   281  N  N   . GLU A 1 47  ? 1.361   -5.457  -9.901  1.00 25.43 ? 2026 GLU A N   1 
ATOM   282  C  CA  . GLU A 1 47  ? 2.217   -6.624  -9.611  1.00 26.14 ? 2026 GLU A CA  1 
ATOM   283  C  C   . GLU A 1 47  ? 3.234   -6.332  -8.507  1.00 25.56 ? 2026 GLU A C   1 
ATOM   284  O  O   . GLU A 1 47  ? 3.394   -7.081  -7.552  1.00 25.01 ? 2026 GLU A O   1 
ATOM   285  C  CB  . GLU A 1 47  ? 2.989   -7.033  -10.873 1.00 26.80 ? 2026 GLU A CB  1 
ATOM   286  C  CG  . GLU A 1 47  ? 3.830   -8.280  -10.586 1.00 33.67 ? 2026 GLU A CG  1 
ATOM   287  C  CD  . GLU A 1 47  ? 4.750   -8.785  -11.736 1.00 38.95 ? 2026 GLU A CD  1 
ATOM   288  O  OE1 . GLU A 1 47  ? 5.500   -7.983  -12.369 1.00 37.20 ? 2026 GLU A OE1 1 
ATOM   289  O  OE2 . GLU A 1 47  ? 4.746   -10.035 -11.928 1.00 42.44 ? 2026 GLU A OE2 1 
ATOM   290  N  N   . HIS A 1 48  ? 3.923   -5.229  -8.662  1.00 24.36 ? 2027 HIS A N   1 
ATOM   291  C  CA  . HIS A 1 48  ? 4.916   -4.769  -7.690  1.00 23.78 ? 2027 HIS A CA  1 
ATOM   292  C  C   . HIS A 1 48  ? 4.302   -4.508  -6.289  1.00 22.73 ? 2027 HIS A C   1 
ATOM   293  O  O   . HIS A 1 48  ? 4.843   -4.929  -5.256  1.00 21.67 ? 2027 HIS A O   1 
ATOM   294  C  CB  . HIS A 1 48  ? 5.595   -3.540  -8.269  1.00 22.96 ? 2027 HIS A CB  1 
ATOM   295  C  CG  . HIS A 1 48  ? 6.866   -3.152  -7.566  1.00 22.88 ? 2027 HIS A CG  1 
ATOM   296  N  ND1 . HIS A 1 48  ? 7.454   -1.924  -7.745  1.00 23.15 ? 2027 HIS A ND1 1 
ATOM   297  C  CD2 . HIS A 1 48  ? 7.658   -3.818  -6.688  1.00 24.02 ? 2027 HIS A CD2 1 
ATOM   298  C  CE1 . HIS A 1 48  ? 8.548   -1.835  -7.002  1.00 22.30 ? 2027 HIS A CE1 1 
ATOM   299  N  NE2 . HIS A 1 48  ? 8.701   -2.978  -6.362  1.00 25.92 ? 2027 HIS A NE2 1 
ATOM   300  N  N   . ILE A 1 49  ? 3.178   -3.814  -6.234  1.00 23.20 ? 2028 ILE A N   1 
ATOM   301  C  CA  . ILE A 1 49  ? 2.410   -3.677  -4.984  1.00 22.63 ? 2028 ILE A CA  1 
ATOM   302  C  C   . ILE A 1 49  ? 2.062   -5.061  -4.336  1.00 23.20 ? 2028 ILE A C   1 
ATOM   303  O  O   . ILE A 1 49  ? 2.288   -5.278  -3.120  1.00 23.34 ? 2028 ILE A O   1 
ATOM   304  C  CB  . ILE A 1 49  ? 1.084   -2.935  -5.251  1.00 23.55 ? 2028 ILE A CB  1 
ATOM   305  C  CG1 . ILE A 1 49  ? 1.383   -1.493  -5.681  1.00 21.92 ? 2028 ILE A CG1 1 
ATOM   306  C  CG2 . ILE A 1 49  ? 0.226   -2.892  -3.994  1.00 22.77 ? 2028 ILE A CG2 1 
ATOM   307  C  CD1 . ILE A 1 49  ? 0.193   -0.749  -6.435  1.00 19.49 ? 2028 ILE A CD1 1 
ATOM   308  N  N   . LEU A 1 50  ? 1.507   -5.992  -5.112  1.00 23.32 ? 2029 LEU A N   1 
ATOM   309  C  CA  . LEU A 1 50  ? 1.180   -7.304  -4.547  1.00 24.30 ? 2029 LEU A CA  1 
ATOM   310  C  C   . LEU A 1 50  ? 2.358   -8.104  -4.054  1.00 25.61 ? 2029 LEU A C   1 
ATOM   311  O  O   . LEU A 1 50  ? 2.234   -8.658  -2.961  1.00 25.38 ? 2029 LEU A O   1 
ATOM   312  C  CB  . LEU A 1 50  ? 0.240   -8.139  -5.430  1.00 25.35 ? 2029 LEU A CB  1 
ATOM   313  C  CG  . LEU A 1 50  ? -1.033  -7.433  -5.954  1.00 28.41 ? 2029 LEU A CG  1 
ATOM   314  C  CD1 . LEU A 1 50  ? -1.847  -8.347  -6.929  1.00 33.73 ? 2029 LEU A CD1 1 
ATOM   315  C  CD2 . LEU A 1 50  ? -1.924  -6.877  -4.890  1.00 32.96 ? 2029 LEU A CD2 1 
ATOM   316  N  N   . GLN A 1 51  ? 3.491   -8.143  -4.802  1.00 25.12 ? 2030 GLN A N   1 
ATOM   317  C  CA  . GLN A 1 51  ? 4.728   -8.848  -4.386  1.00 25.87 ? 2030 GLN A CA  1 
ATOM   318  C  C   . GLN A 1 51  ? 5.293   -8.298  -3.105  1.00 24.92 ? 2030 GLN A C   1 
ATOM   319  O  O   . GLN A 1 51  ? 5.655   -9.053  -2.219  1.00 24.16 ? 2030 GLN A O   1 
ATOM   320  C  CB  . GLN A 1 51  ? 5.850   -8.858  -5.475  1.00 26.82 ? 2030 GLN A CB  1 
ATOM   321  C  CG  . GLN A 1 51  ? 5.650   -10.041 -6.465  1.00 34.04 ? 2030 GLN A CG  1 
ATOM   322  C  CD  . GLN A 1 51  ? 6.599   -10.067 -7.713  1.00 41.18 ? 2030 GLN A CD  1 
ATOM   323  O  OE1 . GLN A 1 51  ? 6.885   -9.027  -8.347  1.00 43.21 ? 2030 GLN A OE1 1 
ATOM   324  N  NE2 . GLN A 1 51  ? 7.051   -11.281 -8.077  1.00 42.48 ? 2030 GLN A NE2 1 
ATOM   325  N  N   A THR A 1 52  ? 5.362   -6.972  -3.003  0.50 24.58 ? 2031 THR A N   1 
ATOM   326  N  N   B THR A 1 52  ? 5.329   -6.983  -3.003  0.50 24.22 ? 2031 THR A N   1 
ATOM   327  C  CA  A THR A 1 52  ? 5.805   -6.290  -1.765  0.50 25.01 ? 2031 THR A CA  1 
ATOM   328  C  CA  B THR A 1 52  ? 5.815   -6.313  -1.802  0.50 24.23 ? 2031 THR A CA  1 
ATOM   329  C  C   A THR A 1 52  ? 4.872   -6.545  -0.585  0.50 24.91 ? 2031 THR A C   1 
ATOM   330  C  C   B THR A 1 52  ? 4.878   -6.488  -0.591  0.50 24.50 ? 2031 THR A C   1 
ATOM   331  O  O   A THR A 1 52  ? 5.335   -6.806  0.526   0.50 25.15 ? 2031 THR A O   1 
ATOM   332  O  O   B THR A 1 52  ? 5.348   -6.648  0.536   0.50 24.64 ? 2031 THR A O   1 
ATOM   333  C  CB  A THR A 1 52  ? 6.005   -4.746  -1.963  0.50 24.13 ? 2031 THR A CB  1 
ATOM   334  C  CB  B THR A 1 52  ? 6.099   -4.821  -2.108  0.50 23.27 ? 2031 THR A CB  1 
ATOM   335  O  OG1 A THR A 1 52  ? 4.828   -4.162  -2.549  0.50 25.82 ? 2031 THR A OG1 1 
ATOM   336  O  OG1 B THR A 1 52  ? 6.917   -4.707  -3.295  0.50 23.24 ? 2031 THR A OG1 1 
ATOM   337  C  CG2 A THR A 1 52  ? 7.156   -4.464  -2.892  0.50 25.70 ? 2031 THR A CG2 1 
ATOM   338  C  CG2 B THR A 1 52  ? 6.779   -4.198  -0.980  0.50 23.32 ? 2031 THR A CG2 1 
ATOM   339  N  N   . ALA A 1 53  ? 3.568   -6.453  -0.824  1.00 25.12 ? 2032 ALA A N   1 
ATOM   340  C  CA  . ALA A 1 53  ? 2.561   -6.704  0.216   1.00 26.97 ? 2032 ALA A CA  1 
ATOM   341  C  C   . ALA A 1 53  ? 2.715   -8.087  0.757   1.00 28.90 ? 2032 ALA A C   1 
ATOM   342  O  O   . ALA A 1 53  ? 2.775   -8.271  1.974   1.00 28.69 ? 2032 ALA A O   1 
ATOM   343  C  CB  . ALA A 1 53  ? 1.130   -6.523  -0.325  1.00 28.39 ? 2032 ALA A CB  1 
ATOM   344  N  N   . LYS A 1 54  ? 2.848   -9.080  -0.131  1.00 29.38 ? 2033 LYS A N   1 
ATOM   345  C  CA  . LYS A 1 54  ? 3.159   -10.432 0.328   1.00 30.79 ? 2033 LYS A CA  1 
ATOM   346  C  C   . LYS A 1 54  ? 4.481   -10.560 1.098   1.00 28.72 ? 2033 LYS A C   1 
ATOM   347  O  O   . LYS A 1 54  ? 4.576   -11.281 2.098   1.00 28.24 ? 2033 LYS A O   1 
ATOM   348  C  CB  . LYS A 1 54  ? 3.100   -11.429 -0.844  1.00 32.89 ? 2033 LYS A CB  1 
ATOM   349  C  CG  . LYS A 1 54  ? 1.650   -11.925 -1.133  1.00 38.58 ? 2033 LYS A CG  1 
ATOM   350  C  CD  . LYS A 1 54  ? 1.262   -11.780 -2.649  1.00 48.08 ? 2033 LYS A CD  1 
ATOM   351  C  CE  . LYS A 1 54  ? 0.096   -12.707 -3.065  1.00 50.62 ? 2033 LYS A CE  1 
ATOM   352  N  NZ  . LYS A 1 54  ? -0.478  -12.228 -4.349  1.00 53.12 ? 2033 LYS A NZ  1 
ATOM   353  N  N   . ALA A 1 55  ? 5.530   -9.870  0.654   1.00 27.01 ? 2034 ALA A N   1 
ATOM   354  C  CA  . ALA A 1 55  ? 6.760   -9.828  1.452   1.00 25.55 ? 2034 ALA A CA  1 
ATOM   355  C  C   . ALA A 1 55  ? 6.549   -9.238  2.861   1.00 24.86 ? 2034 ALA A C   1 
ATOM   356  O  O   . ALA A 1 55  ? 7.190   -9.674  3.819   1.00 24.59 ? 2034 ALA A O   1 
ATOM   357  C  CB  . ALA A 1 55  ? 7.943   -9.093  0.675   1.00 24.54 ? 2034 ALA A CB  1 
ATOM   358  N  N   . LEU A 1 56  ? 5.704   -8.231  3.001   1.00 24.15 ? 2035 LEU A N   1 
ATOM   359  C  CA  . LEU A 1 56  ? 5.437   -7.687  4.304   1.00 24.38 ? 2035 LEU A CA  1 
ATOM   360  C  C   . LEU A 1 56  ? 4.778   -8.691  5.254   1.00 25.39 ? 2035 LEU A C   1 
ATOM   361  O  O   . LEU A 1 56  ? 5.003   -8.629  6.438   1.00 24.95 ? 2035 LEU A O   1 
ATOM   362  C  CB  . LEU A 1 56  ? 4.539   -6.460  4.166   1.00 26.22 ? 2035 LEU A CB  1 
ATOM   363  C  CG  . LEU A 1 56  ? 4.687   -5.318  5.152   1.00 27.85 ? 2035 LEU A CG  1 
ATOM   364  C  CD1 . LEU A 1 56  ? 6.124   -4.925  5.478   1.00 24.05 ? 2035 LEU A CD1 1 
ATOM   365  C  CD2 . LEU A 1 56  ? 3.965   -4.120  4.530   1.00 34.26 ? 2035 LEU A CD2 1 
ATOM   366  N  N   . VAL A 1 57  ? 3.946   -9.612  4.755   1.00 23.86 ? 2036 VAL A N   1 
ATOM   367  C  CA  . VAL A 1 57  ? 3.373   -10.634 5.646   1.00 25.31 ? 2036 VAL A CA  1 
ATOM   368  C  C   . VAL A 1 57  ? 4.464   -11.552 6.133   1.00 24.70 ? 2036 VAL A C   1 
ATOM   369  O  O   . VAL A 1 57  ? 4.483   -11.921 7.289   1.00 25.98 ? 2036 VAL A O   1 
ATOM   370  C  CB  . VAL A 1 57  ? 2.201   -11.438 4.940   1.00 25.78 ? 2036 VAL A CB  1 
ATOM   371  C  CG1 . VAL A 1 57  ? 1.671   -12.532 5.877   1.00 28.30 ? 2036 VAL A CG1 1 
ATOM   372  C  CG2 . VAL A 1 57  ? 1.121   -10.421 4.533   1.00 26.36 ? 2036 VAL A CG2 1 
ATOM   373  N  N   . GLU A 1 58  ? 5.372   -11.934 5.256   1.00 24.86 ? 2037 GLU A N   1 
ATOM   374  C  CA  . GLU A 1 58  ? 6.484   -12.739 5.700   1.00 26.43 ? 2037 GLU A CA  1 
ATOM   375  C  C   . GLU A 1 58  ? 7.315   -11.987 6.696   1.00 24.12 ? 2037 GLU A C   1 
ATOM   376  O  O   . GLU A 1 58  ? 7.782   -12.581 7.677   1.00 24.28 ? 2037 GLU A O   1 
ATOM   377  C  CB  . GLU A 1 58  ? 7.333   -13.216 4.505   1.00 27.85 ? 2037 GLU A CB  1 
ATOM   378  C  CG  . GLU A 1 58  ? 6.619   -14.283 3.609   1.00 34.84 ? 2037 GLU A CG  1 
ATOM   379  C  CD  . GLU A 1 58  ? 6.116   -15.491 4.446   1.00 43.28 ? 2037 GLU A CD  1 
ATOM   380  O  OE1 . GLU A 1 58  ? 6.922   -16.008 5.262   1.00 45.46 ? 2037 GLU A OE1 1 
ATOM   381  O  OE2 . GLU A 1 58  ? 4.923   -15.888 4.293   1.00 47.08 ? 2037 GLU A OE2 1 
ATOM   382  N  N   . ASP A 1 59  ? 7.523   -10.686 6.464   1.00 22.75 ? 2038 ASP A N   1 
ATOM   383  C  CA  . ASP A 1 59  ? 8.294   -9.807  7.425   1.00 22.40 ? 2038 ASP A CA  1 
ATOM   384  C  C   . ASP A 1 59  ? 7.662   -9.710  8.817   1.00 22.75 ? 2038 ASP A C   1 
ATOM   385  O  O   . ASP A 1 59  ? 8.374   -9.647  9.810   1.00 22.09 ? 2038 ASP A O   1 
ATOM   386  C  CB  . ASP A 1 59  ? 8.384   -8.370  6.905   1.00 22.16 ? 2038 ASP A CB  1 
ATOM   387  C  CG  . ASP A 1 59  ? 9.367   -8.220  5.716   1.00 27.62 ? 2038 ASP A CG  1 
ATOM   388  O  OD1 . ASP A 1 59  ? 10.131  -9.173  5.390   1.00 27.66 ? 2038 ASP A OD1 1 
ATOM   389  O  OD2 . ASP A 1 59  ? 9.353   -7.148  5.072   1.00 30.55 ? 2038 ASP A OD2 1 
ATOM   390  N  N   . THR A 1 60  ? 6.323   -9.668  8.851   1.00 21.36 ? 2039 THR A N   1 
ATOM   391  C  CA  . THR A 1 60  ? 5.517   -9.691  10.059  1.00 21.76 ? 2039 THR A CA  1 
ATOM   392  C  C   . THR A 1 60  ? 5.761   -10.970 10.858  1.00 21.98 ? 2039 THR A C   1 
ATOM   393  O  O   . THR A 1 60  ? 6.050   -10.892 12.040  1.00 21.28 ? 2039 THR A O   1 
ATOM   394  C  CB  . THR A 1 60  ? 4.019   -9.662  9.663   1.00 22.08 ? 2039 THR A CB  1 
ATOM   395  O  OG1 . THR A 1 60  ? 3.723   -8.385  9.102   1.00 23.50 ? 2039 THR A OG1 1 
ATOM   396  C  CG2 . THR A 1 60  ? 3.114   -9.919  10.828  1.00 24.46 ? 2039 THR A CG2 1 
ATOM   397  N  N   . LYS A 1 61  ? 5.662   -12.122 10.203  1.00 23.74 ? 2040 LYS A N   1 
ATOM   398  C  CA  . LYS A 1 61  ? 5.957   -13.434 10.814  1.00 26.27 ? 2040 LYS A CA  1 
ATOM   399  C  C   . LYS A 1 61  ? 7.299   -13.417 11.496  1.00 27.12 ? 2040 LYS A C   1 
ATOM   400  O  O   . LYS A 1 61  ? 7.440   -13.847 12.691  1.00 27.09 ? 2040 LYS A O   1 
ATOM   401  C  CB  . LYS A 1 61  ? 5.974   -14.521 9.737   1.00 25.90 ? 2040 LYS A CB  1 
ATOM   402  C  CG  . LYS A 1 61  ? 4.649   -14.748 9.107   1.00 29.79 ? 2040 LYS A CG  1 
ATOM   403  C  CD  . LYS A 1 61  ? 4.687   -15.918 8.127   1.00 32.41 ? 2040 LYS A CD  1 
ATOM   404  C  CE  . LYS A 1 61  ? 3.348   -16.257 7.658   1.00 33.25 ? 2040 LYS A CE  1 
ATOM   405  N  NZ  . LYS A 1 61  ? 3.488   -17.211 6.495   1.00 38.25 ? 2040 LYS A NZ  1 
ATOM   406  N  N   . VAL A 1 62  ? 8.296   -12.917 10.753  1.00 26.18 ? 2041 VAL A N   1 
ATOM   407  C  CA  . VAL A 1 62  ? 9.690   -12.873 11.239  1.00 26.39 ? 2041 VAL A CA  1 
ATOM   408  C  C   . VAL A 1 62  ? 9.866   -11.829 12.361  1.00 24.96 ? 2041 VAL A C   1 
ATOM   409  O  O   . VAL A 1 62  ? 10.573  -12.064 13.350  1.00 22.99 ? 2041 VAL A O   1 
ATOM   410  C  CB  . VAL A 1 62  ? 10.698  -12.665 10.040  1.00 26.46 ? 2041 VAL A CB  1 
ATOM   411  C  CG1 . VAL A 1 62  ? 12.144  -12.356 10.521  1.00 29.88 ? 2041 VAL A CG1 1 
ATOM   412  C  CG2 . VAL A 1 62  ? 10.675  -13.843 9.150   1.00 29.15 ? 2041 VAL A CG2 1 
ATOM   413  N  N   . LEU A 1 63  ? 9.208   -10.683 12.259  1.00 25.86 ? 2042 LEU A N   1 
ATOM   414  C  CA  . LEU A 1 63  ? 9.158   -9.784  13.431  1.00 26.16 ? 2042 LEU A CA  1 
ATOM   415  C  C   . LEU A 1 63  ? 8.655   -10.501 14.687  1.00 27.22 ? 2042 LEU A C   1 
ATOM   416  O  O   . LEU A 1 63  ? 9.266   -10.381 15.741  1.00 27.93 ? 2042 LEU A O   1 
ATOM   417  C  CB  . LEU A 1 63  ? 8.281   -8.516  13.228  1.00 26.81 ? 2042 LEU A CB  1 
ATOM   418  C  CG  . LEU A 1 63  ? 8.945   -7.341  12.536  1.00 24.27 ? 2042 LEU A CG  1 
ATOM   419  C  CD1 . LEU A 1 63  ? 7.876   -6.294  12.110  1.00 21.47 ? 2042 LEU A CD1 1 
ATOM   420  C  CD2 . LEU A 1 63  ? 10.059  -6.741  13.446  1.00 24.74 ? 2042 LEU A CD2 1 
ATOM   421  N  N   . VAL A 1 64  ? 7.571   -11.261 14.576  1.00 29.01 ? 2043 VAL A N   1 
ATOM   422  C  CA  . VAL A 1 64  ? 6.962   -11.856 15.755  1.00 29.48 ? 2043 VAL A CA  1 
ATOM   423  C  C   . VAL A 1 64  ? 7.912   -12.863 16.407  1.00 31.99 ? 2043 VAL A C   1 
ATOM   424  O  O   . VAL A 1 64  ? 8.090   -12.848 17.635  1.00 33.59 ? 2043 VAL A O   1 
ATOM   425  C  CB  . VAL A 1 64  ? 5.609   -12.515 15.390  1.00 29.74 ? 2043 VAL A CB  1 
ATOM   426  C  CG1 . VAL A 1 64  ? 5.150   -13.439 16.526  1.00 28.88 ? 2043 VAL A CG1 1 
ATOM   427  C  CG2 . VAL A 1 64  ? 4.560   -11.392 15.145  1.00 28.24 ? 2043 VAL A CG2 1 
ATOM   428  N  N   . THR A 1 65  ? 8.544   -13.721 15.605  1.00 32.90 ? 2044 THR A N   1 
ATOM   429  C  CA  . THR A 1 65  ? 9.540   -14.675 16.139  1.00 34.12 ? 2044 THR A CA  1 
ATOM   430  C  C   . THR A 1 65  ? 10.788  -13.937 16.697  1.00 34.53 ? 2044 THR A C   1 
ATOM   431  O  O   . THR A 1 65  ? 11.365  -14.382 17.663  1.00 33.83 ? 2044 THR A O   1 
ATOM   432  C  CB  . THR A 1 65  ? 9.964   -15.741 15.120  1.00 34.23 ? 2044 THR A CB  1 
ATOM   433  O  OG1 . THR A 1 65  ? 10.430  -15.075 13.970  1.00 34.67 ? 2044 THR A OG1 1 
ATOM   434  C  CG2 . THR A 1 65  ? 8.801   -16.641 14.717  1.00 34.20 ? 2044 THR A CG2 1 
ATOM   435  N  N   . GLY A 1 66  ? 11.138  -12.786 16.117  1.00 34.61 ? 2045 GLY A N   1 
ATOM   436  C  CA  . GLY A 1 66  ? 12.227  -11.915 16.587  1.00 35.86 ? 2045 GLY A CA  1 
ATOM   437  C  C   . GLY A 1 66  ? 12.088  -11.348 18.000  1.00 37.58 ? 2045 GLY A C   1 
ATOM   438  O  O   . GLY A 1 66  ? 13.091  -10.933 18.609  1.00 36.87 ? 2045 GLY A O   1 
ATOM   439  N  N   . ALA A 1 67  ? 10.858  -11.331 18.521  1.00 37.45 ? 2046 ALA A N   1 
ATOM   440  C  CA  . ALA A 1 67  ? 10.592  -10.890 19.893  1.00 39.09 ? 2046 ALA A CA  1 
ATOM   441  C  C   . ALA A 1 67  ? 11.142  -11.937 20.840  1.00 39.50 ? 2046 ALA A C   1 
ATOM   442  O  O   . ALA A 1 67  ? 11.583  -11.588 21.926  1.00 40.54 ? 2046 ALA A O   1 
ATOM   443  C  CB  . ALA A 1 67  ? 9.100   -10.681 20.132  1.00 38.14 ? 2046 ALA A CB  1 
ATOM   444  N  N   . ALA A 1 68  ? 11.147  -13.204 20.390  1.00 38.88 ? 2047 ALA A N   1 
ATOM   445  C  CA  . ALA A 1 68  ? 11.738  -14.335 21.134  1.00 39.26 ? 2047 ALA A CA  1 
ATOM   446  C  C   . ALA A 1 68  ? 13.209  -14.652 20.796  1.00 38.77 ? 2047 ALA A C   1 
ATOM   447  O  O   . ALA A 1 68  ? 13.774  -15.517 21.437  1.00 39.79 ? 2047 ALA A O   1 
ATOM   448  C  CB  . ALA A 1 68  ? 10.864  -15.614 21.001  1.00 38.46 ? 2047 ALA A CB  1 
ATOM   449  N  N   . GLY A 1 69  ? 13.835  -13.932 19.855  1.00 37.44 ? 2048 GLY A N   1 
ATOM   450  C  CA  . GLY A 1 69  ? 15.174  -14.266 19.376  1.00 35.11 ? 2048 GLY A CA  1 
ATOM   451  C  C   . GLY A 1 69  ? 16.268  -13.331 19.814  1.00 35.16 ? 2048 GLY A C   1 
ATOM   452  O  O   . GLY A 1 69  ? 16.095  -12.527 20.736  1.00 34.43 ? 2048 GLY A O   1 
ATOM   453  N  N   . THR A 1 70  ? 17.387  -13.370 19.095  1.00 34.06 ? 2049 THR A N   1 
ATOM   454  C  CA  . THR A 1 70  ? 18.543  -12.560 19.482  1.00 34.51 ? 2049 THR A CA  1 
ATOM   455  C  C   . THR A 1 70  ? 18.396  -11.110 19.053  1.00 34.73 ? 2049 THR A C   1 
ATOM   456  O  O   . THR A 1 70  ? 17.570  -10.800 18.188  1.00 34.18 ? 2049 THR A O   1 
ATOM   457  C  CB  . THR A 1 70  ? 19.877  -13.125 18.894  1.00 34.54 ? 2049 THR A CB  1 
ATOM   458  O  OG1 . THR A 1 70  ? 19.860  -12.956 17.484  1.00 32.33 ? 2049 THR A OG1 1 
ATOM   459  C  CG2 . THR A 1 70  ? 20.034  -14.616 19.205  1.00 33.75 ? 2049 THR A CG2 1 
ATOM   460  N  N   . GLN A 1 71  ? 19.218  -10.241 19.645  1.00 33.54 ? 2050 GLN A N   1 
ATOM   461  C  CA  . GLN A 1 71  ? 19.309  -8.854  19.210  1.00 33.53 ? 2050 GLN A CA  1 
ATOM   462  C  C   . GLN A 1 71  ? 19.594  -8.668  17.689  1.00 33.59 ? 2050 GLN A C   1 
ATOM   463  O  O   . GLN A 1 71  ? 19.027  -7.765  17.055  1.00 30.43 ? 2050 GLN A O   1 
ATOM   464  C  CB  . GLN A 1 71  ? 20.277  -8.031  20.083  1.00 33.72 ? 2050 GLN A CB  1 
ATOM   465  C  CG  . GLN A 1 71  ? 19.707  -7.697  21.485  1.00 36.77 ? 2050 GLN A CG  1 
ATOM   466  C  CD  . GLN A 1 71  ? 18.449  -6.781  21.486  1.00 40.32 ? 2050 GLN A CD  1 
ATOM   467  O  OE1 . GLN A 1 71  ? 18.491  -5.643  21.017  1.00 40.20 ? 2050 GLN A OE1 1 
ATOM   468  N  NE2 . GLN A 1 71  ? 17.342  -7.284  22.057  1.00 41.44 ? 2050 GLN A NE2 1 
ATOM   469  N  N   . ASP A 1 72  ? 20.400  -9.559  17.102  1.00 32.59 ? 2051 ASP A N   1 
ATOM   470  C  CA  . ASP A 1 72  ? 20.634  -9.505  15.665  1.00 32.71 ? 2051 ASP A CA  1 
ATOM   471  C  C   . ASP A 1 72  ? 19.435  -10.011 14.852  1.00 31.13 ? 2051 ASP A C   1 
ATOM   472  O  O   . ASP A 1 72  ? 19.155  -9.486  13.783  1.00 30.96 ? 2051 ASP A O   1 
ATOM   473  C  CB  . ASP A 1 72  ? 21.863  -10.337 15.290  1.00 33.29 ? 2051 ASP A CB  1 
ATOM   474  C  CG  . ASP A 1 72  ? 23.154  -9.805  15.915  1.00 34.07 ? 2051 ASP A CG  1 
ATOM   475  O  OD1 . ASP A 1 72  ? 23.445  -8.593  15.798  1.00 36.05 ? 2051 ASP A OD1 1 
ATOM   476  O  OD2 . ASP A 1 72  ? 23.881  -10.649 16.475  1.00 37.46 ? 2051 ASP A OD2 1 
ATOM   477  N  N   . GLN A 1 73  ? 18.762  -11.054 15.336  1.00 29.51 ? 2052 GLN A N   1 
ATOM   478  C  CA  . GLN A 1 73  ? 17.536  -11.467 14.703  1.00 29.66 ? 2052 GLN A CA  1 
ATOM   479  C  C   . GLN A 1 73  ? 16.546  -10.296 14.731  1.00 28.86 ? 2052 GLN A C   1 
ATOM   480  O  O   . GLN A 1 73  ? 15.838  -10.041 13.737  1.00 28.29 ? 2052 GLN A O   1 
ATOM   481  C  CB  . GLN A 1 73  ? 16.909  -12.664 15.405  1.00 29.95 ? 2052 GLN A CB  1 
ATOM   482  C  CG  . GLN A 1 73  ? 17.474  -14.035 15.038  1.00 33.04 ? 2052 GLN A CG  1 
ATOM   483  C  CD  . GLN A 1 73  ? 16.751  -15.178 15.735  1.00 32.55 ? 2052 GLN A CD  1 
ATOM   484  O  OE1 . GLN A 1 73  ? 16.920  -15.390 16.908  1.00 35.96 ? 2052 GLN A OE1 1 
ATOM   485  N  NE2 . GLN A 1 73  ? 15.963  -15.920 14.998  1.00 35.78 ? 2052 GLN A NE2 1 
ATOM   486  N  N   . LEU A 1 74  ? 16.494  -9.581  15.858  1.00 27.53 ? 2053 LEU A N   1 
ATOM   487  C  CA  . LEU A 1 74  ? 15.517  -8.491  16.002  1.00 27.55 ? 2053 LEU A CA  1 
ATOM   488  C  C   . LEU A 1 74  ? 15.866  -7.363  15.109  1.00 26.43 ? 2053 LEU A C   1 
ATOM   489  O  O   . LEU A 1 74  ? 14.960  -6.795  14.482  1.00 24.85 ? 2053 LEU A O   1 
ATOM   490  C  CB  . LEU A 1 74  ? 15.378  -7.985  17.461  1.00 27.39 ? 2053 LEU A CB  1 
ATOM   491  C  CG  . LEU A 1 74  ? 14.357  -6.846  17.741  1.00 28.80 ? 2053 LEU A CG  1 
ATOM   492  C  CD1 . LEU A 1 74  ? 12.929  -7.187  17.237  1.00 28.45 ? 2053 LEU A CD1 1 
ATOM   493  C  CD2 . LEU A 1 74  ? 14.288  -6.432  19.248  1.00 28.89 ? 2053 LEU A CD2 1 
ATOM   494  N  N   . ALA A 1 75  ? 17.156  -7.002  15.052  1.00 24.96 ? 2054 ALA A N   1 
ATOM   495  C  CA  . ALA A 1 75  ? 17.572  -5.867  14.216  1.00 25.46 ? 2054 ALA A CA  1 
ATOM   496  C  C   . ALA A 1 75  ? 17.310  -6.130  12.741  1.00 25.33 ? 2054 ALA A C   1 
ATOM   497  O  O   . ALA A 1 75  ? 16.827  -5.250  12.006  1.00 25.49 ? 2054 ALA A O   1 
ATOM   498  C  CB  . ALA A 1 75  ? 19.064  -5.535  14.427  1.00 25.03 ? 2054 ALA A CB  1 
ATOM   499  N  N   . ASN A 1 76  ? 17.668  -7.340  12.288  1.00 24.08 ? 2055 ASN A N   1 
ATOM   500  C  CA  . ASN A 1 76  ? 17.402  -7.692  10.941  1.00 23.87 ? 2055 ASN A CA  1 
ATOM   501  C  C   . ASN A 1 76  ? 15.887  -7.685  10.607  1.00 22.86 ? 2055 ASN A C   1 
ATOM   502  O  O   . ASN A 1 76  ? 15.529  -7.282  9.516   1.00 22.61 ? 2055 ASN A O   1 
ATOM   503  C  CB  . ASN A 1 76  ? 17.946  -9.059  10.635  1.00 24.16 ? 2055 ASN A CB  1 
ATOM   504  C  CG  . ASN A 1 76  ? 19.469  -9.075  10.564  1.00 26.21 ? 2055 ASN A CG  1 
ATOM   505  O  OD1 . ASN A 1 76  ? 20.143  -8.036  10.497  1.00 25.31 ? 2055 ASN A OD1 1 
ATOM   506  N  ND2 . ASN A 1 76  ? 20.000  -10.257 10.606  1.00 26.64 ? 2055 ASN A ND2 1 
ATOM   507  N  N   . ALA A 1 77  ? 15.048  -8.160  11.519  1.00 22.07 ? 2056 ALA A N   1 
ATOM   508  C  CA  . ALA A 1 77  ? 13.590  -8.189  11.295  1.00 22.07 ? 2056 ALA A CA  1 
ATOM   509  C  C   . ALA A 1 77  ? 13.005  -6.813  11.170  1.00 21.57 ? 2056 ALA A C   1 
ATOM   510  O  O   . ALA A 1 77  ? 12.182  -6.610  10.270  1.00 20.82 ? 2056 ALA A O   1 
ATOM   511  C  CB  . ALA A 1 77  ? 12.830  -9.018  12.384  1.00 21.72 ? 2056 ALA A CB  1 
ATOM   512  N  N   . ALA A 1 78  ? 13.484  -5.847  11.966  1.00 21.54 ? 2057 ALA A N   1 
ATOM   513  C  CA  . ALA A 1 78  ? 12.986  -4.464  11.845  1.00 22.89 ? 2057 ALA A CA  1 
ATOM   514  C  C   . ALA A 1 78  ? 13.475  -3.834  10.560  1.00 23.39 ? 2057 ALA A C   1 
ATOM   515  O  O   . ALA A 1 78  ? 12.759  -3.084  9.890   1.00 20.97 ? 2057 ALA A O   1 
ATOM   516  C  CB  . ALA A 1 78  ? 13.403  -3.538  13.024  1.00 23.30 ? 2057 ALA A CB  1 
ATOM   517  N  N   . GLN A 1 79  ? 14.740  -4.117  10.232  1.00 23.02 ? 2058 GLN A N   1 
ATOM   518  C  CA  . GLN A 1 79  ? 15.386  -3.477  9.108   1.00 22.93 ? 2058 GLN A CA  1 
ATOM   519  C  C   . GLN A 1 79  ? 14.695  -3.962  7.862   1.00 21.91 ? 2058 GLN A C   1 
ATOM   520  O  O   . GLN A 1 79  ? 14.452  -3.171  6.917   1.00 21.60 ? 2058 GLN A O   1 
ATOM   521  C  CB  . GLN A 1 79  ? 16.854  -3.918  9.059   1.00 22.30 ? 2058 GLN A CB  1 
ATOM   522  C  CG  . GLN A 1 79  ? 17.769  -3.065  9.960   1.00 26.38 ? 2058 GLN A CG  1 
ATOM   523  C  CD  . GLN A 1 79  ? 19.038  -3.869  10.458  1.00 34.02 ? 2058 GLN A CD  1 
ATOM   524  O  OE1 . GLN A 1 79  ? 19.325  -5.000  10.000  1.00 31.59 ? 2058 GLN A OE1 1 
ATOM   525  N  NE2 . GLN A 1 79  ? 19.762  -3.280  11.422  1.00 35.01 ? 2058 GLN A NE2 1 
ATOM   526  N  N   . ASN A 1 80  ? 14.417  -5.277  7.825   1.00 21.08 ? 2059 ASN A N   1 
ATOM   527  C  CA  . ASN A 1 80  ? 13.740  -5.831  6.678   1.00 21.23 ? 2059 ASN A CA  1 
ATOM   528  C  C   . ASN A 1 80  ? 12.329  -5.213  6.466   1.00 21.28 ? 2059 ASN A C   1 
ATOM   529  O  O   . ASN A 1 80  ? 11.948  -4.841  5.336   1.00 20.36 ? 2059 ASN A O   1 
ATOM   530  C  CB  . ASN A 1 80  ? 13.636  -7.349  6.788   1.00 21.30 ? 2059 ASN A CB  1 
ATOM   531  C  CG  . ASN A 1 80  ? 15.001  -8.022  6.602   1.00 24.80 ? 2059 ASN A CG  1 
ATOM   532  O  OD1 . ASN A 1 80  ? 15.974  -7.366  6.170   1.00 26.24 ? 2059 ASN A OD1 1 
ATOM   533  N  ND2 . ASN A 1 80  ? 15.071  -9.304  6.891   1.00 28.81 ? 2059 ASN A ND2 1 
ATOM   534  N  N   . ALA A 1 81  ? 11.537  -5.187  7.527   1.00 21.51 ? 2060 ALA A N   1 
ATOM   535  C  CA  . ALA A 1 81  ? 10.139  -4.697  7.360   1.00 21.91 ? 2060 ALA A CA  1 
ATOM   536  C  C   . ALA A 1 81  ? 10.170  -3.229  6.928   1.00 21.95 ? 2060 ALA A C   1 
ATOM   537  O  O   . ALA A 1 81  ? 9.356   -2.823  6.147   1.00 22.52 ? 2060 ALA A O   1 
ATOM   538  C  CB  . ALA A 1 81  ? 9.390   -4.833  8.625   1.00 21.44 ? 2060 ALA A CB  1 
ATOM   539  N  N   . VAL A 1 82  ? 11.110  -2.443  7.428   1.00 22.26 ? 2061 VAL A N   1 
ATOM   540  C  CA  . VAL A 1 82  ? 11.244  -1.034  6.987   1.00 24.10 ? 2061 VAL A CA  1 
ATOM   541  C  C   . VAL A 1 82  ? 11.572  -0.899  5.491   1.00 22.56 ? 2061 VAL A C   1 
ATOM   542  O  O   . VAL A 1 82  ? 10.954  -0.073  4.801   1.00 20.51 ? 2061 VAL A O   1 
ATOM   543  C  CB  . VAL A 1 82  ? 12.282  -0.193  7.851   1.00 26.09 ? 2061 VAL A CB  1 
ATOM   544  C  CG1 . VAL A 1 82  ? 12.692  1.092   7.095   1.00 29.20 ? 2061 VAL A CG1 1 
ATOM   545  C  CG2 . VAL A 1 82  ? 11.665  0.230   9.107   1.00 28.52 ? 2061 VAL A CG2 1 
ATOM   546  N  N   . SER A 1 83  ? 12.529  -1.695  4.951   1.00 22.68 ? 2062 SER A N   1 
ATOM   547  C  CA  . SER A 1 83  ? 12.760  -1.674  3.497   1.00 22.51 ? 2062 SER A CA  1 
ATOM   548  C  C   . SER A 1 83  ? 11.530  -2.077  2.775   1.00 21.33 ? 2062 SER A C   1 
ATOM   549  O  O   . SER A 1 83  ? 11.262  -1.524  1.731   1.00 20.56 ? 2062 SER A O   1 
ATOM   550  C  CB  . SER A 1 83  ? 13.861  -2.628  3.027   1.00 24.98 ? 2062 SER A CB  1 
ATOM   551  O  OG  . SER A 1 83  ? 15.021  -2.269  3.710   1.00 30.12 ? 2062 SER A OG  1 
ATOM   552  N  N   . THR A 1 84  ? 10.837  -3.112  3.256   1.00 20.05 ? 2063 THR A N   1 
ATOM   553  C  CA  . THR A 1 84  ? 9.645   -3.588  2.513   1.00 20.43 ? 2063 THR A CA  1 
ATOM   554  C  C   . THR A 1 84  ? 8.548   -2.470  2.451   1.00 20.10 ? 2063 THR A C   1 
ATOM   555  O  O   . THR A 1 84  ? 8.024   -2.175  1.377   1.00 19.15 ? 2063 THR A O   1 
ATOM   556  C  CB  . THR A 1 84  ? 9.124   -4.929  3.076   1.00 21.79 ? 2063 THR A CB  1 
ATOM   557  O  OG1 . THR A 1 84  ? 10.170  -5.897  2.984   1.00 20.83 ? 2063 THR A OG1 1 
ATOM   558  C  CG2 . THR A 1 84  ? 7.897   -5.432  2.275   1.00 20.94 ? 2063 THR A CG2 1 
ATOM   559  N  N   . ILE A 1 85  ? 8.254   -1.816  3.559   1.00 19.86 ? 2064 ILE A N   1 
ATOM   560  C  CA  . ILE A 1 85  ? 7.199   -0.791  3.534   1.00 20.24 ? 2064 ILE A CA  1 
ATOM   561  C  C   . ILE A 1 85  ? 7.638   0.427   2.738   1.00 19.44 ? 2064 ILE A C   1 
ATOM   562  O  O   . ILE A 1 85  ? 6.797   1.071   2.138   1.00 18.82 ? 2064 ILE A O   1 
ATOM   563  C  CB  . ILE A 1 85  ? 6.747   -0.333  4.986   1.00 20.50 ? 2064 ILE A CB  1 
ATOM   564  C  CG1 . ILE A 1 85  ? 5.483   0.558   4.980   1.00 21.50 ? 2064 ILE A CG1 1 
ATOM   565  C  CG2 . ILE A 1 85  ? 7.819   0.475   5.691   1.00 22.15 ? 2064 ILE A CG2 1 
ATOM   566  C  CD1 . ILE A 1 85  ? 4.327   -0.061  4.452   1.00 20.61 ? 2064 ILE A CD1 1 
ATOM   567  N  N   . THR A 1 86  ? 8.944   0.731   2.716   1.00 17.08 ? 2065 THR A N   1 
ATOM   568  C  CA  . THR A 1 86  ? 9.478   1.780   1.843   1.00 18.34 ? 2065 THR A CA  1 
ATOM   569  C  C   . THR A 1 86  ? 9.201   1.539   0.356   1.00 18.61 ? 2065 THR A C   1 
ATOM   570  O  O   . THR A 1 86  ? 8.717   2.439   -0.379  1.00 17.91 ? 2065 THR A O   1 
ATOM   571  C  CB  . THR A 1 86  ? 11.021  2.025   2.101   1.00 19.48 ? 2065 THR A CB  1 
ATOM   572  O  OG1 . THR A 1 86  ? 11.177  2.408   3.453   1.00 20.25 ? 2065 THR A OG1 1 
ATOM   573  C  CG2 . THR A 1 86  ? 11.614  3.166   1.218   1.00 21.72 ? 2065 THR A CG2 1 
ATOM   574  N  N   . GLN A 1 87  ? 9.489   0.327   -0.083  1.00 16.96 ? 2066 GLN A N   1 
ATOM   575  C  CA  . GLN A 1 87  ? 9.226   -0.058  -1.447  1.00 17.52 ? 2066 GLN A CA  1 
ATOM   576  C  C   . GLN A 1 87  ? 7.745   -0.032  -1.769  1.00 17.74 ? 2066 GLN A C   1 
ATOM   577  O  O   . GLN A 1 87  ? 7.361   0.445   -2.848  1.00 17.80 ? 2066 GLN A O   1 
ATOM   578  C  CB  . GLN A 1 87  ? 9.810   -1.458  -1.676  1.00 16.56 ? 2066 GLN A CB  1 
ATOM   579  C  CG  . GLN A 1 87  ? 11.340  -1.365  -1.575  1.00 21.71 ? 2066 GLN A CG  1 
ATOM   580  C  CD  . GLN A 1 87  ? 11.994  -2.726  -1.634  1.00 26.69 ? 2066 GLN A CD  1 
ATOM   581  O  OE1 . GLN A 1 87  ? 11.368  -3.730  -1.998  1.00 24.65 ? 2066 GLN A OE1 1 
ATOM   582  N  NE2 . GLN A 1 87  ? 13.273  -2.756  -1.322  1.00 28.77 ? 2066 GLN A NE2 1 
ATOM   583  N  N   . LEU A 1 88  ? 6.929   -0.556  -0.841  1.00 19.33 ? 2067 LEU A N   1 
ATOM   584  C  CA  . LEU A 1 88  ? 5.446   -0.656  -1.020  1.00 19.24 ? 2067 LEU A CA  1 
ATOM   585  C  C   . LEU A 1 88  ? 4.867   0.737   -1.170  1.00 18.54 ? 2067 LEU A C   1 
ATOM   586  O  O   . LEU A 1 88  ? 4.029   1.023   -2.069  1.00 19.42 ? 2067 LEU A O   1 
ATOM   587  C  CB  . LEU A 1 88  ? 4.798   -1.383  0.215   1.00 17.88 ? 2067 LEU A CB  1 
ATOM   588  C  CG  . LEU A 1 88  ? 3.246   -1.619  0.145   1.00 19.26 ? 2067 LEU A CG  1 
ATOM   589  C  CD1 . LEU A 1 88  ? 2.819   -2.445  -1.073  1.00 23.05 ? 2067 LEU A CD1 1 
ATOM   590  C  CD2 . LEU A 1 88  ? 2.763   -2.310  1.352   1.00 19.69 ? 2067 LEU A CD2 1 
ATOM   591  N  N   . ALA A 1 89  ? 5.317   1.640   -0.299  1.00 20.12 ? 2068 ALA A N   1 
ATOM   592  C  CA  . ALA A 1 89  ? 4.834   3.037   -0.359  1.00 21.06 ? 2068 ALA A CA  1 
ATOM   593  C  C   . ALA A 1 89  ? 5.196   3.690   -1.656  1.00 21.41 ? 2068 ALA A C   1 
ATOM   594  O  O   . ALA A 1 89  ? 4.308   4.325   -2.264  1.00 21.31 ? 2068 ALA A O   1 
ATOM   595  C  CB  . ALA A 1 89  ? 5.308   3.887   0.801   1.00 19.47 ? 2068 ALA A CB  1 
ATOM   596  N  N   . GLU A 1 90  ? 6.452   3.540   -2.109  1.00 18.89 ? 2069 GLU A N   1 
ATOM   597  C  CA  . GLU A 1 90  ? 6.831   4.009   -3.436  1.00 19.66 ? 2069 GLU A CA  1 
ATOM   598  C  C   . GLU A 1 90  ? 6.026   3.370   -4.569  1.00 18.99 ? 2069 GLU A C   1 
ATOM   599  O  O   . GLU A 1 90  ? 5.676   4.066   -5.532  1.00 19.88 ? 2069 GLU A O   1 
ATOM   600  C  CB  . GLU A 1 90  ? 8.378   3.806   -3.692  1.00 21.87 ? 2069 GLU A CB  1 
ATOM   601  C  CG  . GLU A 1 90  ? 9.291   4.559   -2.681  1.00 25.96 ? 2069 GLU A CG  1 
ATOM   602  C  CD  . GLU A 1 90  ? 10.798  4.093   -2.725  1.00 37.68 ? 2069 GLU A CD  1 
ATOM   603  O  OE1 . GLU A 1 90  ? 11.115  2.943   -3.194  1.00 44.49 ? 2069 GLU A OE1 1 
ATOM   604  O  OE2 . GLU A 1 90  ? 11.674  4.882   -2.278  1.00 41.02 ? 2069 GLU A OE2 1 
ATOM   605  N  N   . ALA A 1 91  ? 5.758   2.065   -4.502  1.00 19.86 ? 2070 ALA A N   1 
ATOM   606  C  CA  . ALA A 1 91  ? 5.028   1.412   -5.576  1.00 19.53 ? 2070 ALA A CA  1 
ATOM   607  C  C   . ALA A 1 91  ? 3.572   1.890   -5.644  1.00 19.77 ? 2070 ALA A C   1 
ATOM   608  O  O   . ALA A 1 91  ? 3.019   2.073   -6.754  1.00 19.04 ? 2070 ALA A O   1 
ATOM   609  C  CB  . ALA A 1 91  ? 5.099   -0.114  -5.434  1.00 18.44 ? 2070 ALA A CB  1 
ATOM   610  N  N   . VAL A 1 92  ? 2.966   2.101   -4.470  1.00 19.43 ? 2071 VAL A N   1 
ATOM   611  C  CA  . VAL A 1 92  ? 1.568   2.510   -4.468  1.00 20.01 ? 2071 VAL A CA  1 
ATOM   612  C  C   . VAL A 1 92  ? 1.394   3.923   -4.956  1.00 21.59 ? 2071 VAL A C   1 
ATOM   613  O  O   . VAL A 1 92  ? 0.413   4.238   -5.633  1.00 23.00 ? 2071 VAL A O   1 
ATOM   614  C  CB  . VAL A 1 92  ? 0.819   2.227   -3.117  1.00 18.36 ? 2071 VAL A CB  1 
ATOM   615  C  CG1 . VAL A 1 92  ? -0.594  2.754   -3.251  1.00 16.43 ? 2071 VAL A CG1 1 
ATOM   616  C  CG2 . VAL A 1 92  ? 0.686   0.661   -2.863  1.00 23.82 ? 2071 VAL A CG2 1 
ATOM   617  N  N   . LYS A 1 93  ? 2.391   4.776   -4.718  1.00 21.52 ? 2072 LYS A N   1 
ATOM   618  C  CA  . LYS A 1 93  ? 2.334   6.090   -5.248  1.00 22.73 ? 2072 LYS A CA  1 
ATOM   619  C  C   . LYS A 1 93  ? 2.424   6.109   -6.747  1.00 23.50 ? 2072 LYS A C   1 
ATOM   620  O  O   . LYS A 1 93  ? 1.700   6.872   -7.372  1.00 22.30 ? 2072 LYS A O   1 
ATOM   621  C  CB  . LYS A 1 93  ? 3.443   6.951   -4.619  1.00 23.18 ? 2072 LYS A CB  1 
ATOM   622  C  CG  . LYS A 1 93  ? 3.144   7.212   -3.133  1.00 24.86 ? 2072 LYS A CG  1 
ATOM   623  C  CD  . LYS A 1 93  ? 4.264   8.040   -2.437  1.00 29.07 ? 2072 LYS A CD  1 
ATOM   624  C  CE  . LYS A 1 93  ? 4.880   9.106   -3.326  1.00 37.09 ? 2072 LYS A CE  1 
ATOM   625  N  NZ  . LYS A 1 93  ? 6.106   9.675   -2.632  1.00 36.64 ? 2072 LYS A NZ  1 
ATOM   626  N  N   . ARG A 1 94  ? 3.283   5.245   -7.320  1.00 22.75 ? 2073 ARG A N   1 
ATOM   627  C  CA  . ARG A 1 94  ? 3.460   5.152   -8.763  1.00 22.86 ? 2073 ARG A CA  1 
ATOM   628  C  C   . ARG A 1 94  ? 2.157   4.580   -9.354  1.00 21.77 ? 2073 ARG A C   1 
ATOM   629  O  O   . ARG A 1 94  ? 1.691   5.057   -10.409 1.00 22.59 ? 2073 ARG A O   1 
ATOM   630  C  CB  . ARG A 1 94  ? 4.687   4.262   -9.122  1.00 21.07 ? 2073 ARG A CB  1 
ATOM   631  C  CG  . ARG A 1 94  ? 6.059   4.952   -8.931  1.00 27.42 ? 2073 ARG A CG  1 
ATOM   632  C  CD  . ARG A 1 94  ? 7.274   4.145   -9.556  1.00 30.65 ? 2073 ARG A CD  1 
ATOM   633  N  NE  . ARG A 1 94  ? 7.449   2.898   -8.815  1.00 36.42 ? 2073 ARG A NE  1 
ATOM   634  C  CZ  . ARG A 1 94  ? 8.302   2.701   -7.806  1.00 33.81 ? 2073 ARG A CZ  1 
ATOM   635  N  NH1 . ARG A 1 94  ? 9.169   3.650   -7.465  1.00 38.00 ? 2073 ARG A NH1 1 
ATOM   636  N  NH2 . ARG A 1 94  ? 8.298   1.535   -7.173  1.00 28.03 ? 2073 ARG A NH2 1 
ATOM   637  N  N   . GLY A 1 95  ? 1.583   3.566   -8.723  1.00 19.90 ? 2074 GLY A N   1 
ATOM   638  C  CA  . GLY A 1 95  ? 0.285   3.012   -9.187  1.00 18.84 ? 2074 GLY A CA  1 
ATOM   639  C  C   . GLY A 1 95  ? -0.841  4.087   -9.088  1.00 18.61 ? 2074 GLY A C   1 
ATOM   640  O  O   . GLY A 1 95  ? -1.621  4.284   -10.011 1.00 17.91 ? 2074 GLY A O   1 
ATOM   641  N  N   . ALA A 1 96  ? -0.866  4.865   -8.025  1.00 19.82 ? 2075 ALA A N   1 
ATOM   642  C  CA  . ALA A 1 96  ? -1.856  5.960   -7.930  1.00 19.69 ? 2075 ALA A CA  1 
ATOM   643  C  C   . ALA A 1 96  ? -1.671  7.035   -9.032  1.00 21.39 ? 2075 ALA A C   1 
ATOM   644  O  O   . ALA A 1 96  ? -2.666  7.370   -9.756  1.00 19.22 ? 2075 ALA A O   1 
ATOM   645  C  CB  . ALA A 1 96  ? -1.899  6.544   -6.533  1.00 18.05 ? 2075 ALA A CB  1 
ATOM   646  N  N   . CYS A 1 97  ? -0.419  7.477   -9.274  1.00 20.87 ? 2076 CYS A N   1 
ATOM   647  C  CA  . CYS A 1 97  ? -0.154  8.348   -10.431 1.00 23.38 ? 2076 CYS A CA  1 
ATOM   648  C  C   . CYS A 1 97  ? -0.588  7.764   -11.786 1.00 24.68 ? 2076 CYS A C   1 
ATOM   649  O  O   . CYS A 1 97  ? -1.112  8.475   -12.626 1.00 25.53 ? 2076 CYS A O   1 
ATOM   650  C  CB  . CYS A 1 97  ? 1.327   8.721   -10.522 1.00 23.55 ? 2076 CYS A CB  1 
ATOM   651  S  SG  . CYS A 1 97  ? 1.831   9.740   -9.152  1.00 27.77 ? 2076 CYS A SG  1 
ATOM   652  N  N   . SER A 1 98  ? -0.417  6.479   -11.989 1.00 23.65 ? 2077 SER A N   1 
ATOM   653  C  CA  . SER A 1 98  ? -0.788  5.924   -13.276 1.00 25.49 ? 2077 SER A CA  1 
ATOM   654  C  C   . SER A 1 98  ? -2.341  5.859   -13.459 1.00 25.39 ? 2077 SER A C   1 
ATOM   655  O  O   . SER A 1 98  ? -2.839  5.886   -14.576 1.00 24.53 ? 2077 SER A O   1 
ATOM   656  C  CB  . SER A 1 98  ? -0.122  4.549   -13.481 1.00 25.20 ? 2077 SER A CB  1 
ATOM   657  O  OG  . SER A 1 98  ? -0.837  3.589   -12.732 1.00 30.09 ? 2077 SER A OG  1 
ATOM   658  N  N   . LEU A 1 99  ? -3.093  5.859   -12.371 1.00 24.16 ? 2078 LEU A N   1 
ATOM   659  C  CA  . LEU A 1 99  ? -4.552  5.903   -12.457 1.00 23.78 ? 2078 LEU A CA  1 
ATOM   660  C  C   . LEU A 1 99  ? -4.957  7.270   -12.921 1.00 24.82 ? 2078 LEU A C   1 
ATOM   661  O  O   . LEU A 1 99  ? -5.927  7.400   -13.665 1.00 24.79 ? 2078 LEU A O   1 
ATOM   662  C  CB  . LEU A 1 99  ? -5.183  5.610   -11.106 1.00 22.94 ? 2078 LEU A CB  1 
ATOM   663  C  CG  . LEU A 1 99  ? -5.135  4.207   -10.507 1.00 24.76 ? 2078 LEU A CG  1 
ATOM   664  C  CD1 . LEU A 1 99  ? -5.697  4.302   -9.090  1.00 24.96 ? 2078 LEU A CD1 1 
ATOM   665  C  CD2 . LEU A 1 99  ? -5.876  3.148   -11.422 1.00 28.35 ? 2078 LEU A CD2 1 
ATOM   666  N  N   . GLY A 1 100 ? -4.211  8.287   -12.483 1.00 24.24 ? 2079 GLY A N   1 
ATOM   667  C  CA  . GLY A 1 100 ? -4.338  9.641   -13.018 1.00 26.34 ? 2079 GLY A CA  1 
ATOM   668  C  C   . GLY A 1 100 ? -5.397  10.451  -12.269 1.00 25.73 ? 2079 GLY A C   1 
ATOM   669  O  O   . GLY A 1 100 ? -6.261  9.900   -11.578 1.00 24.51 ? 2079 GLY A O   1 
ATOM   670  N  N   . SER A 1 101 ? -5.380  11.759  -12.486 1.00 29.00 ? 2080 SER A N   1 
ATOM   671  C  CA  . SER A 1 101 ? -6.232  12.701  -11.757 1.00 28.96 ? 2080 SER A CA  1 
ATOM   672  C  C   . SER A 1 101 ? -7.687  12.706  -12.190 1.00 29.77 ? 2080 SER A C   1 
ATOM   673  O  O   . SER A 1 101 ? -8.490  13.395  -11.572 1.00 29.68 ? 2080 SER A O   1 
ATOM   674  C  CB  . SER A 1 101 ? -5.668  14.107  -11.901 1.00 31.30 ? 2080 SER A CB  1 
ATOM   675  O  OG  . SER A 1 101 ? -5.541  14.419  -13.290 1.00 29.44 ? 2080 SER A OG  1 
ATOM   676  N  N   . THR A 1 102 ? -8.046  11.967  -13.238 1.00 29.23 ? 2081 THR A N   1 
ATOM   677  C  CA  . THR A 1 102 ? -9.458  11.752  -13.486 1.00 29.01 ? 2081 THR A CA  1 
ATOM   678  C  C   . THR A 1 102 ? -10.054 10.674  -12.582 1.00 29.09 ? 2081 THR A C   1 
ATOM   679  O  O   . THR A 1 102 ? -11.282 10.514  -12.550 1.00 27.67 ? 2081 THR A O   1 
ATOM   680  C  CB  . THR A 1 102 ? -9.765  11.422  -14.938 1.00 29.81 ? 2081 THR A CB  1 
ATOM   681  O  OG1 . THR A 1 102 ? -9.456  10.056  -15.181 1.00 31.89 ? 2081 THR A OG1 1 
ATOM   682  C  CG2 . THR A 1 102 ? -8.905  12.259  -15.862 1.00 29.70 ? 2081 THR A CG2 1 
ATOM   683  N  N   . GLN A 1 103 ? -9.223  9.978   -11.800 1.00 25.91 ? 2082 GLN A N   1 
ATOM   684  C  CA  . GLN A 1 103 ? -9.761  8.970   -10.882 1.00 25.24 ? 2082 GLN A CA  1 
ATOM   685  C  C   . GLN A 1 103 ? -9.307  9.278   -9.455  1.00 23.85 ? 2082 GLN A C   1 
ATOM   686  O  O   . GLN A 1 103 ? -8.706  8.402   -8.830  1.00 22.96 ? 2082 GLN A O   1 
ATOM   687  C  CB  . GLN A 1 103 ? -9.292  7.534   -11.264 1.00 24.61 ? 2082 GLN A CB  1 
ATOM   688  C  CG  . GLN A 1 103 ? -9.795  6.985   -12.642 1.00 27.43 ? 2082 GLN A CG  1 
ATOM   689  C  CD  . GLN A 1 103 ? -9.347  5.538   -12.954 1.00 28.51 ? 2082 GLN A CD  1 
ATOM   690  O  OE1 . GLN A 1 103 ? -8.225  5.307   -13.443 1.00 32.11 ? 2082 GLN A OE1 1 
ATOM   691  N  NE2 . GLN A 1 103 ? -10.213 4.575   -12.692 1.00 22.18 ? 2082 GLN A NE2 1 
ATOM   692  N  N   . PRO A 1 104 ? -9.587  10.492  -8.941  1.00 22.12 ? 2083 PRO A N   1 
ATOM   693  C  CA  . PRO A 1 104 ? -9.080  10.905  -7.630  1.00 21.41 ? 2083 PRO A CA  1 
ATOM   694  C  C   . PRO A 1 104 ? -9.594  10.022  -6.484  1.00 21.88 ? 2083 PRO A C   1 
ATOM   695  O  O   . PRO A 1 104 ? -8.834  9.795   -5.560  1.00 21.11 ? 2083 PRO A O   1 
ATOM   696  C  CB  . PRO A 1 104 ? -9.630  12.334  -7.478  1.00 21.06 ? 2083 PRO A CB  1 
ATOM   697  C  CG  . PRO A 1 104 ? -10.788 12.358  -8.356  1.00 20.91 ? 2083 PRO A CG  1 
ATOM   698  C  CD  . PRO A 1 104 ? -10.438 11.562  -9.517  1.00 22.50 ? 2083 PRO A CD  1 
ATOM   699  N  N   . ASP A 1 105 ? -10.833 9.510   -6.556  1.00 20.82 ? 2084 ASP A N   1 
ATOM   700  C  CA  . ASP A 1 105 ? -11.329 8.619   -5.475  1.00 22.65 ? 2084 ASP A CA  1 
ATOM   701  C  C   . ASP A 1 105 ? -10.524 7.332   -5.425  1.00 22.29 ? 2084 ASP A C   1 
ATOM   702  O  O   . ASP A 1 105 ? -10.360 6.749   -4.346  1.00 22.27 ? 2084 ASP A O   1 
ATOM   703  C  CB  . ASP A 1 105 ? -12.794 8.186   -5.680  1.00 22.62 ? 2084 ASP A CB  1 
ATOM   704  C  CG  . ASP A 1 105 ? -13.789 9.339   -5.476  1.00 30.14 ? 2084 ASP A CG  1 
ATOM   705  O  OD1 . ASP A 1 105 ? -13.898 9.824   -4.328  1.00 35.29 ? 2084 ASP A OD1 1 
ATOM   706  O  OD2 . ASP A 1 105 ? -14.438 9.722   -6.464  1.00 34.07 ? 2084 ASP A OD2 1 
ATOM   707  N  N   . SER A 1 106 ? -10.131 6.840   -6.591  1.00 22.28 ? 2085 SER A N   1 
ATOM   708  C  CA  . SER A 1 106 ? -9.305  5.619   -6.629  1.00 21.21 ? 2085 SER A CA  1 
ATOM   709  C  C   . SER A 1 106 ? -7.910  5.868   -6.067  1.00 19.83 ? 2085 SER A C   1 
ATOM   710  O  O   . SER A 1 106 ? -7.389  5.050   -5.317  1.00 18.54 ? 2085 SER A O   1 
ATOM   711  C  CB  . SER A 1 106 ? -9.204  5.056   -8.018  1.00 21.82 ? 2085 SER A CB  1 
ATOM   712  O  OG  . SER A 1 106 ? -10.541 4.722   -8.489  1.00 22.94 ? 2085 SER A OG  1 
ATOM   713  N  N   . GLN A 1 107 ? -7.311  6.988   -6.442  1.00 17.73 ? 2086 GLN A N   1 
ATOM   714  C  CA  . GLN A 1 107 ? -5.988  7.376   -5.940  1.00 18.16 ? 2086 GLN A CA  1 
ATOM   715  C  C   . GLN A 1 107 ? -6.050  7.435   -4.440  1.00 16.72 ? 2086 GLN A C   1 
ATOM   716  O  O   . GLN A 1 107 ? -5.187  6.864   -3.755  1.00 17.65 ? 2086 GLN A O   1 
ATOM   717  C  CB  . GLN A 1 107 ? -5.559  8.754   -6.561  1.00 16.06 ? 2086 GLN A CB  1 
ATOM   718  C  CG  . GLN A 1 107 ? -5.341  8.693   -8.026  1.00 15.73 ? 2086 GLN A CG  1 
ATOM   719  C  CD  . GLN A 1 107 ? -4.954  10.062  -8.532  1.00 20.22 ? 2086 GLN A CD  1 
ATOM   720  O  OE1 . GLN A 1 107 ? -5.595  11.074  -8.170  1.00 19.56 ? 2086 GLN A OE1 1 
ATOM   721  N  NE2 . GLN A 1 107 ? -3.881  10.107  -9.350  1.00 17.83 ? 2086 GLN A NE2 1 
ATOM   722  N  N   . VAL A 1 108 ? -7.033  8.156   -3.894  1.00 16.72 ? 2087 VAL A N   1 
ATOM   723  C  CA  . VAL A 1 108 ? -7.077  8.383   -2.481  1.00 14.93 ? 2087 VAL A CA  1 
ATOM   724  C  C   . VAL A 1 108 ? -7.271  7.085   -1.732  1.00 16.79 ? 2087 VAL A C   1 
ATOM   725  O  O   . VAL A 1 108 ? -6.657  6.853   -0.692  1.00 16.93 ? 2087 VAL A O   1 
ATOM   726  C  CB  . VAL A 1 108 ? -8.175  9.415   -2.126  1.00 18.18 ? 2087 VAL A CB  1 
ATOM   727  C  CG1 . VAL A 1 108 ? -8.490  9.434   -0.621  1.00 16.52 ? 2087 VAL A CG1 1 
ATOM   728  C  CG2 . VAL A 1 108 ? -7.715  10.839  -2.647  1.00 17.83 ? 2087 VAL A CG2 1 
HETATM 729  N  N   . MSE A 1 109 ? -8.101  6.205   -2.285  1.00 16.04 ? 2088 MSE A N   1 
HETATM 730  C  CA  . MSE A 1 109 ? -8.386  4.955   -1.598  1.00 17.58 ? 2088 MSE A CA  1 
HETATM 731  C  C   . MSE A 1 109 ? -7.170  4.065   -1.459  1.00 14.63 ? 2088 MSE A C   1 
HETATM 732  O  O   . MSE A 1 109 ? -6.990  3.452   -0.436  1.00 16.10 ? 2088 MSE A O   1 
HETATM 733  C  CB  . MSE A 1 109 ? -9.418  4.148   -2.430  1.00 16.79 ? 2088 MSE A CB  1 
HETATM 734  C  CG  . MSE A 1 109 ? -10.044 3.052   -1.607  1.00 25.22 ? 2088 MSE A CG  1 
HETATM 735  SE SE  . MSE A 1 109 ? -11.267 2.038   -2.878  1.00 43.83 ? 2088 MSE A SE  1 
HETATM 736  C  CE  . MSE A 1 109 ? -11.880 0.591   -1.625  1.00 40.25 ? 2088 MSE A CE  1 
ATOM   737  N  N   . VAL A 1 110 ? -6.437  3.893   -2.549  1.00 15.43 ? 2089 VAL A N   1 
ATOM   738  C  CA  . VAL A 1 110 ? -5.255  3.001   -2.553  1.00 16.10 ? 2089 VAL A CA  1 
ATOM   739  C  C   . VAL A 1 110 ? -4.088  3.570   -1.685  1.00 16.24 ? 2089 VAL A C   1 
ATOM   740  O  O   . VAL A 1 110 ? -3.393  2.811   -0.953  1.00 14.83 ? 2089 VAL A O   1 
ATOM   741  C  CB  . VAL A 1 110 ? -4.859  2.608   -4.029  1.00 15.09 ? 2089 VAL A CB  1 
ATOM   742  C  CG1 . VAL A 1 110 ? -4.096  3.758   -4.787  1.00 14.27 ? 2089 VAL A CG1 1 
ATOM   743  C  CG2 . VAL A 1 110 ? -4.088  1.331   -4.074  1.00 18.37 ? 2089 VAL A CG2 1 
ATOM   744  N  N   . ILE A 1 111 ? -3.906  4.900   -1.733  1.00 15.89 ? 2090 ILE A N   1 
ATOM   745  C  CA  . ILE A 1 111 ? -2.859  5.501   -0.937  1.00 16.61 ? 2090 ILE A CA  1 
ATOM   746  C  C   . ILE A 1 111 ? -3.241  5.373   0.528   1.00 16.35 ? 2090 ILE A C   1 
ATOM   747  O  O   . ILE A 1 111 ? -2.379  5.050   1.372   1.00 18.06 ? 2090 ILE A O   1 
ATOM   748  C  CB  . ILE A 1 111 ? -2.552  6.983   -1.300  1.00 15.81 ? 2090 ILE A CB  1 
ATOM   749  C  CG1 . ILE A 1 111 ? -2.069  7.075   -2.739  1.00 18.87 ? 2090 ILE A CG1 1 
ATOM   750  C  CG2 . ILE A 1 111 ? -1.364  7.545   -0.272  1.00 17.93 ? 2090 ILE A CG2 1 
ATOM   751  C  CD1 . ILE A 1 111 ? -2.169  8.533   -3.425  1.00 19.83 ? 2090 ILE A CD1 1 
ATOM   752  N  N   . ASN A 1 112 ? -4.491  5.676   0.872   1.00 17.88 ? 2091 ASN A N   1 
ATOM   753  C  CA  . ASN A 1 112 ? -4.933  5.484   2.266   1.00 19.33 ? 2091 ASN A CA  1 
ATOM   754  C  C   . ASN A 1 112 ? -4.745  4.068   2.762   1.00 17.76 ? 2091 ASN A C   1 
ATOM   755  O  O   . ASN A 1 112 ? -4.376  3.891   3.886   1.00 19.71 ? 2091 ASN A O   1 
ATOM   756  C  CB  . ASN A 1 112 ? -6.404  5.892   2.426   1.00 20.98 ? 2091 ASN A CB  1 
ATOM   757  C  CG  . ASN A 1 112 ? -6.542  7.179   3.075   1.00 28.70 ? 2091 ASN A CG  1 
ATOM   758  O  OD1 . ASN A 1 112 ? -6.030  7.349   4.173   1.00 35.16 ? 2091 ASN A OD1 1 
ATOM   759  N  ND2 . ASN A 1 112 ? -7.306  8.106   2.465   1.00 30.92 ? 2091 ASN A ND2 1 
ATOM   760  N  N   . ALA A 1 113 ? -4.996  3.068   1.902   1.00 17.47 ? 2092 ALA A N   1 
ATOM   761  C  CA  . ALA A 1 113 ? -4.819  1.635   2.285   1.00 16.63 ? 2092 ALA A CA  1 
ATOM   762  C  C   . ALA A 1 113 ? -3.331  1.321   2.607   1.00 17.05 ? 2092 ALA A C   1 
ATOM   763  O  O   . ALA A 1 113 ? -3.071  0.665   3.607   1.00 16.93 ? 2092 ALA A O   1 
ATOM   764  C  CB  . ALA A 1 113 ? -5.405  0.693   1.171   1.00 13.64 ? 2092 ALA A CB  1 
ATOM   765  N  N   A VAL A 1 114 ? -2.378  1.853   1.832   0.50 16.96 ? 2093 VAL A N   1 
ATOM   766  N  N   B VAL A 1 114 ? -2.365  1.810   1.816   0.50 17.14 ? 2093 VAL A N   1 
ATOM   767  C  CA  A VAL A 1 114 ? -0.939  1.630   2.170   0.50 16.92 ? 2093 VAL A CA  1 
ATOM   768  C  CA  B VAL A 1 114 ? -0.951  1.556   2.222   0.50 16.90 ? 2093 VAL A CA  1 
ATOM   769  C  C   A VAL A 1 114 ? -0.554  2.398   3.423   0.50 17.06 ? 2093 VAL A C   1 
ATOM   770  C  C   B VAL A 1 114 ? -0.547  2.395   3.439   0.50 17.18 ? 2093 VAL A C   1 
ATOM   771  O  O   A VAL A 1 114 ? 0.199   1.880   4.249   0.50 17.89 ? 2093 VAL A O   1 
ATOM   772  O  O   B VAL A 1 114 ? 0.248   1.926   4.253   0.50 17.90 ? 2093 VAL A O   1 
ATOM   773  C  CB  A VAL A 1 114 ? 0.035   2.054   1.050   0.50 16.65 ? 2093 VAL A CB  1 
ATOM   774  C  CB  B VAL A 1 114 ? 0.156   1.779   1.135   0.50 17.35 ? 2093 VAL A CB  1 
ATOM   775  C  CG1 A VAL A 1 114 ? 1.515   1.553   1.361   0.50 13.52 ? 2093 VAL A CG1 1 
ATOM   776  C  CG1 B VAL A 1 114 ? 0.268   0.602   0.181   0.50 18.23 ? 2093 VAL A CG1 1 
ATOM   777  C  CG2 A VAL A 1 114 ? -0.433  1.455   -0.150  0.50 18.68 ? 2093 VAL A CG2 1 
ATOM   778  C  CG2 B VAL A 1 114 ? 0.065   3.124   0.491   0.50 12.92 ? 2093 VAL A CG2 1 
ATOM   779  N  N   . LYS A 1 115 ? -1.073  3.618   3.563   1.00 17.65 ? 2094 LYS A N   1 
ATOM   780  C  CA  . LYS A 1 115 ? -0.895  4.408   4.770   1.00 18.86 ? 2094 LYS A CA  1 
ATOM   781  C  C   . LYS A 1 115 ? -1.373  3.633   6.024   1.00 19.56 ? 2094 LYS A C   1 
ATOM   782  O  O   . LYS A 1 115 ? -0.622  3.570   7.030   1.00 18.95 ? 2094 LYS A O   1 
ATOM   783  C  CB  . LYS A 1 115 ? -1.615  5.762   4.680   1.00 19.36 ? 2094 LYS A CB  1 
ATOM   784  C  CG  . LYS A 1 115 ? -1.191  6.731   5.753   1.00 24.45 ? 2094 LYS A CG  1 
ATOM   785  C  CD  . LYS A 1 115 ? -1.793  8.160   5.559   1.00 24.77 ? 2094 LYS A CD  1 
ATOM   786  C  CE  . LYS A 1 115 ? -3.221  8.192   6.105   1.00 29.61 ? 2094 LYS A CE  1 
ATOM   787  N  NZ  . LYS A 1 115 ? -3.136  8.228   7.574   1.00 38.45 ? 2094 LYS A NZ  1 
ATOM   788  N  N   . ASP A 1 116 ? -2.547  2.970   5.941   1.00 19.63 ? 2095 ASP A N   1 
ATOM   789  C  CA  . ASP A 1 116 ? -2.971  2.065   7.064   1.00 20.53 ? 2095 ASP A CA  1 
ATOM   790  C  C   . ASP A 1 116 ? -2.037  0.865   7.371   1.00 20.16 ? 2095 ASP A C   1 
ATOM   791  O  O   . ASP A 1 116 ? -1.798  0.500   8.551   1.00 19.82 ? 2095 ASP A O   1 
ATOM   792  C  CB  . ASP A 1 116 ? -4.362  1.555   6.787   1.00 21.02 ? 2095 ASP A CB  1 
ATOM   793  C  CG  . ASP A 1 116 ? -5.405  2.654   6.988   1.00 26.51 ? 2095 ASP A CG  1 
ATOM   794  O  OD1 . ASP A 1 116 ? -5.072  3.754   7.555   1.00 25.24 ? 2095 ASP A OD1 1 
ATOM   795  O  OD2 . ASP A 1 116 ? -6.524  2.445   6.506   1.00 29.43 ? 2095 ASP A OD2 1 
ATOM   796  N  N   . VAL A 1 117 ? -1.515  0.253   6.323   1.00 19.65 ? 2096 VAL A N   1 
ATOM   797  C  CA  . VAL A 1 117 ? -0.485  -0.759  6.509   1.00 19.36 ? 2096 VAL A CA  1 
ATOM   798  C  C   . VAL A 1 117 ? 0.776   -0.152  7.180   1.00 18.96 ? 2096 VAL A C   1 
ATOM   799  O  O   . VAL A 1 117 ? 1.361   -0.762  8.100   1.00 18.12 ? 2096 VAL A O   1 
ATOM   800  C  CB  . VAL A 1 117 ? -0.167  -1.441  5.149   1.00 19.89 ? 2096 VAL A CB  1 
ATOM   801  C  CG1 . VAL A 1 117 ? 1.147   -2.350  5.248   1.00 19.84 ? 2096 VAL A CG1 1 
ATOM   802  C  CG2 . VAL A 1 117 ? -1.391  -2.181  4.627   1.00 18.58 ? 2096 VAL A CG2 1 
ATOM   803  N  N   . ALA A 1 118 ? 1.219   1.035   6.741   1.00 19.67 ? 2097 ALA A N   1 
ATOM   804  C  CA  . ALA A 1 118 ? 2.388   1.674   7.374   1.00 19.78 ? 2097 ALA A CA  1 
ATOM   805  C  C   . ALA A 1 118 ? 2.180   1.949   8.871   1.00 21.53 ? 2097 ALA A C   1 
ATOM   806  O  O   . ALA A 1 118 ? 3.051   1.654   9.697   1.00 19.65 ? 2097 ALA A O   1 
ATOM   807  C  CB  . ALA A 1 118 ? 2.821   2.971   6.596   1.00 19.59 ? 2097 ALA A CB  1 
ATOM   808  N  N   . SER A 1 119 ? 1.025   2.544   9.220   1.00 22.73 ? 2098 SER A N   1 
ATOM   809  C  CA  . SER A 1 119 ? 0.604   2.767   10.632  1.00 24.30 ? 2098 SER A CA  1 
ATOM   810  C  C   . SER A 1 119 ? 0.578   1.501   11.456  1.00 23.69 ? 2098 SER A C   1 
ATOM   811  O  O   . SER A 1 119 ? 1.096   1.472   12.551  1.00 23.42 ? 2098 SER A O   1 
ATOM   812  C  CB  . SER A 1 119 ? -0.807  3.384   10.660  1.00 23.41 ? 2098 SER A CB  1 
ATOM   813  O  OG  . SER A 1 119 ? -0.702  4.664   10.097  1.00 33.00 ? 2098 SER A OG  1 
ATOM   814  N  N   . ALA A 1 120 ? -0.046  0.451   10.930  1.00 23.86 ? 2099 ALA A N   1 
ATOM   815  C  CA  . ALA A 1 120 ? -0.081  -0.855  11.595  1.00 23.73 ? 2099 ALA A CA  1 
ATOM   816  C  C   . ALA A 1 120 ? 1.322   -1.477  11.731  1.00 24.73 ? 2099 ALA A C   1 
ATOM   817  O  O   . ALA A 1 120 ? 1.627   -2.165  12.727  1.00 25.41 ? 2099 ALA A O   1 
ATOM   818  C  CB  . ALA A 1 120 ? -0.987  -1.820  10.773  1.00 23.85 ? 2099 ALA A CB  1 
ATOM   819  N  N   . LEU A 1 121 ? 2.185   -1.274  10.740  1.00 23.75 ? 2100 LEU A N   1 
ATOM   820  C  CA  . LEU A 1 121 ? 3.552   -1.827  10.838  1.00 23.91 ? 2100 LEU A CA  1 
ATOM   821  C  C   . LEU A 1 121 ? 4.336   -1.106  11.972  1.00 25.11 ? 2100 LEU A C   1 
ATOM   822  O  O   . LEU A 1 121 ? 4.962   -1.763  12.796  1.00 25.55 ? 2100 LEU A O   1 
ATOM   823  C  CB  . LEU A 1 121 ? 4.323   -1.673  9.531   1.00 21.25 ? 2100 LEU A CB  1 
ATOM   824  C  CG  . LEU A 1 121 ? 5.789   -2.134  9.625   1.00 24.66 ? 2100 LEU A CG  1 
ATOM   825  C  CD1 . LEU A 1 121 ? 5.968   -3.632  9.883   1.00 21.32 ? 2100 LEU A CD1 1 
ATOM   826  C  CD2 . LEU A 1 121 ? 6.610   -1.726  8.337   1.00 22.94 ? 2100 LEU A CD2 1 
ATOM   827  N  N   . GLY A 1 122 ? 4.289   0.231   12.004  1.00 25.96 ? 2101 GLY A N   1 
ATOM   828  C  CA  . GLY A 1 122 ? 4.851   1.011   13.120  1.00 27.54 ? 2101 GLY A CA  1 
ATOM   829  C  C   . GLY A 1 122 ? 4.364   0.527   14.494  1.00 26.84 ? 2101 GLY A C   1 
ATOM   830  O  O   . GLY A 1 122 ? 5.147   0.435   15.461  1.00 27.99 ? 2101 GLY A O   1 
ATOM   831  N  N   . ASP A 1 123 ? 3.073   0.231   14.616  1.00 27.45 ? 2102 ASP A N   1 
ATOM   832  C  CA  A ASP A 1 123 ? 2.530   -0.358  15.826  0.50 25.99 ? 2102 ASP A CA  1 
ATOM   833  C  CA  B ASP A 1 123 ? 2.597   -0.332  15.876  0.50 26.41 ? 2102 ASP A CA  1 
ATOM   834  C  C   . ASP A 1 123 ? 3.188   -1.724  16.120  1.00 25.75 ? 2102 ASP A C   1 
ATOM   835  O  O   . ASP A 1 123 ? 3.644   -1.988  17.216  1.00 26.28 ? 2102 ASP A O   1 
ATOM   836  C  CB  A ASP A 1 123 ? 1.021   -0.564  15.662  0.50 26.65 ? 2102 ASP A CB  1 
ATOM   837  C  CB  B ASP A 1 123 ? 1.066   -0.365  15.970  0.50 27.61 ? 2102 ASP A CB  1 
ATOM   838  C  CG  A ASP A 1 123 ? 0.200   0.730   15.821  0.50 26.78 ? 2102 ASP A CG  1 
ATOM   839  C  CG  B ASP A 1 123 ? 0.554   -0.738  17.384  0.50 29.19 ? 2102 ASP A CG  1 
ATOM   840  O  OD1 A ASP A 1 123 ? 0.769   1.819   15.978  0.50 28.64 ? 2102 ASP A OD1 1 
ATOM   841  O  OD1 B ASP A 1 123 ? 1.042   -0.177  18.394  0.50 34.14 ? 2102 ASP A OD1 1 
ATOM   842  O  OD2 A ASP A 1 123 ? -1.042  0.632   15.785  0.50 27.45 ? 2102 ASP A OD2 1 
ATOM   843  O  OD2 B ASP A 1 123 ? -0.337  -1.604  17.501  0.50 33.49 ? 2102 ASP A OD2 1 
ATOM   844  N  N   . LEU A 1 124 ? 3.189   -2.616  15.135  1.00 23.70 ? 2103 LEU A N   1 
ATOM   845  C  CA  . LEU A 1 124 ? 3.798   -3.970  15.316  1.00 24.44 ? 2103 LEU A CA  1 
ATOM   846  C  C   . LEU A 1 124 ? 5.242   -3.851  15.719  1.00 24.84 ? 2103 LEU A C   1 
ATOM   847  O  O   . LEU A 1 124 ? 5.700   -4.571  16.576  1.00 26.03 ? 2103 LEU A O   1 
ATOM   848  C  CB  . LEU A 1 124 ? 3.713   -4.801  14.019  1.00 22.93 ? 2103 LEU A CB  1 
ATOM   849  C  CG  . LEU A 1 124 ? 4.424   -6.163  14.004  1.00 24.40 ? 2103 LEU A CG  1 
ATOM   850  C  CD1 . LEU A 1 124 ? 3.818   -7.014  15.038  1.00 23.62 ? 2103 LEU A CD1 1 
ATOM   851  C  CD2 . LEU A 1 124 ? 4.206   -6.781  12.626  1.00 27.23 ? 2103 LEU A CD2 1 
ATOM   852  N  N   . ILE A 1 125 ? 5.983   -2.987  15.044  1.00 25.76 ? 2104 ILE A N   1 
ATOM   853  C  CA  . ILE A 1 125 ? 7.422   -2.830  15.286  1.00 26.65 ? 2104 ILE A CA  1 
ATOM   854  C  C   . ILE A 1 125 ? 7.631   -2.334  16.716  1.00 28.19 ? 2104 ILE A C   1 
ATOM   855  O  O   . ILE A 1 125 ? 8.471   -2.874  17.426  1.00 29.04 ? 2104 ILE A O   1 
ATOM   856  C  CB  . ILE A 1 125 ? 8.119   -1.882  14.233  1.00 26.07 ? 2104 ILE A CB  1 
ATOM   857  C  CG1 . ILE A 1 125 ? 8.259   -2.615  12.877  1.00 28.82 ? 2104 ILE A CG1 1 
ATOM   858  C  CG2 . ILE A 1 125 ? 9.491   -1.520  14.701  1.00 28.21 ? 2104 ILE A CG2 1 
ATOM   859  C  CD1 . ILE A 1 125 ? 8.822   -1.710  11.626  1.00 24.64 ? 2104 ILE A CD1 1 
ATOM   860  N  N   . ASN A 1 126 ? 6.832   -1.370  17.153  1.00 29.16 ? 2105 ASN A N   1 
ATOM   861  C  CA  . ASN A 1 126 ? 6.919   -0.902  18.564  1.00 30.62 ? 2105 ASN A CA  1 
ATOM   862  C  C   . ASN A 1 126 ? 6.561   -2.006  19.612  1.00 29.92 ? 2105 ASN A C   1 
ATOM   863  O  O   . ASN A 1 126 ? 7.269   -2.186  20.643  1.00 28.07 ? 2105 ASN A O   1 
ATOM   864  C  CB  . ASN A 1 126 ? 6.092   0.374   18.759  1.00 31.00 ? 2105 ASN A CB  1 
ATOM   865  C  CG  . ASN A 1 126 ? 6.037   0.812   20.213  1.00 36.02 ? 2105 ASN A CG  1 
ATOM   866  O  OD1 . ASN A 1 126 ? 7.056   1.263   20.739  1.00 39.55 ? 2105 ASN A OD1 1 
ATOM   867  N  ND2 . ASN A 1 126 ? 4.854   0.637   20.887  1.00 33.40 ? 2105 ASN A ND2 1 
ATOM   868  N  N   . CYS A 1 127 ? 5.514   -2.786  19.305  1.00 29.45 ? 2106 CYS A N   1 
ATOM   869  C  CA  . CYS A 1 127 ? 5.126   -3.931  20.114  1.00 29.67 ? 2106 CYS A CA  1 
ATOM   870  C  C   . CYS A 1 127 ? 6.211   -4.998  20.162  1.00 29.72 ? 2106 CYS A C   1 
ATOM   871  O  O   . CYS A 1 127 ? 6.382   -5.680  21.188  1.00 28.58 ? 2106 CYS A O   1 
ATOM   872  C  CB  . CYS A 1 127 ? 3.832   -4.569  19.637  1.00 29.49 ? 2106 CYS A CB  1 
ATOM   873  S  SG  . CYS A 1 127 ? 2.364   -3.584  20.035  1.00 34.29 ? 2106 CYS A SG  1 
ATOM   874  N  N   . THR A 1 128 ? 6.934   -5.168  19.054  1.00 28.66 ? 2107 THR A N   1 
ATOM   875  C  CA  . THR A 1 128 ? 7.974   -6.217  19.015  1.00 29.33 ? 2107 THR A CA  1 
ATOM   876  C  C   . THR A 1 128 ? 9.099   -5.789  19.947  1.00 28.89 ? 2107 THR A C   1 
ATOM   877  O  O   . THR A 1 128 ? 9.639   -6.606  20.717  1.00 28.68 ? 2107 THR A O   1 
ATOM   878  C  CB  . THR A 1 128 ? 8.516   -6.404  17.616  1.00 27.51 ? 2107 THR A CB  1 
ATOM   879  O  OG1 . THR A 1 128 ? 7.425   -6.802  16.771  1.00 27.40 ? 2107 THR A OG1 1 
ATOM   880  C  CG2 . THR A 1 128 ? 9.606   -7.510  17.596  1.00 31.09 ? 2107 THR A CG2 1 
ATOM   881  N  N   . LYS A 1 129 ? 9.431   -4.504  19.837  1.00 30.05 ? 2108 LYS A N   1 
ATOM   882  C  CA  . LYS A 1 129 ? 10.473  -3.866  20.628  1.00 32.74 ? 2108 LYS A CA  1 
ATOM   883  C  C   . LYS A 1 129 ? 10.173  -4.123  22.088  1.00 34.34 ? 2108 LYS A C   1 
ATOM   884  O  O   . LYS A 1 129 ? 11.051  -4.573  22.814  1.00 36.03 ? 2108 LYS A O   1 
ATOM   885  C  CB  . LYS A 1 129 ? 10.454  -2.360  20.360  1.00 32.50 ? 2108 LYS A CB  1 
ATOM   886  C  CG  . LYS A 1 129 ? 11.637  -1.591  20.887  1.00 33.76 ? 2108 LYS A CG  1 
ATOM   887  C  CD  . LYS A 1 129 ? 11.398  -0.118  20.685  1.00 37.71 ? 2108 LYS A CD  1 
ATOM   888  C  CE  . LYS A 1 129 ? 10.784  0.472   21.949  1.00 42.93 ? 2108 LYS A CE  1 
ATOM   889  N  NZ  . LYS A 1 129 ? 9.797   1.548   21.629  1.00 46.20 ? 2108 LYS A NZ  1 
ATOM   890  N  N   . LEU A 1 130 ? 8.930   -3.856  22.501  1.00 35.07 ? 2109 LEU A N   1 
ATOM   891  C  CA  . LEU A 1 130 ? 8.529   -3.887  23.909  1.00 35.14 ? 2109 LEU A CA  1 
ATOM   892  C  C   . LEU A 1 130 ? 8.353   -5.328  24.405  1.00 35.02 ? 2109 LEU A C   1 
ATOM   893  O  O   . LEU A 1 130 ? 8.631   -5.628  25.557  1.00 34.83 ? 2109 LEU A O   1 
ATOM   894  C  CB  . LEU A 1 130 ? 7.251   -3.054  24.134  1.00 35.33 ? 2109 LEU A CB  1 
ATOM   895  C  CG  . LEU A 1 130 ? 7.220   -1.538  23.785  1.00 37.70 ? 2109 LEU A CG  1 
ATOM   896  C  CD1 . LEU A 1 130 ? 5.859   -0.886  24.050  1.00 36.90 ? 2109 LEU A CD1 1 
ATOM   897  C  CD2 . LEU A 1 130 ? 8.294   -0.754  24.477  1.00 40.14 ? 2109 LEU A CD2 1 
ATOM   898  N  N   . ALA A 1 131 ? 7.976   -6.257  23.537  1.00 34.67 ? 2110 ALA A N   1 
ATOM   899  C  CA  . ALA A 1 131 ? 7.878   -7.671  23.947  1.00 34.25 ? 2110 ALA A CA  1 
ATOM   900  C  C   . ALA A 1 131 ? 9.254   -8.304  24.048  1.00 34.82 ? 2110 ALA A C   1 
ATOM   901  O  O   . ALA A 1 131 ? 9.413   -9.345  24.674  1.00 34.27 ? 2110 ALA A O   1 
ATOM   902  C  CB  . ALA A 1 131 ? 6.984   -8.492  22.970  1.00 34.30 ? 2110 ALA A CB  1 
ATOM   903  N  N   . SER A 1 132 ? 10.257  -7.681  23.443  1.00 36.05 ? 2111 SER A N   1 
ATOM   904  C  CA  . SER A 1 132 ? 11.609  -8.292  23.405  1.00 37.23 ? 2111 SER A CA  1 
ATOM   905  C  C   . SER A 1 132 ? 12.204  -8.463  24.824  1.00 37.33 ? 2111 SER A C   1 
ATOM   906  O  O   . SER A 1 132 ? 12.336  -7.477  25.561  1.00 39.03 ? 2111 SER A O   1 
ATOM   907  C  CB  . SER A 1 132 ? 12.558  -7.510  22.486  1.00 37.10 ? 2111 SER A CB  1 
ATOM   908  O  OG  . SER A 1 132 ? 13.888  -8.029  22.595  1.00 39.64 ? 2111 SER A OG  1 
ATOM   909  N  N   . SER A 1 140 ? 2.746   -7.015  27.349  1.00 43.71 ? 2119 SER A N   1 
ATOM   910  C  CA  . SER A 1 140 ? 3.447   -6.771  26.069  1.00 43.91 ? 2119 SER A CA  1 
ATOM   911  C  C   . SER A 1 140 ? 3.285   -7.907  25.060  1.00 43.68 ? 2119 SER A C   1 
ATOM   912  O  O   . SER A 1 140 ? 3.253   -7.668  23.843  1.00 43.22 ? 2119 SER A O   1 
ATOM   913  C  CB  . SER A 1 140 ? 4.946   -6.504  26.285  1.00 44.06 ? 2119 SER A CB  1 
ATOM   914  O  OG  . SER A 1 140 ? 5.670   -7.734  26.344  1.00 44.20 ? 2119 SER A OG  1 
HETATM 915  N  N   . MSE A 1 141 ? 3.235   -9.143  25.557  1.00 43.53 ? 2120 MSE A N   1 
HETATM 916  C  CA  . MSE A 1 141 ? 2.995   -10.295 24.702  1.00 43.88 ? 2120 MSE A CA  1 
HETATM 917  C  C   . MSE A 1 141 ? 1.589   -10.261 24.114  1.00 42.39 ? 2120 MSE A C   1 
HETATM 918  O  O   . MSE A 1 141 ? 1.365   -10.717 22.992  1.00 41.32 ? 2120 MSE A O   1 
HETATM 919  C  CB  . MSE A 1 141 ? 3.216   -11.581 25.475  1.00 44.71 ? 2120 MSE A CB  1 
HETATM 920  C  CG  . MSE A 1 141 ? 4.685   -11.881 25.709  1.00 52.18 ? 2120 MSE A CG  1 
HETATM 921  SE SE  . MSE A 1 141 ? 5.659   -12.075 23.976  1.00 69.89 ? 2120 MSE A SE  1 
HETATM 922  C  CE  . MSE A 1 141 ? 4.436   -13.337 23.029  1.00 60.84 ? 2120 MSE A CE  1 
ATOM   923  N  N   . GLN A 1 142 ? 0.628   -9.733  24.874  1.00 41.24 ? 2121 GLN A N   1 
ATOM   924  C  CA  . GLN A 1 142 ? -0.722  -9.619  24.323  1.00 39.24 ? 2121 GLN A CA  1 
ATOM   925  C  C   . GLN A 1 142 ? -0.820  -8.462  23.346  1.00 37.51 ? 2121 GLN A C   1 
ATOM   926  O  O   . GLN A 1 142 ? -1.517  -8.546  22.370  1.00 37.14 ? 2121 GLN A O   1 
ATOM   927  C  CB  . GLN A 1 142 ? -1.805  -9.526  25.417  1.00 40.25 ? 2121 GLN A CB  1 
ATOM   928  N  N   . ASP A 1 143 ? -0.121  -7.367  23.623  1.00 36.97 ? 2122 ASP A N   1 
ATOM   929  C  CA  . ASP A 1 143 ? -0.025  -6.275  22.669  1.00 35.13 ? 2122 ASP A CA  1 
ATOM   930  C  C   . ASP A 1 143 ? 0.555   -6.749  21.316  1.00 34.10 ? 2122 ASP A C   1 
ATOM   931  O  O   . ASP A 1 143 ? 0.118   -6.278  20.255  1.00 33.04 ? 2122 ASP A O   1 
ATOM   932  C  CB  . ASP A 1 143 ? 0.845   -5.151  23.246  1.00 35.97 ? 2122 ASP A CB  1 
ATOM   933  C  CG  . ASP A 1 143 ? 0.224   -4.508  24.484  1.00 38.75 ? 2122 ASP A CG  1 
ATOM   934  O  OD1 . ASP A 1 143 ? -0.982  -4.771  24.710  1.00 35.63 ? 2122 ASP A OD1 1 
ATOM   935  O  OD2 . ASP A 1 143 ? 0.937   -3.766  25.204  1.00 38.02 ? 2122 ASP A OD2 1 
ATOM   936  N  N   . LEU A 1 144 ? 1.528   -7.670  21.346  1.00 31.43 ? 2123 LEU A N   1 
ATOM   937  C  CA  . LEU A 1 144 ? 2.149   -8.115  20.125  1.00 31.40 ? 2123 LEU A CA  1 
ATOM   938  C  C   . LEU A 1 144 ? 1.159   -8.965  19.320  1.00 31.94 ? 2123 LEU A C   1 
ATOM   939  O  O   . LEU A 1 144 ? 1.086   -8.852  18.100  1.00 30.92 ? 2123 LEU A O   1 
ATOM   940  C  CB  . LEU A 1 144 ? 3.426   -8.895  20.425  1.00 30.75 ? 2123 LEU A CB  1 
ATOM   941  C  CG  . LEU A 1 144 ? 4.010   -9.574  19.202  1.00 30.86 ? 2123 LEU A CG  1 
ATOM   942  C  CD1 . LEU A 1 144 ? 4.582   -8.469  18.300  1.00 27.80 ? 2123 LEU A CD1 1 
ATOM   943  C  CD2 . LEU A 1 144 ? 5.065   -10.570 19.639  1.00 29.05 ? 2123 LEU A CD2 1 
ATOM   944  N  N   . LYS A 1 145 ? 0.421   -9.840  20.001  1.00 31.74 ? 2124 LYS A N   1 
ATOM   945  C  CA  . LYS A 1 145 ? -0.504  -10.731 19.332  1.00 32.76 ? 2124 LYS A CA  1 
ATOM   946  C  C   . LYS A 1 145 ? -1.567  -9.862  18.613  1.00 33.15 ? 2124 LYS A C   1 
ATOM   947  O  O   . LYS A 1 145 ? -1.876  -10.080 17.439  1.00 33.16 ? 2124 LYS A O   1 
ATOM   948  C  CB  . LYS A 1 145 ? -1.145  -11.685 20.337  1.00 33.27 ? 2124 LYS A CB  1 
ATOM   949  N  N   . GLU A 1 146 ? -2.067  -8.843  19.303  1.00 33.64 ? 2125 GLU A N   1 
ATOM   950  C  CA  . GLU A 1 146 ? -3.076  -7.964  18.713  1.00 34.32 ? 2125 GLU A CA  1 
ATOM   951  C  C   . GLU A 1 146 ? -2.504  -7.110  17.551  1.00 33.10 ? 2125 GLU A C   1 
ATOM   952  O  O   . GLU A 1 146 ? -3.192  -6.882  16.572  1.00 33.61 ? 2125 GLU A O   1 
ATOM   953  C  CB  . GLU A 1 146 ? -3.728  -7.096  19.776  1.00 34.43 ? 2125 GLU A CB  1 
ATOM   954  C  CG  . GLU A 1 146 ? -4.933  -6.257  19.297  1.00 39.76 ? 2125 GLU A CG  1 
ATOM   955  C  CD  . GLU A 1 146 ? -6.085  -7.094  18.712  1.00 45.36 ? 2125 GLU A CD  1 
ATOM   956  O  OE1 . GLU A 1 146 ? -6.178  -8.329  18.998  1.00 48.57 ? 2125 GLU A OE1 1 
ATOM   957  O  OE2 . GLU A 1 146 ? -6.897  -6.510  17.943  1.00 47.93 ? 2125 GLU A OE2 1 
ATOM   958  N  N   . SER A 1 147 ? -1.267  -6.648  17.644  1.00 31.40 ? 2126 SER A N   1 
ATOM   959  C  CA  . SER A 1 147 ? -0.723  -5.850  16.537  1.00 30.06 ? 2126 SER A CA  1 
ATOM   960  C  C   . SER A 1 147 ? -0.412  -6.676  15.286  1.00 29.75 ? 2126 SER A C   1 
ATOM   961  O  O   . SER A 1 147 ? -0.518  -6.164  14.193  1.00 29.89 ? 2126 SER A O   1 
ATOM   962  C  CB  . SER A 1 147 ? 0.445   -4.954  16.948  1.00 29.42 ? 2126 SER A CB  1 
ATOM   963  O  OG  . SER A 1 147 ? 1.526   -5.690  17.483  1.00 33.96 ? 2126 SER A OG  1 
ATOM   964  N  N   . ALA A 1 148 ? -0.083  -7.955  15.441  1.00 29.02 ? 2127 ALA A N   1 
ATOM   965  C  CA  . ALA A 1 148 ? 0.266   -8.783  14.322  1.00 29.88 ? 2127 ALA A CA  1 
ATOM   966  C  C   . ALA A 1 148 ? -1.001  -9.127  13.537  1.00 31.46 ? 2127 ALA A C   1 
ATOM   967  O  O   . ALA A 1 148 ? -0.988  -9.249  12.303  1.00 32.09 ? 2127 ALA A O   1 
ATOM   968  C  CB  . ALA A 1 148 ? 0.942   -10.058 14.829  1.00 29.51 ? 2127 ALA A CB  1 
ATOM   969  N  N   . ARG A 1 149 ? -2.083  -9.325  14.270  1.00 31.05 ? 2128 ARG A N   1 
ATOM   970  C  CA  . ARG A 1 149 ? -3.404  -9.503  13.669  1.00 32.94 ? 2128 ARG A CA  1 
ATOM   971  C  C   . ARG A 1 149 ? -3.857  -8.242  12.915  1.00 31.99 ? 2128 ARG A C   1 
ATOM   972  O  O   . ARG A 1 149 ? -4.239  -8.321  11.745  1.00 32.42 ? 2128 ARG A O   1 
ATOM   973  C  CB  . ARG A 1 149 ? -4.413  -10.044 14.719  1.00 31.67 ? 2128 ARG A CB  1 
ATOM   974  C  CG  . ARG A 1 149 ? -5.649  -9.199  14.960  1.00 40.42 ? 2128 ARG A CG  1 
ATOM   975  C  CD  . ARG A 1 149 ? -6.858  -10.060 15.416  1.00 44.75 ? 2128 ARG A CD  1 
ATOM   976  N  NE  . ARG A 1 149 ? -8.085  -9.633  14.713  1.00 49.37 ? 2128 ARG A NE  1 
ATOM   977  C  CZ  . ARG A 1 149 ? -8.785  -10.374 13.843  1.00 50.32 ? 2128 ARG A CZ  1 
ATOM   978  N  NH1 . ARG A 1 149 ? -8.447  -11.641 13.567  1.00 47.84 ? 2128 ARG A NH1 1 
ATOM   979  N  NH2 . ARG A 1 149 ? -9.864  -9.843  13.267  1.00 51.46 ? 2128 ARG A NH2 1 
ATOM   980  N  N   . VAL A 1 150 ? -3.759  -7.085  13.553  1.00 31.26 ? 2129 VAL A N   1 
ATOM   981  C  CA  . VAL A 1 150 ? -4.109  -5.853  12.870  1.00 29.99 ? 2129 VAL A CA  1 
ATOM   982  C  C   . VAL A 1 150 ? -3.260  -5.691  11.551  1.00 29.90 ? 2129 VAL A C   1 
ATOM   983  O  O   . VAL A 1 150 ? -3.779  -5.344  10.483  1.00 29.63 ? 2129 VAL A O   1 
ATOM   984  C  CB  . VAL A 1 150 ? -4.045  -4.645  13.850  1.00 28.84 ? 2129 VAL A CB  1 
ATOM   985  C  CG1 . VAL A 1 150 ? -4.080  -3.283  13.143  1.00 25.64 ? 2129 VAL A CG1 1 
ATOM   986  C  CG2 . VAL A 1 150 ? -5.214  -4.716  14.808  1.00 32.07 ? 2129 VAL A CG2 1 
HETATM 987  N  N   . MSE A 1 151 ? -1.972  -5.966  11.627  1.00 27.96 ? 2130 MSE A N   1 
HETATM 988  C  CA  . MSE A 1 151 ? -1.131  -5.839  10.445  1.00 28.56 ? 2130 MSE A CA  1 
HETATM 989  C  C   . MSE A 1 151 ? -1.655  -6.722  9.294   1.00 27.60 ? 2130 MSE A C   1 
HETATM 990  O  O   . MSE A 1 151 ? -1.839  -6.259  8.184   1.00 25.57 ? 2130 MSE A O   1 
HETATM 991  C  CB  . MSE A 1 151 ? 0.303   -6.274  10.813  1.00 29.03 ? 2130 MSE A CB  1 
HETATM 992  C  CG  . MSE A 1 151 ? 1.223   -6.362  9.626   1.00 33.23 ? 2130 MSE A CG  1 
HETATM 993  SE SE  . MSE A 1 151 ? 1.528   -4.488  9.131   1.00 42.59 ? 2130 MSE A SE  1 
HETATM 994  C  CE  . MSE A 1 151 ? 2.849   -4.906  7.710   1.00 37.60 ? 2130 MSE A CE  1 
ATOM   995  N  N   . VAL A 1 152 ? -1.896  -8.003  9.552   1.00 27.52 ? 2131 VAL A N   1 
ATOM   996  C  CA  . VAL A 1 152 ? -2.240  -8.899  8.467   1.00 27.80 ? 2131 VAL A CA  1 
ATOM   997  C  C   . VAL A 1 152 ? -3.647  -8.504  7.899   1.00 27.11 ? 2131 VAL A C   1 
ATOM   998  O  O   . VAL A 1 152 ? -3.866  -8.575  6.680   1.00 27.18 ? 2131 VAL A O   1 
ATOM   999  C  CB  . VAL A 1 152 ? -2.091  -10.371 8.870   1.00 29.43 ? 2131 VAL A CB  1 
ATOM   1000 C  CG1 . VAL A 1 152 ? -2.367  -11.310 7.669   1.00 30.50 ? 2131 VAL A CG1 1 
ATOM   1001 C  CG2 . VAL A 1 152 ? -0.678  -10.589 9.381   1.00 34.04 ? 2131 VAL A CG2 1 
ATOM   1002 N  N   . LEU A 1 153 ? -4.563  -8.074  8.766   1.00 25.36 ? 2132 LEU A N   1 
ATOM   1003 C  CA  . LEU A 1 153 ? -5.868  -7.554  8.302   1.00 25.32 ? 2132 LEU A CA  1 
ATOM   1004 C  C   . LEU A 1 153 ? -5.701  -6.283  7.422   1.00 24.68 ? 2132 LEU A C   1 
ATOM   1005 O  O   . LEU A 1 153 ? -6.290  -6.215  6.360   1.00 24.26 ? 2132 LEU A O   1 
ATOM   1006 C  CB  . LEU A 1 153 ? -6.801  -7.231  9.481   1.00 26.36 ? 2132 LEU A CB  1 
ATOM   1007 C  CG  . LEU A 1 153 ? -7.212  -8.544  10.221  1.00 26.78 ? 2132 LEU A CG  1 
ATOM   1008 C  CD1 . LEU A 1 153 ? -8.150  -8.044  11.220  1.00 29.99 ? 2132 LEU A CD1 1 
ATOM   1009 C  CD2 . LEU A 1 153 ? -7.904  -9.560  9.297   1.00 30.62 ? 2132 LEU A CD2 1 
ATOM   1010 N  N   . ASN A 1 154 ? -4.876  -5.327  7.851   1.00 22.99 ? 2133 ASN A N   1 
ATOM   1011 C  CA  . ASN A 1 154 ? -4.627  -4.120  7.027   1.00 22.68 ? 2133 ASN A CA  1 
ATOM   1012 C  C   . ASN A 1 154 ? -3.982  -4.425  5.712   1.00 21.59 ? 2133 ASN A C   1 
ATOM   1013 O  O   . ASN A 1 154 ? -4.272  -3.777  4.702   1.00 20.57 ? 2133 ASN A O   1 
ATOM   1014 C  CB  . ASN A 1 154 ? -3.737  -3.137  7.766   1.00 23.39 ? 2133 ASN A CB  1 
ATOM   1015 C  CG  . ASN A 1 154 ? -4.514  -2.224  8.674   1.00 30.27 ? 2133 ASN A CG  1 
ATOM   1016 O  OD1 . ASN A 1 154 ? -4.849  -1.108  8.312   1.00 40.65 ? 2133 ASN A OD1 1 
ATOM   1017 N  ND2 . ASN A 1 154 ? -4.758  -2.665  9.863   1.00 35.22 ? 2133 ASN A ND2 1 
ATOM   1018 N  N   . VAL A 1 155 ? -3.074  -5.411  5.700   1.00 21.18 ? 2134 VAL A N   1 
ATOM   1019 C  CA  . VAL A 1 155 ? -2.578  -5.914  4.458   1.00 22.33 ? 2134 VAL A CA  1 
ATOM   1020 C  C   . VAL A 1 155 ? -3.723  -6.545  3.592   1.00 23.14 ? 2134 VAL A C   1 
ATOM   1021 O  O   . VAL A 1 155 ? -3.838  -6.269  2.402   1.00 22.51 ? 2134 VAL A O   1 
ATOM   1022 C  CB  . VAL A 1 155 ? -1.424  -6.906  4.682   1.00 21.67 ? 2134 VAL A CB  1 
ATOM   1023 C  CG1 . VAL A 1 155 ? -1.071  -7.590  3.414   1.00 23.49 ? 2134 VAL A CG1 1 
ATOM   1024 C  CG2 . VAL A 1 155 ? -0.187  -6.148  5.217   1.00 21.76 ? 2134 VAL A CG2 1 
ATOM   1025 N  N   . SER A 1 156 ? -4.544  -7.390  4.180   1.00 25.06 ? 2135 SER A N   1 
ATOM   1026 C  CA  . SER A 1 156 ? -5.655  -7.978  3.422   1.00 26.95 ? 2135 SER A CA  1 
ATOM   1027 C  C   . SER A 1 156 ? -6.528  -6.832  2.865   1.00 26.00 ? 2135 SER A C   1 
ATOM   1028 O  O   . SER A 1 156 ? -6.799  -6.872  1.698   1.00 26.35 ? 2135 SER A O   1 
ATOM   1029 C  CB  . SER A 1 156 ? -6.450  -9.013  4.246   1.00 28.25 ? 2135 SER A CB  1 
ATOM   1030 O  OG  . SER A 1 156 ? -7.689  -9.253  3.573   1.00 33.59 ? 2135 SER A OG  1 
ATOM   1031 N  N   . SER A 1 157 ? -6.828  -5.779  3.647   1.00 26.51 ? 2136 SER A N   1 
ATOM   1032 C  CA  . SER A 1 157 ? -7.569  -4.607  3.144   1.00 26.85 ? 2136 SER A CA  1 
ATOM   1033 C  C   . SER A 1 157 ? -6.903  -3.895  1.964   1.00 24.44 ? 2136 SER A C   1 
ATOM   1034 O  O   . SER A 1 157 ? -7.598  -3.452  1.062   1.00 22.86 ? 2136 SER A O   1 
ATOM   1035 C  CB  . SER A 1 157 ? -7.889  -3.576  4.232   1.00 28.44 ? 2136 SER A CB  1 
ATOM   1036 O  OG  . SER A 1 157 ? -8.670  -4.150  5.272   1.00 33.58 ? 2136 SER A OG  1 
ATOM   1037 N  N   . LEU A 1 158 ? -5.569  -3.823  1.958   1.00 21.24 ? 2137 LEU A N   1 
ATOM   1038 C  CA  . LEU A 1 158 ? -4.823  -3.235  0.839   1.00 20.85 ? 2137 LEU A CA  1 
ATOM   1039 C  C   . LEU A 1 158 ? -4.982  -4.108  -0.403  1.00 22.00 ? 2137 LEU A C   1 
ATOM   1040 O  O   . LEU A 1 158 ? -5.261  -3.627  -1.482  1.00 20.40 ? 2137 LEU A O   1 
ATOM   1041 C  CB  . LEU A 1 158 ? -3.299  -3.089  1.187   1.00 19.73 ? 2137 LEU A CB  1 
ATOM   1042 C  CG  . LEU A 1 158 ? -2.398  -2.658  -0.020  1.00 19.12 ? 2137 LEU A CG  1 
ATOM   1043 C  CD1 . LEU A 1 158 ? -2.785  -1.289  -0.545  1.00 20.73 ? 2137 LEU A CD1 1 
ATOM   1044 C  CD2 . LEU A 1 158 ? -0.956  -2.612  0.423   1.00 24.87 ? 2137 LEU A CD2 1 
ATOM   1045 N  N   . LEU A 1 159 ? -4.828  -5.419  -0.260  1.00 23.53 ? 2138 LEU A N   1 
ATOM   1046 C  CA  . LEU A 1 159 ? -5.002  -6.285  -1.402  1.00 24.17 ? 2138 LEU A CA  1 
ATOM   1047 C  C   . LEU A 1 159 ? -6.418  -6.166  -2.013  1.00 24.39 ? 2138 LEU A C   1 
ATOM   1048 O  O   . LEU A 1 159 ? -6.527  -6.145  -3.229  1.00 22.30 ? 2138 LEU A O   1 
ATOM   1049 C  CB  . LEU A 1 159 ? -4.694  -7.760  -1.058  1.00 24.81 ? 2138 LEU A CB  1 
ATOM   1050 C  CG  . LEU A 1 159 ? -3.285  -8.062  -0.549  1.00 28.49 ? 2138 LEU A CG  1 
ATOM   1051 C  CD1 . LEU A 1 159 ? -2.912  -9.569  -0.636  1.00 33.97 ? 2138 LEU A CD1 1 
ATOM   1052 C  CD2 . LEU A 1 159 ? -2.298  -7.286  -1.290  1.00 30.41 ? 2138 LEU A CD2 1 
ATOM   1053 N  N   . LYS A 1 160 ? -7.456  -6.064  -1.195  1.00 25.08 ? 2139 LYS A N   1 
ATOM   1054 C  CA  . LYS A 1 160 ? -8.844  -5.880  -1.686  1.00 26.94 ? 2139 LYS A CA  1 
ATOM   1055 C  C   . LYS A 1 160 ? -9.057  -4.547  -2.386  1.00 25.37 ? 2139 LYS A C   1 
ATOM   1056 O  O   . LYS A 1 160 ? -9.658  -4.482  -3.436  1.00 25.54 ? 2139 LYS A O   1 
ATOM   1057 C  CB  . LYS A 1 160 ? -9.833  -5.918  -0.535  1.00 26.87 ? 2139 LYS A CB  1 
ATOM   1058 C  CG  . LYS A 1 160 ? -9.923  -7.309  0.129   1.00 33.27 ? 2139 LYS A CG  1 
ATOM   1059 C  CD  . LYS A 1 160 ? -11.114 -7.440  1.089   1.00 36.41 ? 2139 LYS A CD  1 
ATOM   1060 C  CE  . LYS A 1 160 ? -11.038 -6.516  2.313   1.00 45.10 ? 2139 LYS A CE  1 
ATOM   1061 N  NZ  . LYS A 1 160 ? -10.181 -6.980  3.506   1.00 52.80 ? 2139 LYS A NZ  1 
ATOM   1062 N  N   . THR A 1 161 ? -8.560  -3.478  -1.792  1.00 24.96 ? 2140 THR A N   1 
ATOM   1063 C  CA  . THR A 1 161 ? -8.497  -2.168  -2.443  1.00 22.17 ? 2140 THR A CA  1 
ATOM   1064 C  C   . THR A 1 161 ? -7.771  -2.165  -3.784  1.00 21.72 ? 2140 THR A C   1 
ATOM   1065 O  O   . THR A 1 161 ? -8.226  -1.498  -4.711  1.00 20.87 ? 2140 THR A O   1 
ATOM   1066 C  CB  . THR A 1 161 ? -7.792  -1.191  -1.467  1.00 23.99 ? 2140 THR A CB  1 
ATOM   1067 O  OG1 . THR A 1 161 ? -8.573  -1.144  -0.293  1.00 26.23 ? 2140 THR A OG1 1 
ATOM   1068 C  CG2 . THR A 1 161 ? -7.721  0.214   -1.994  1.00 21.44 ? 2140 THR A CG2 1 
ATOM   1069 N  N   . VAL A 1 162 ? -6.609  -2.815  -3.891  1.00 21.14 ? 2141 VAL A N   1 
ATOM   1070 C  CA  . VAL A 1 162 ? -5.878  -2.852  -5.153  1.00 22.72 ? 2141 VAL A CA  1 
ATOM   1071 C  C   . VAL A 1 162 ? -6.726  -3.568  -6.255  1.00 24.90 ? 2141 VAL A C   1 
ATOM   1072 O  O   . VAL A 1 162 ? -6.816  -3.099  -7.411  1.00 22.93 ? 2141 VAL A O   1 
ATOM   1073 C  CB  . VAL A 1 162 ? -4.521  -3.526  -4.992  1.00 22.84 ? 2141 VAL A CB  1 
ATOM   1074 C  CG1 . VAL A 1 162 ? -3.905  -3.765  -6.391  1.00 25.23 ? 2141 VAL A CG1 1 
ATOM   1075 C  CG2 . VAL A 1 162 ? -3.585  -2.593  -4.134  1.00 21.93 ? 2141 VAL A CG2 1 
ATOM   1076 N  N   . LYS A 1 163 ? -7.373  -4.673  -5.869  1.00 25.46 ? 2142 LYS A N   1 
ATOM   1077 C  CA  . LYS A 1 163 ? -8.388  -5.260  -6.745  1.00 27.24 ? 2142 LYS A CA  1 
ATOM   1078 C  C   . LYS A 1 163 ? -9.541  -4.331  -7.084  1.00 25.17 ? 2142 LYS A C   1 
ATOM   1079 O  O   . LYS A 1 163 ? -9.902  -4.242  -8.247  1.00 27.20 ? 2142 LYS A O   1 
ATOM   1080 C  CB  . LYS A 1 163 ? -8.892  -6.610  -6.221  1.00 28.23 ? 2142 LYS A CB  1 
ATOM   1081 C  CG  . LYS A 1 163 ? -9.938  -7.339  -7.223  1.00 33.58 ? 2142 LYS A CG  1 
ATOM   1082 C  CD  . LYS A 1 163 ? -10.934 -8.196  -6.423  1.00 41.61 ? 2142 LYS A CD  1 
ATOM   1083 C  CE  . LYS A 1 163 ? -10.193 -9.140  -5.386  1.00 44.80 ? 2142 LYS A CE  1 
ATOM   1084 N  NZ  . LYS A 1 163 ? -10.734 -9.159  -3.947  1.00 41.83 ? 2142 LYS A NZ  1 
ATOM   1085 N  N   . ALA A 1 164 ? -10.147 -3.643  -6.135  1.00 25.04 ? 2143 ALA A N   1 
ATOM   1086 C  CA  . ALA A 1 164 ? -11.293 -2.837  -6.452  1.00 23.49 ? 2143 ALA A CA  1 
ATOM   1087 C  C   . ALA A 1 164 ? -10.926 -1.659  -7.395  1.00 25.31 ? 2143 ALA A C   1 
ATOM   1088 O  O   . ALA A 1 164 ? -11.716 -1.272  -8.297  1.00 22.52 ? 2143 ALA A O   1 
ATOM   1089 C  CB  . ALA A 1 164 ? -11.965 -2.289  -5.176  1.00 23.61 ? 2143 ALA A CB  1 
ATOM   1090 N  N   . VAL A 1 165 ? -9.747  -1.057  -7.170  1.00 22.75 ? 2144 VAL A N   1 
ATOM   1091 C  CA  . VAL A 1 165 ? -9.294  0.069   -7.975  1.00 22.61 ? 2144 VAL A CA  1 
ATOM   1092 C  C   . VAL A 1 165 ? -8.941  -0.404  -9.411  1.00 22.40 ? 2144 VAL A C   1 
ATOM   1093 O  O   . VAL A 1 165 ? -9.169  0.279   -10.432 1.00 22.90 ? 2144 VAL A O   1 
ATOM   1094 C  CB  . VAL A 1 165 ? -8.069  0.690   -7.230  1.00 22.24 ? 2144 VAL A CB  1 
ATOM   1095 C  CG1 . VAL A 1 165 ? -7.139  1.323   -8.178  1.00 26.13 ? 2144 VAL A CG1 1 
ATOM   1096 C  CG2 . VAL A 1 165 ? -8.574  1.628   -6.125  1.00 23.18 ? 2144 VAL A CG2 1 
ATOM   1097 N  N   . GLU A 1 166 ? -8.398  -1.592  -9.509  1.00 23.37 ? 2145 GLU A N   1 
ATOM   1098 C  CA  . GLU A 1 166 ? -7.976  -2.072  -10.802 1.00 26.49 ? 2145 GLU A CA  1 
ATOM   1099 C  C   . GLU A 1 166 ? -9.221  -2.442  -11.661 1.00 27.45 ? 2145 GLU A C   1 
ATOM   1100 O  O   . GLU A 1 166 ? -9.276  -2.100  -12.858 1.00 28.63 ? 2145 GLU A O   1 
ATOM   1101 C  CB  . GLU A 1 166 ? -7.035  -3.273  -10.728 1.00 26.59 ? 2145 GLU A CB  1 
ATOM   1102 C  CG  . GLU A 1 166 ? -6.316  -3.374  -12.061 1.00 31.11 ? 2145 GLU A CG  1 
ATOM   1103 C  CD  . GLU A 1 166 ? -5.352  -4.490  -12.120 1.00 38.41 ? 2145 GLU A CD  1 
ATOM   1104 O  OE1 . GLU A 1 166 ? -5.187  -5.199  -11.084 1.00 40.75 ? 2145 GLU A OE1 1 
ATOM   1105 O  OE2 . GLU A 1 166 ? -4.734  -4.615  -13.211 1.00 39.93 ? 2145 GLU A OE2 1 
ATOM   1106 N  N   . ASP A 1 167 ? -10.187 -3.114  -11.033 1.00 28.34 ? 2146 ASP A N   1 
ATOM   1107 C  CA  . ASP A 1 167 ? -11.489 -3.452  -11.652 1.00 28.85 ? 2146 ASP A CA  1 
ATOM   1108 C  C   . ASP A 1 167 ? -12.151 -2.203  -12.174 1.00 27.22 ? 2146 ASP A C   1 
ATOM   1109 O  O   . ASP A 1 167 ? -12.569 -2.189  -13.306 1.00 27.47 ? 2146 ASP A O   1 
ATOM   1110 C  CB  . ASP A 1 167 ? -12.456 -4.003  -10.614 1.00 29.17 ? 2146 ASP A CB  1 
ATOM   1111 C  CG  . ASP A 1 167 ? -12.173 -5.458  -10.218 1.00 33.04 ? 2146 ASP A CG  1 
ATOM   1112 O  OD1 . ASP A 1 167 ? -11.387 -6.169  -10.901 1.00 37.58 ? 2146 ASP A OD1 1 
ATOM   1113 O  OD2 . ASP A 1 167 ? -12.791 -5.879  -9.183  1.00 39.62 ? 2146 ASP A OD2 1 
ATOM   1114 N  N   . GLU A 1 168 ? -12.285 -1.167  -11.342 1.00 26.06 ? 2147 GLU A N   1 
ATOM   1115 C  CA  . GLU A 1 168 ? -12.801 0.128   -11.805 1.00 27.00 ? 2147 GLU A CA  1 
ATOM   1116 C  C   . GLU A 1 168 ? -12.028 0.753   -12.968 1.00 27.71 ? 2147 GLU A C   1 
ATOM   1117 O  O   . GLU A 1 168 ? -12.604 1.297   -13.890 1.00 27.78 ? 2147 GLU A O   1 
ATOM   1118 C  CB  . GLU A 1 168 ? -12.899 1.129   -10.670 1.00 26.05 ? 2147 GLU A CB  1 
ATOM   1119 C  CG  . GLU A 1 168 ? -13.184 2.575   -11.137 1.00 30.30 ? 2147 GLU A CG  1 
ATOM   1120 C  CD  . GLU A 1 168 ? -14.570 2.757   -11.768 1.00 36.71 ? 2147 GLU A CD  1 
ATOM   1121 O  OE1 . GLU A 1 168 ? -15.393 1.800   -11.751 1.00 35.96 ? 2147 GLU A OE1 1 
ATOM   1122 O  OE2 . GLU A 1 168 ? -14.824 3.867   -12.293 1.00 39.51 ? 2147 GLU A OE2 1 
ATOM   1123 N  N   . HIS A 1 169 ? -10.709 0.711   -12.891 1.00 27.82 ? 2148 HIS A N   1 
ATOM   1124 C  CA  . HIS A 1 169 ? -9.878  1.200   -13.971 1.00 29.26 ? 2148 HIS A CA  1 
ATOM   1125 C  C   . HIS A 1 169 ? -10.136 0.482   -15.330 1.00 30.26 ? 2148 HIS A C   1 
ATOM   1126 O  O   . HIS A 1 169 ? -10.370 1.131   -16.350 1.00 29.65 ? 2148 HIS A O   1 
ATOM   1127 C  CB  . HIS A 1 169 ? -8.433  1.092   -13.533 1.00 28.74 ? 2148 HIS A CB  1 
ATOM   1128 C  CG  . HIS A 1 169 ? -7.464  1.600   -14.521 1.00 31.82 ? 2148 HIS A CG  1 
ATOM   1129 N  ND1 . HIS A 1 169 ? -7.471  2.907   -14.954 1.00 36.17 ? 2148 HIS A ND1 1 
ATOM   1130 C  CD2 . HIS A 1 169 ? -6.418  0.994   -15.132 1.00 34.64 ? 2148 HIS A CD2 1 
ATOM   1131 C  CE1 . HIS A 1 169 ? -6.477  3.084   -15.806 1.00 39.44 ? 2148 HIS A CE1 1 
ATOM   1132 N  NE2 . HIS A 1 169 ? -5.822  1.943   -15.927 1.00 40.80 ? 2148 HIS A NE2 1 
ATOM   1133 N  N   . THR A 1 170 ? -10.111 -0.842  -15.300 1.00 30.80 ? 2149 THR A N   1 
ATOM   1134 C  CA  . THR A 1 170 ? -10.419 -1.686  -16.451 1.00 33.63 ? 2149 THR A CA  1 
ATOM   1135 C  C   . THR A 1 170 ? -11.812 -1.401  -17.022 1.00 33.35 ? 2149 THR A C   1 
ATOM   1136 O  O   . THR A 1 170 ? -11.967 -1.268  -18.257 1.00 33.97 ? 2149 THR A O   1 
ATOM   1137 C  CB  . THR A 1 170 ? -10.383 -3.149  -16.027 1.00 32.27 ? 2149 THR A CB  1 
ATOM   1138 O  OG1 . THR A 1 170 ? -9.058  -3.441  -15.628 1.00 37.50 ? 2149 THR A OG1 1 
ATOM   1139 C  CG2 . THR A 1 170 ? -10.691 -4.060  -17.186 1.00 37.59 ? 2149 THR A CG2 1 
ATOM   1140 N  N   . ARG A 1 171 ? -12.787 -1.338  -16.110 1.00 32.61 ? 2150 ARG A N   1 
ATOM   1141 C  CA  . ARG A 1 171 ? -14.175 -1.030  -16.400 1.00 33.26 ? 2150 ARG A CA  1 
ATOM   1142 C  C   . ARG A 1 171 ? -14.281 0.306   -17.157 1.00 33.34 ? 2150 ARG A C   1 
ATOM   1143 O  O   . ARG A 1 171 ? -14.945 0.374   -18.205 1.00 33.08 ? 2150 ARG A O   1 
ATOM   1144 C  CB  . ARG A 1 171 ? -14.993 -0.980  -15.104 1.00 33.21 ? 2150 ARG A CB  1 
ATOM   1145 C  CG  . ARG A 1 171 ? -16.523 -1.080  -15.334 1.00 37.28 ? 2150 ARG A CG  1 
ATOM   1146 C  CD  . ARG A 1 171 ? -17.316 -0.289  -14.270 1.00 39.52 ? 2150 ARG A CD  1 
ATOM   1147 N  NE  . ARG A 1 171 ? -16.789 1.068   -14.024 1.00 38.77 ? 2150 ARG A NE  1 
ATOM   1148 C  CZ  . ARG A 1 171 ? -16.990 2.128   -14.825 1.00 41.13 ? 2150 ARG A CZ  1 
ATOM   1149 N  NH1 . ARG A 1 171 ? -17.699 2.023   -15.958 1.00 42.28 ? 2150 ARG A NH1 1 
ATOM   1150 N  NH2 . ARG A 1 171 ? -16.501 3.314   -14.495 1.00 38.23 ? 2150 ARG A NH2 1 
ATOM   1151 N  N   . GLY A 1 172 ? -13.610 1.336   -16.631 1.00 32.07 ? 2151 GLY A N   1 
ATOM   1152 C  CA  . GLY A 1 172 ? -13.633 2.703   -17.205 1.00 31.75 ? 2151 GLY A CA  1 
ATOM   1153 C  C   . GLY A 1 172 ? -13.095 2.759   -18.609 1.00 31.09 ? 2151 GLY A C   1 
ATOM   1154 O  O   . GLY A 1 172 ? -13.685 3.387   -19.470 1.00 30.17 ? 2151 GLY A O   1 
ATOM   1155 N  N   . THR A 1 173 ? -11.983 2.074   -18.832 1.00 31.05 ? 2152 THR A N   1 
ATOM   1156 C  CA  . THR A 1 173 ? -11.350 1.951   -20.150 1.00 33.84 ? 2152 THR A CA  1 
ATOM   1157 C  C   . THR A 1 173 ? -12.239 1.237   -21.229 1.00 34.19 ? 2152 THR A C   1 
ATOM   1158 O  O   . THR A 1 173 ? -12.416 1.727   -22.364 1.00 34.69 ? 2152 THR A O   1 
ATOM   1159 C  CB  . THR A 1 173 ? -10.006 1.203   -19.978 1.00 33.97 ? 2152 THR A CB  1 
ATOM   1160 O  OG1 . THR A 1 173 ? -9.207  1.973   -19.078 1.00 38.38 ? 2152 THR A OG1 1 
ATOM   1161 C  CG2 . THR A 1 173 ? -9.284  1.079   -21.286 1.00 34.24 ? 2152 THR A CG2 1 
ATOM   1162 N  N   . ARG A 1 174 ? -12.787 0.091   -20.864 1.00 33.65 ? 2153 ARG A N   1 
ATOM   1163 C  CA  . ARG A 1 174 ? -13.625 -0.638  -21.763 1.00 34.97 ? 2153 ARG A CA  1 
ATOM   1164 C  C   . ARG A 1 174 ? -14.960 0.072   -21.991 1.00 34.87 ? 2153 ARG A C   1 
ATOM   1165 O  O   . ARG A 1 174 ? -15.482 0.056   -23.107 1.00 34.65 ? 2153 ARG A O   1 
ATOM   1166 C  CB  . ARG A 1 174 ? -13.814 -2.046  -21.246 1.00 35.46 ? 2153 ARG A CB  1 
ATOM   1167 C  CG  . ARG A 1 174 ? -12.544 -2.894  -21.545 1.00 40.47 ? 2153 ARG A CG  1 
ATOM   1168 C  CD  . ARG A 1 174 ? -12.574 -4.169  -20.773 1.00 48.43 ? 2153 ARG A CD  1 
ATOM   1169 N  NE  . ARG A 1 174 ? -13.809 -4.204  -19.993 1.00 53.65 ? 2153 ARG A NE  1 
ATOM   1170 C  CZ  . ARG A 1 174 ? -14.029 -5.001  -18.963 1.00 56.19 ? 2153 ARG A CZ  1 
ATOM   1171 N  NH1 . ARG A 1 174 ? -13.106 -5.889  -18.606 1.00 58.36 ? 2153 ARG A NH1 1 
ATOM   1172 N  NH2 . ARG A 1 174 ? -15.182 -4.912  -18.311 1.00 56.99 ? 2153 ARG A NH2 1 
ATOM   1173 N  N   . ALA A 1 175 ? -15.493 0.729   -20.977 1.00 32.91 ? 2154 ALA A N   1 
ATOM   1174 C  CA  . ALA A 1 175 ? -16.652 1.558   -21.221 1.00 32.29 ? 2154 ALA A CA  1 
ATOM   1175 C  C   . ALA A 1 175 ? -16.390 2.734   -22.187 1.00 33.02 ? 2154 ALA A C   1 
ATOM   1176 O  O   . ALA A 1 175 ? -17.214 3.011   -23.060 1.00 32.51 ? 2154 ALA A O   1 
ATOM   1177 C  CB  . ALA A 1 175 ? -17.249 2.034   -19.930 1.00 31.43 ? 2154 ALA A CB  1 
HETATM 1178 N  N   . MSE A 1 176 ? -15.261 3.421   -22.031 1.00 33.58 ? 2155 MSE A N   1 
HETATM 1179 C  CA  . MSE A 1 176 ? -14.858 4.481   -22.943 1.00 36.44 ? 2155 MSE A CA  1 
HETATM 1180 C  C   . MSE A 1 176 ? -14.793 3.916   -24.372 1.00 37.07 ? 2155 MSE A C   1 
HETATM 1181 O  O   . MSE A 1 176 ? -15.389 4.482   -25.302 1.00 37.02 ? 2155 MSE A O   1 
HETATM 1182 C  CB  . MSE A 1 176 ? -13.482 5.008   -22.552 1.00 36.85 ? 2155 MSE A CB  1 
HETATM 1183 C  CG  . MSE A 1 176 ? -12.854 5.961   -23.564 1.00 43.20 ? 2155 MSE A CG  1 
HETATM 1184 SE SE  . MSE A 1 176 ? -14.105 7.498   -23.688 1.00 61.79 ? 2155 MSE A SE  1 
HETATM 1185 C  CE  . MSE A 1 176 ? -13.526 8.458   -22.045 1.00 56.03 ? 2155 MSE A CE  1 
ATOM   1186 N  N   . GLU A 1 177 ? -14.065 2.814   -24.545 1.00 37.25 ? 2156 GLU A N   1 
ATOM   1187 C  CA  . GLU A 1 177 ? -13.983 2.164   -25.843 1.00 39.28 ? 2156 GLU A CA  1 
ATOM   1188 C  C   . GLU A 1 177 ? -15.395 1.829   -26.352 1.00 40.42 ? 2156 GLU A C   1 
ATOM   1189 O  O   . GLU A 1 177 ? -15.716 2.105   -27.524 1.00 41.28 ? 2156 GLU A O   1 
ATOM   1190 C  CB  . GLU A 1 177 ? -13.066 0.923   -25.794 1.00 37.83 ? 2156 GLU A CB  1 
ATOM   1191 N  N   . ALA A 1 178 ? -16.233 1.273   -25.469 1.00 41.39 ? 2157 ALA A N   1 
ATOM   1192 C  CA  . ALA A 1 178 ? -17.587 0.859   -25.844 1.00 42.85 ? 2157 ALA A CA  1 
ATOM   1193 C  C   . ALA A 1 178 ? -18.426 2.059   -26.311 1.00 43.72 ? 2157 ALA A C   1 
ATOM   1194 O  O   . ALA A 1 178 ? -19.272 1.952   -27.246 1.00 43.64 ? 2157 ALA A O   1 
ATOM   1195 C  CB  . ALA A 1 178 ? -18.283 0.137   -24.712 1.00 42.91 ? 2157 ALA A CB  1 
ATOM   1196 N  N   . THR A 1 179 ? -18.190 3.202   -25.677 1.00 43.11 ? 2158 THR A N   1 
ATOM   1197 C  CA  . THR A 1 179 ? -18.968 4.399   -26.010 1.00 42.90 ? 2158 THR A CA  1 
ATOM   1198 C  C   . THR A 1 179 ? -18.594 4.994   -27.350 1.00 42.62 ? 2158 THR A C   1 
ATOM   1199 O  O   . THR A 1 179 ? -19.469 5.393   -28.101 1.00 41.85 ? 2158 THR A O   1 
ATOM   1200 C  CB  . THR A 1 179 ? -18.896 5.437   -24.912 1.00 42.46 ? 2158 THR A CB  1 
ATOM   1201 O  OG1 . THR A 1 179 ? -19.509 4.869   -23.750 1.00 42.56 ? 2158 THR A OG1 1 
ATOM   1202 C  CG2 . THR A 1 179 ? -19.649 6.690   -25.302 1.00 42.47 ? 2158 THR A CG2 1 
ATOM   1203 N  N   . VAL A 1 180 ? -17.295 5.031   -27.623 1.00 42.71 ? 2159 VAL A N   1 
ATOM   1204 C  CA  . VAL A 1 180 ? -16.749 5.599   -28.831 1.00 44.01 ? 2159 VAL A CA  1 
ATOM   1205 C  C   . VAL A 1 180 ? -17.297 4.797   -30.006 1.00 44.74 ? 2159 VAL A C   1 
ATOM   1206 O  O   . VAL A 1 180 ? -17.842 5.373   -30.935 1.00 45.32 ? 2159 VAL A O   1 
ATOM   1207 C  CB  . VAL A 1 180 ? -15.211 5.574   -28.765 1.00 44.12 ? 2159 VAL A CB  1 
ATOM   1208 C  CG1 . VAL A 1 180 ? -14.578 5.435   -30.146 1.00 46.19 ? 2159 VAL A CG1 1 
ATOM   1209 C  CG2 . VAL A 1 180 ? -14.722 6.780   -28.032 1.00 43.94 ? 2159 VAL A CG2 1 
ATOM   1210 N  N   . GLU A 1 181 ? -17.200 3.472   -29.926 1.00 45.30 ? 2160 GLU A N   1 
ATOM   1211 C  CA  . GLU A 1 181 ? -17.756 2.573   -30.941 1.00 44.83 ? 2160 GLU A CA  1 
ATOM   1212 C  C   . GLU A 1 181 ? -19.298 2.627   -31.078 1.00 44.63 ? 2160 GLU A C   1 
ATOM   1213 O  O   . GLU A 1 181 ? -19.804 2.463   -32.181 1.00 44.71 ? 2160 GLU A O   1 
ATOM   1214 C  CB  . GLU A 1 181 ? -17.271 1.141   -30.701 1.00 45.75 ? 2160 GLU A CB  1 
ATOM   1215 N  N   . ALA A 1 182 ? -20.031 2.835   -29.971 1.00 42.97 ? 2161 ALA A N   1 
ATOM   1216 C  CA  . ALA A 1 182 ? -21.474 3.172   -30.004 1.00 41.38 ? 2161 ALA A CA  1 
ATOM   1217 C  C   . ALA A 1 182 ? -21.760 4.457   -30.789 1.00 40.13 ? 2161 ALA A C   1 
ATOM   1218 O  O   . ALA A 1 182 ? -22.680 4.492   -31.585 1.00 38.82 ? 2161 ALA A O   1 
ATOM   1219 C  CB  . ALA A 1 182 ? -22.046 3.302   -28.616 1.00 41.37 ? 2161 ALA A CB  1 
ATOM   1220 N  N   . ILE A 1 183 ? -20.971 5.502   -30.563 1.00 38.48 ? 2162 ILE A N   1 
ATOM   1221 C  CA  . ILE A 1 183 ? -21.140 6.717   -31.338 1.00 38.16 ? 2162 ILE A CA  1 
ATOM   1222 C  C   . ILE A 1 183 ? -20.872 6.414   -32.826 1.00 38.78 ? 2162 ILE A C   1 
ATOM   1223 O  O   . ILE A 1 183 ? -21.713 6.752   -33.667 1.00 38.02 ? 2162 ILE A O   1 
ATOM   1224 C  CB  . ILE A 1 183 ? -20.365 7.922   -30.800 1.00 37.67 ? 2162 ILE A CB  1 
ATOM   1225 C  CG1 . ILE A 1 183 ? -20.789 8.199   -29.364 1.00 36.84 ? 2162 ILE A CG1 1 
ATOM   1226 C  CG2 . ILE A 1 183 ? -20.660 9.187   -31.620 1.00 37.89 ? 2162 ILE A CG2 1 
ATOM   1227 C  CD1 . ILE A 1 183 ? -19.768 9.048   -28.570 1.00 37.93 ? 2162 ILE A CD1 1 
ATOM   1228 N  N   . SER A 1 184 ? -19.766 5.748   -33.149 1.00 38.83 ? 2163 SER A N   1 
ATOM   1229 C  CA  . SER A 1 184 ? -19.497 5.378   -34.539 1.00 41.15 ? 2163 SER A CA  1 
ATOM   1230 C  C   . SER A 1 184 ? -20.639 4.579   -35.173 1.00 41.52 ? 2163 SER A C   1 
ATOM   1231 O  O   . SER A 1 184 ? -21.141 4.925   -36.243 1.00 41.66 ? 2163 SER A O   1 
ATOM   1232 C  CB  . SER A 1 184 ? -18.195 4.576   -34.658 1.00 41.63 ? 2163 SER A CB  1 
ATOM   1233 O  OG  . SER A 1 184 ? -17.126 5.301   -34.091 1.00 44.67 ? 2163 SER A OG  1 
ATOM   1234 N  N   . GLN A 1 185 ? -21.049 3.505   -34.510 1.00 42.85 ? 2164 GLN A N   1 
ATOM   1235 C  CA  . GLN A 1 185 ? -22.106 2.678   -35.060 1.00 43.15 ? 2164 GLN A CA  1 
ATOM   1236 C  C   . GLN A 1 185 ? -23.362 3.511   -35.327 1.00 42.86 ? 2164 GLN A C   1 
ATOM   1237 O  O   . GLN A 1 185 ? -24.054 3.282   -36.314 1.00 43.14 ? 2164 GLN A O   1 
ATOM   1238 C  CB  . GLN A 1 185 ? -22.354 1.407   -34.210 1.00 43.76 ? 2164 GLN A CB  1 
ATOM   1239 N  N   . GLU A 1 186 ? -23.647 4.491   -34.479 1.00 42.90 ? 2165 GLU A N   1 
ATOM   1240 C  CA  . GLU A 1 186 ? -24.805 5.349   -34.678 1.00 43.02 ? 2165 GLU A CA  1 
ATOM   1241 C  C   . GLU A 1 186 ? -24.577 6.324   -35.847 1.00 43.57 ? 2165 GLU A C   1 
ATOM   1242 O  O   . GLU A 1 186 ? -25.539 6.717   -36.508 1.00 44.11 ? 2165 GLU A O   1 
ATOM   1243 C  CB  . GLU A 1 186 ? -25.206 6.104   -33.405 1.00 43.33 ? 2165 GLU A CB  1 
ATOM   1244 N  N   . ILE A 1 187 ? -23.327 6.681   -36.133 1.00 43.76 ? 2166 ILE A N   1 
ATOM   1245 C  CA  . ILE A 1 187 ? -23.036 7.490   -37.338 1.00 43.98 ? 2166 ILE A CA  1 
ATOM   1246 C  C   . ILE A 1 187 ? -23.198 6.652   -38.621 1.00 45.59 ? 2166 ILE A C   1 
ATOM   1247 O  O   . ILE A 1 187 ? -23.863 7.084   -39.588 1.00 45.64 ? 2166 ILE A O   1 
ATOM   1248 C  CB  . ILE A 1 187 ? -21.628 8.134   -37.311 1.00 43.51 ? 2166 ILE A CB  1 
ATOM   1249 C  CG1 . ILE A 1 187 ? -21.546 9.178   -36.202 1.00 41.80 ? 2166 ILE A CG1 1 
ATOM   1250 C  CG2 . ILE A 1 187 ? -21.301 8.784   -38.659 1.00 41.01 ? 2166 ILE A CG2 1 
ATOM   1251 C  CD1 . ILE A 1 187 ? -20.121 9.459   -35.725 1.00 38.84 ? 2166 ILE A CD1 1 
ATOM   1252 N  N   . ARG A 1 188 ? -22.615 5.453   -38.617 1.00 46.53 ? 2167 ARG A N   1 
ATOM   1253 C  CA  . ARG A 1 188 ? -22.818 4.483   -39.709 1.00 46.96 ? 2167 ARG A CA  1 
ATOM   1254 C  C   . ARG A 1 188 ? -24.312 4.197   -39.944 1.00 47.07 ? 2167 ARG A C   1 
ATOM   1255 O  O   . ARG A 1 188 ? -24.718 4.058   -41.096 1.00 48.08 ? 2167 ARG A O   1 
ATOM   1256 C  CB  . ARG A 1 188 ? -22.007 3.181   -39.487 1.00 46.35 ? 2167 ARG A CB  1 
ATOM   1257 N  N   . ALA A 1 189 ? -25.124 4.151   -38.877 1.00 46.81 ? 2168 ALA A N   1 
ATOM   1258 C  CA  . ALA A 1 189 ? -26.557 3.867   -38.998 1.00 46.78 ? 2168 ALA A CA  1 
ATOM   1259 C  C   . ALA A 1 189 ? -27.275 5.034   -39.630 1.00 46.96 ? 2168 ALA A C   1 
ATOM   1260 O  O   . ALA A 1 189 ? -28.120 4.828   -40.508 1.00 46.87 ? 2168 ALA A O   1 
ATOM   1261 C  CB  . ALA A 1 189 ? -27.191 3.554   -37.650 1.00 47.43 ? 2168 ALA A CB  1 
ATOM   1262 N  N   . LEU A 1 190 ? -26.956 6.255   -39.175 1.00 45.92 ? 2169 LEU A N   1 
ATOM   1263 C  CA  . LEU A 1 190 ? -27.516 7.473   -39.767 1.00 44.67 ? 2169 LEU A CA  1 
ATOM   1264 C  C   . LEU A 1 190 ? -27.122 7.620   -41.233 1.00 44.35 ? 2169 LEU A C   1 
ATOM   1265 O  O   . LEU A 1 190 ? -27.962 8.021   -42.046 1.00 43.84 ? 2169 LEU A O   1 
ATOM   1266 C  CB  . LEU A 1 190 ? -27.133 8.731   -38.971 1.00 45.50 ? 2169 LEU A CB  1 
ATOM   1267 C  CG  . LEU A 1 190 ? -27.861 9.104   -37.686 1.00 43.80 ? 2169 LEU A CG  1 
ATOM   1268 C  CD1 . LEU A 1 190 ? -27.132 10.319  -37.115 1.00 46.46 ? 2169 LEU A CD1 1 
ATOM   1269 C  CD2 . LEU A 1 190 ? -29.350 9.418   -37.907 1.00 43.32 ? 2169 LEU A CD2 1 
ATOM   1270 N  N   . GLU A 1 191 ? -25.876 7.270   -41.582 1.00 44.19 ? 2170 GLU A N   1 
ATOM   1271 C  CA  . GLU A 1 191 ? -25.425 7.246   -42.998 1.00 44.68 ? 2170 GLU A CA  1 
ATOM   1272 C  C   . GLU A 1 191 ? -26.299 6.302   -43.876 1.00 45.05 ? 2170 GLU A C   1 
ATOM   1273 O  O   . GLU A 1 191 ? -26.667 6.657   -44.997 1.00 45.21 ? 2170 GLU A O   1 
ATOM   1274 C  CB  . GLU A 1 191 ? -23.905 6.964   -43.114 1.00 43.70 ? 2170 GLU A CB  1 
ATOM   1275 N  N   . HIS A 1 192 ? -26.688 5.137   -43.364 1.00 46.01 ? 2171 HIS A N   1 
ATOM   1276 C  CA  . HIS A 1 192 ? -27.751 4.333   -44.013 1.00 46.65 ? 2171 HIS A CA  1 
ATOM   1277 C  C   . HIS A 1 192 ? -29.201 4.531   -43.474 1.00 47.05 ? 2171 HIS A C   1 
ATOM   1278 O  O   . HIS A 1 192 ? -29.766 5.636   -43.361 1.00 46.80 ? 2171 HIS A O   1 
ATOM   1279 C  CB  . HIS A 1 192 ? -27.380 2.837   -43.953 1.00 47.25 ? 2171 HIS A CB  1 
HETATM 1280 O  O   . HOH B 2 .   ? -5.052  -1.204  4.473   1.00 22.32 ? 1    HOH A O   1 
HETATM 1281 O  O   . HOH B 2 .   ? -5.671  13.785  -8.279  1.00 24.22 ? 2    HOH A O   1 
HETATM 1282 O  O   . HOH B 2 .   ? 21.138  -11.245 21.829  1.00 39.92 ? 3    HOH A O   1 
HETATM 1283 O  O   . HOH B 2 .   ? 10.949  -8.914  9.252   1.00 25.73 ? 4    HOH A O   1 
HETATM 1284 O  O   . HOH B 2 .   ? -0.457  -3.361  13.841  1.00 22.06 ? 5    HOH A O   1 
HETATM 1285 O  O   . HOH B 2 .   ? -8.623  3.084   1.597   1.00 22.61 ? 6    HOH A O   1 
HETATM 1286 O  O   . HOH B 2 .   ? 10.085  -10.908 3.227   1.00 31.38 ? 7    HOH A O   1 
HETATM 1287 O  O   . HOH B 2 .   ? 22.854  -6.897  13.546  1.00 51.77 ? 8    HOH A O   1 
HETATM 1288 O  O   . HOH B 2 .   ? -10.992 18.372  -2.177  1.00 40.57 ? 9    HOH A O   1 
HETATM 1289 O  O   . HOH B 2 .   ? 9.157   0.287   -5.032  1.00 30.38 ? 10   HOH A O   1 
HETATM 1290 O  O   . HOH B 2 .   ? 11.159  -6.640  0.790   1.00 25.79 ? 11   HOH A O   1 
HETATM 1291 O  O   . HOH B 2 .   ? -15.147 -4.256  -8.902  1.00 49.36 ? 12   HOH A O   1 
HETATM 1292 O  O   . HOH B 2 .   ? -4.064  14.541  3.472   1.00 34.36 ? 13   HOH A O   1 
HETATM 1293 O  O   . HOH B 2 .   ? 15.168  -11.925 12.146  1.00 29.47 ? 14   HOH A O   1 
HETATM 1294 O  O   . HOH B 2 .   ? 9.685   -4.624  -3.736  1.00 31.89 ? 15   HOH A O   1 
HETATM 1295 O  O   . HOH B 2 .   ? 15.642  -6.191  3.386   0.50 21.27 ? 16   HOH A O   1 
HETATM 1296 O  O   . HOH B 2 .   ? -9.714  2.979   -10.588 1.00 28.29 ? 17   HOH A O   1 
HETATM 1297 O  O   . HOH B 2 .   ? 19.997  -5.494  7.415   1.00 46.29 ? 18   HOH A O   1 
HETATM 1298 O  O   . HOH B 2 .   ? 4.301   -5.316  22.912  1.00 29.29 ? 19   HOH A O   1 
HETATM 1299 O  O   . HOH B 2 .   ? -9.516  0.644   1.546   1.00 35.04 ? 20   HOH A O   1 
HETATM 1300 O  O   . HOH B 2 .   ? -11.456 7.522   -1.940  1.00 27.54 ? 21   HOH A O   1 
HETATM 1301 O  O   . HOH B 2 .   ? 3.521   6.232   -12.342 1.00 33.24 ? 22   HOH A O   1 
HETATM 1302 O  O   . HOH B 2 .   ? -12.146 6.828   -9.412  1.00 31.18 ? 23   HOH A O   1 
HETATM 1303 O  O   . HOH B 2 .   ? -7.204  0.038   5.241   1.00 31.27 ? 24   HOH A O   1 
HETATM 1304 O  O   . HOH B 2 .   ? 15.824  -1.123  6.634   1.00 35.40 ? 25   HOH A O   1 
HETATM 1305 O  O   . HOH B 2 .   ? -2.073  -1.855  15.698  1.00 39.05 ? 26   HOH A O   1 
HETATM 1306 O  O   . HOH B 2 .   ? 14.342  -10.104 20.913  1.00 40.23 ? 27   HOH A O   1 
HETATM 1307 O  O   . HOH B 2 .   ? -5.103  10.578  -16.757 1.00 47.07 ? 28   HOH A O   1 
HETATM 1308 O  O   . HOH B 2 .   ? -1.500  -3.935  20.251  1.00 35.21 ? 29   HOH A O   1 
HETATM 1309 O  O   . HOH B 2 .   ? 15.330  2.768   9.574   1.00 44.33 ? 30   HOH A O   1 
HETATM 1310 O  O   . HOH B 2 .   ? 13.659  -12.861 13.817  1.00 31.99 ? 31   HOH A O   1 
HETATM 1311 O  O   . HOH B 2 .   ? 15.464  3.409   6.421   1.00 54.70 ? 32   HOH A O   1 
HETATM 1312 O  O   . HOH B 2 .   ? -3.708  12.566  -14.838 1.00 29.63 ? 33   HOH A O   1 
HETATM 1313 O  O   . HOH B 2 .   ? -2.601  1.222   12.860  1.00 39.60 ? 34   HOH A O   1 
HETATM 1314 O  O   . HOH B 2 .   ? 15.851  -0.419  11.624  1.00 36.29 ? 35   HOH A O   1 
HETATM 1315 O  O   . HOH B 2 .   ? -13.263 12.802  -12.110 1.00 54.79 ? 36   HOH A O   1 
HETATM 1316 O  O   . HOH B 2 .   ? -14.246 10.036  -15.824 1.00 45.01 ? 37   HOH A O   1 
HETATM 1317 O  O   . HOH B 2 .   ? 6.973   13.512  5.662   1.00 47.37 ? 38   HOH A O   1 
HETATM 1318 O  O   . HOH B 2 .   ? 3.126   10.911  10.559  1.00 39.47 ? 39   HOH A O   1 
HETATM 1319 O  O   . HOH B 2 .   ? -6.284  16.232  2.173   1.00 29.71 ? 40   HOH A O   1 
HETATM 1320 O  O   . HOH B 2 .   ? 4.205   -7.600  -14.783 1.00 47.75 ? 41   HOH A O   1 
HETATM 1321 O  O   . HOH B 2 .   ? -3.678  -13.477 21.132  1.00 74.82 ? 42   HOH A O   1 
HETATM 1322 O  O   . HOH B 2 .   ? -9.233  -5.813  -13.946 1.00 38.02 ? 43   HOH A O   1 
HETATM 1323 O  O   . HOH B 2 .   ? -17.020 -1.818  -18.944 1.00 41.55 ? 44   HOH A O   1 
HETATM 1324 O  O   . HOH B 2 .   ? 13.053  -6.382  2.943   1.00 35.40 ? 45   HOH A O   1 
HETATM 1325 O  O   . HOH B 2 .   ? 12.010  -8.506  3.582   1.00 31.23 ? 46   HOH A O   1 
HETATM 1326 O  O   . HOH B 2 .   ? 8.348   -15.393 7.097   1.00 41.60 ? 47   HOH A O   1 
HETATM 1327 O  O   . HOH B 2 .   ? 12.120  -12.310 5.987   1.00 39.62 ? 48   HOH A O   1 
HETATM 1328 O  O   . HOH B 2 .   ? 12.784  -10.409 7.920   1.00 40.48 ? 49   HOH A O   1 
HETATM 1329 O  O   . HOH B 2 .   ? 15.502  -11.376 9.497   1.00 36.70 ? 50   HOH A O   1 
HETATM 1330 O  O   . HOH B 2 .   ? 5.921   -10.754 -13.965 1.00 35.87 ? 51   HOH A O   1 
HETATM 1331 O  O   . HOH B 2 .   ? 11.036  -9.239  0.569   1.00 39.22 ? 52   HOH A O   1 
HETATM 1332 O  O   . HOH B 2 .   ? 12.247  -10.254 2.209   0.50 26.58 ? 53   HOH A O   1 
HETATM 1333 O  O   . HOH B 2 .   ? 6.611   0.605   -9.190  1.00 35.94 ? 54   HOH A O   1 
HETATM 1334 O  O   . HOH B 2 .   ? 10.667  1.611   -5.762  1.00 47.77 ? 55   HOH A O   1 
HETATM 1335 O  O   . HOH B 2 .   ? 4.155   5.929   13.114  1.00 43.52 ? 56   HOH A O   1 
HETATM 1336 O  O   . HOH B 2 .   ? 3.576   8.519   12.469  1.00 54.71 ? 57   HOH A O   1 
HETATM 1337 O  O   . HOH B 2 .   ? 2.163   1.698   18.918  1.00 43.04 ? 58   HOH A O   1 
HETATM 1338 O  O   . HOH B 2 .   ? -3.313  5.082   8.932   1.00 34.20 ? 59   HOH A O   1 
HETATM 1339 O  O   . HOH B 2 .   ? -4.260  12.092  4.858   1.00 38.18 ? 60   HOH A O   1 
HETATM 1340 O  O   . HOH B 2 .   ? -7.395  13.615  6.011   1.00 44.81 ? 61   HOH A O   1 
HETATM 1341 O  O   . HOH B 2 .   ? -16.307 9.668   -1.978  1.00 58.15 ? 62   HOH A O   1 
HETATM 1342 O  O   . HOH B 2 .   ? -6.835  9.821   -15.163 1.00 40.15 ? 63   HOH A O   1 
HETATM 1343 O  O   . HOH B 2 .   ? -12.499 9.248   -8.966  1.00 32.85 ? 64   HOH A O   1 
HETATM 1344 O  O   . HOH B 2 .   ? -13.892 8.041   -12.508 1.00 50.32 ? 65   HOH A O   1 
HETATM 1345 O  O   . HOH B 2 .   ? -12.595 5.230   -12.928 1.00 48.52 ? 66   HOH A O   1 
HETATM 1346 O  O   . HOH B 2 .   ? 15.930  6.759   13.179  1.00 65.59 ? 67   HOH A O   1 
HETATM 1347 O  O   . HOH B 2 .   ? 6.446   4.917   13.550  1.00 43.88 ? 68   HOH A O   1 
HETATM 1348 O  O   . HOH B 2 .   ? 7.098   7.095   16.426  1.00 42.87 ? 69   HOH A O   1 
HETATM 1349 O  O   . HOH B 2 .   ? 10.864  7.886   5.847   1.00 37.00 ? 70   HOH A O   1 
HETATM 1350 O  O   . HOH B 2 .   ? 11.898  6.654   3.774   1.00 41.37 ? 71   HOH A O   1 
HETATM 1351 O  O   . HOH B 2 .   ? -2.759  1.965   -17.732 1.00 48.58 ? 72   HOH A O   1 
HETATM 1352 O  O   . HOH B 2 .   ? -2.915  -1.194  -16.508 1.00 39.07 ? 73   HOH A O   1 
HETATM 1353 O  O   . HOH B 2 .   ? -4.762  -2.098  -15.183 1.00 38.69 ? 74   HOH A O   1 
HETATM 1354 O  O   . HOH B 2 .   ? 8.539   -12.948 1.275   1.00 42.26 ? 75   HOH A O   1 
HETATM 1355 O  O   . HOH B 2 .   ? 13.308  3.732   4.184   1.00 72.45 ? 76   HOH A O   1 
# 
